data_6Y5I
#
_entry.id   6Y5I
#
_cell.length_a   1.00
_cell.length_b   1.00
_cell.length_c   1.00
_cell.angle_alpha   90.00
_cell.angle_beta   90.00
_cell.angle_gamma   90.00
#
_symmetry.space_group_name_H-M   'P 1'
#
loop_
_entity.id
_entity.type
_entity.pdbx_description
1 polymer 'X-31 Influenza Haemagglutinin HA1'
2 polymer 'X-31 Influenza Haemagglutinin HA2'
3 branched beta-D-mannopyranose-(1-4)-2-acetamido-2-deoxy-beta-D-glucopyranose-(1-4)-2-acetamido-2-deoxy-beta-D-glucopyranose
4 branched 2-acetamido-2-deoxy-beta-D-glucopyranose-(1-4)-2-acetamido-2-deoxy-beta-D-glucopyranose
5 non-polymer 2-acetamido-2-deoxy-beta-D-glucopyranose
#
loop_
_entity_poly.entity_id
_entity_poly.type
_entity_poly.pdbx_seq_one_letter_code
_entity_poly.pdbx_strand_id
1 'polypeptide(L)'
;NSTATLCLGHHAVPNGTLVKTITDDQIEVTNATELVQSSSTGKICNNPHRILDGIDCTLIDALLGDPHCDVFQNETWDLF
VERSKAFSNCYPYDVPDYASLRSLVASSGTLEFITEGFTWTGVTQNGGSNACKRGPGSGFFSRLNWLTKSGSTYPVLNVT
MPNNDNFDKLYIWGIHHPSTNQEQTSLYVQASGRVTVSTRRSQQTIIPNIGSRPWVRGLSSRISIYWTIVKPGDVLVINS
NGNLIAPRGYFKMRTGKSSIMRSDAPIDTCISECITPNGSIPNDKPFQNVNKITYGACPKYVKQNTLKLATGMRNVPE
;
A,E,C
2 'polypeptide(L)'
;GLFGAIAGFIENGWEGMIDGWYGFRHQNSEGTGQAADLKSTQAAIDQINGKLNRVIEKTNEKFHQIEKEFSEVEGRIQDL
EKYVEDTKIDLWSYNAELLVALENQHTIDLTDSEMNKLFEKTRRQLRENAEEMGNGCFKIYHKCDNACIESIRNGTYDHD
VYRDEALNNRFQ
;
B,D,F
#
loop_
_chem_comp.id
_chem_comp.type
_chem_comp.name
_chem_comp.formula
BMA D-saccharide, beta linking beta-D-mannopyranose 'C6 H12 O6'
NAG D-saccharide, beta linking 2-acetamido-2-deoxy-beta-D-glucopyranose 'C8 H15 N O6'
#
# COMPACT_ATOMS: atom_id res chain seq x y z
N ASN A 1 -37.36 -60.52 -10.89
CA ASN A 1 -37.60 -59.11 -10.61
C ASN A 1 -38.05 -58.37 -11.86
N SER A 2 -39.02 -57.47 -11.71
CA SER A 2 -39.57 -56.70 -12.81
C SER A 2 -39.27 -55.21 -12.68
N THR A 3 -38.22 -54.85 -11.94
CA THR A 3 -37.81 -53.47 -11.77
C THR A 3 -36.31 -53.33 -12.03
N ALA A 4 -35.76 -52.15 -11.76
CA ALA A 4 -34.33 -51.91 -11.89
C ALA A 4 -33.95 -50.77 -10.95
N THR A 5 -32.65 -50.47 -10.92
CA THR A 5 -32.14 -49.38 -10.09
C THR A 5 -31.00 -48.68 -10.81
N LEU A 6 -30.84 -47.39 -10.54
CA LEU A 6 -29.80 -46.58 -11.17
C LEU A 6 -29.32 -45.57 -10.14
N CYS A 7 -28.12 -45.78 -9.60
CA CYS A 7 -27.56 -44.90 -8.59
C CYS A 7 -26.52 -43.97 -9.20
N LEU A 8 -26.43 -42.77 -8.63
CA LEU A 8 -25.47 -41.76 -9.04
C LEU A 8 -24.53 -41.43 -7.88
N GLY A 9 -23.32 -41.02 -8.22
CA GLY A 9 -22.34 -40.72 -7.19
C GLY A 9 -21.09 -40.10 -7.79
N HIS A 10 -20.13 -39.83 -6.91
CA HIS A 10 -18.87 -39.22 -7.29
C HIS A 10 -17.72 -40.03 -6.71
N HIS A 11 -16.49 -39.63 -7.04
CA HIS A 11 -15.31 -40.37 -6.62
C HIS A 11 -14.73 -39.80 -5.34
N ALA A 12 -13.87 -40.59 -4.69
CA ALA A 12 -13.18 -40.17 -3.49
C ALA A 12 -11.80 -40.81 -3.48
N VAL A 13 -10.90 -40.25 -2.68
CA VAL A 13 -9.55 -40.81 -2.57
C VAL A 13 -9.30 -41.15 -1.10
N PRO A 14 -8.41 -42.11 -0.84
CA PRO A 14 -8.17 -42.51 0.56
C PRO A 14 -7.55 -41.43 1.45
N ASN A 15 -6.42 -40.88 1.03
CA ASN A 15 -5.87 -39.65 1.60
C ASN A 15 -6.18 -38.44 0.73
N GLY A 16 -6.87 -37.46 1.29
CA GLY A 16 -7.09 -36.21 0.59
C GLY A 16 -6.20 -35.13 1.16
N THR A 17 -6.60 -33.86 1.02
CA THR A 17 -5.77 -32.74 1.45
C THR A 17 -6.63 -31.73 2.18
N LEU A 18 -6.08 -31.12 3.24
CA LEU A 18 -6.83 -30.15 4.02
C LEU A 18 -6.59 -28.76 3.45
N VAL A 19 -7.67 -28.03 3.19
CA VAL A 19 -7.62 -26.66 2.69
C VAL A 19 -8.50 -25.79 3.57
N LYS A 20 -8.32 -24.48 3.43
CA LYS A 20 -9.12 -23.51 4.17
C LYS A 20 -10.18 -22.91 3.25
N THR A 21 -11.35 -22.63 3.82
CA THR A 21 -12.44 -22.03 3.05
C THR A 21 -12.94 -20.75 3.70
N ILE A 22 -14.02 -20.18 3.17
CA ILE A 22 -14.60 -19.00 3.79
C ILE A 22 -15.27 -19.36 5.11
N THR A 23 -15.90 -20.54 5.17
CA THR A 23 -16.58 -20.98 6.38
C THR A 23 -15.64 -21.80 7.28
N ASP A 24 -15.13 -22.91 6.74
CA ASP A 24 -14.30 -23.82 7.51
C ASP A 24 -12.83 -23.41 7.40
N ASP A 25 -12.05 -23.88 8.38
CA ASP A 25 -10.61 -23.66 8.38
C ASP A 25 -9.84 -24.91 7.94
N GLN A 26 -10.44 -26.09 8.08
CA GLN A 26 -9.82 -27.34 7.66
C GLN A 26 -10.91 -28.22 7.05
N ILE A 27 -10.95 -28.27 5.73
CA ILE A 27 -11.89 -29.10 4.99
C ILE A 27 -11.11 -29.98 4.01
N GLU A 28 -11.50 -31.24 3.92
CA GLU A 28 -10.72 -32.26 3.23
C GLU A 28 -11.25 -32.43 1.81
N VAL A 29 -10.39 -32.15 0.83
CA VAL A 29 -10.73 -32.26 -0.58
C VAL A 29 -9.89 -33.40 -1.19
N THR A 30 -10.18 -33.72 -2.44
CA THR A 30 -9.49 -34.82 -3.11
C THR A 30 -8.11 -34.43 -3.62
N ASN A 31 -7.83 -33.14 -3.80
CA ASN A 31 -6.59 -32.71 -4.40
C ASN A 31 -6.37 -31.22 -4.14
N ALA A 32 -5.11 -30.83 -4.03
CA ALA A 32 -4.74 -29.44 -3.83
C ALA A 32 -3.35 -29.19 -4.38
N THR A 33 -3.08 -27.92 -4.70
CA THR A 33 -1.79 -27.50 -5.23
C THR A 33 -1.21 -26.39 -4.36
N GLU A 34 0.12 -26.31 -4.35
CA GLU A 34 0.81 -25.33 -3.51
C GLU A 34 1.02 -24.04 -4.29
N LEU A 35 0.97 -22.91 -3.58
CA LEU A 35 1.23 -21.59 -4.21
C LEU A 35 2.68 -21.15 -3.96
N VAL A 36 3.25 -21.47 -2.79
CA VAL A 36 4.62 -21.00 -2.44
C VAL A 36 5.69 -21.92 -3.05
N GLN A 37 6.92 -21.41 -3.21
CA GLN A 37 8.12 -22.24 -3.51
C GLN A 37 9.24 -21.87 -2.54
N SER A 38 9.69 -22.82 -1.72
CA SER A 38 10.56 -22.49 -0.55
C SER A 38 11.83 -23.33 -0.57
N SER A 39 12.54 -23.36 -1.70
CA SER A 39 13.80 -24.14 -1.81
C SER A 39 14.74 -23.46 -2.81
N SER A 40 16.04 -23.77 -2.74
CA SER A 40 16.99 -23.26 -3.71
C SER A 40 18.02 -24.32 -4.04
N THR A 41 18.62 -24.21 -5.22
CA THR A 41 19.60 -25.19 -5.66
C THR A 41 20.95 -24.98 -4.98
N GLY A 42 21.32 -23.73 -4.70
CA GLY A 42 22.56 -23.41 -4.03
C GLY A 42 23.61 -22.77 -4.90
N LYS A 43 23.41 -22.76 -6.22
CA LYS A 43 24.37 -22.20 -7.15
C LYS A 43 23.68 -21.13 -8.00
N ILE A 44 24.50 -20.24 -8.57
CA ILE A 44 24.03 -19.16 -9.43
C ILE A 44 24.37 -19.51 -10.86
N CYS A 45 23.34 -19.80 -11.66
CA CYS A 45 23.54 -20.13 -13.06
C CYS A 45 23.92 -18.88 -13.85
N ASN A 46 24.83 -19.04 -14.82
CA ASN A 46 25.32 -17.92 -15.60
C ASN A 46 24.69 -17.86 -16.98
N ASN A 47 23.42 -18.23 -17.10
CA ASN A 47 22.68 -18.15 -18.35
C ASN A 47 21.22 -17.95 -18.01
N PRO A 48 20.49 -17.10 -18.75
CA PRO A 48 21.02 -16.32 -19.88
C PRO A 48 21.51 -14.93 -19.48
N HIS A 49 21.65 -14.70 -18.18
CA HIS A 49 22.19 -13.44 -17.69
C HIS A 49 23.72 -13.47 -17.70
N ARG A 50 24.31 -12.28 -17.73
CA ARG A 50 25.77 -12.12 -17.73
C ARG A 50 26.20 -11.75 -16.32
N ILE A 51 26.73 -12.72 -15.60
CA ILE A 51 27.12 -12.55 -14.20
C ILE A 51 28.61 -12.27 -14.12
N LEU A 52 28.98 -11.29 -13.29
CA LEU A 52 30.37 -10.95 -13.04
C LEU A 52 30.68 -11.23 -11.58
N ASP A 53 31.75 -11.97 -11.33
CA ASP A 53 32.11 -12.42 -9.99
C ASP A 53 33.18 -11.49 -9.42
N GLY A 54 32.78 -10.63 -8.50
CA GLY A 54 33.71 -9.73 -7.83
C GLY A 54 34.42 -10.42 -6.69
N ILE A 55 35.44 -11.22 -7.01
CA ILE A 55 36.00 -12.16 -6.04
C ILE A 55 36.50 -11.42 -4.80
N ASP A 56 37.50 -10.55 -4.95
CA ASP A 56 38.09 -9.85 -3.83
C ASP A 56 37.98 -8.34 -3.96
N CYS A 57 37.10 -7.85 -4.83
CA CYS A 57 36.97 -6.42 -5.09
C CYS A 57 35.53 -5.99 -4.96
N THR A 58 35.31 -4.79 -4.43
CA THR A 58 34.00 -4.16 -4.47
C THR A 58 33.82 -3.40 -5.77
N LEU A 59 32.67 -2.75 -5.93
CA LEU A 59 32.40 -1.99 -7.14
C LEU A 59 33.19 -0.69 -7.17
N ILE A 60 33.32 -0.02 -6.02
CA ILE A 60 33.97 1.29 -5.99
C ILE A 60 35.48 1.14 -6.19
N ASP A 61 36.07 0.08 -5.64
CA ASP A 61 37.50 -0.14 -5.83
C ASP A 61 37.81 -0.55 -7.28
N ALA A 62 36.90 -1.31 -7.89
CA ALA A 62 37.07 -1.64 -9.31
C ALA A 62 36.80 -0.43 -10.20
N LEU A 63 36.06 0.56 -9.69
CA LEU A 63 35.86 1.81 -10.43
C LEU A 63 37.10 2.69 -10.35
N LEU A 64 37.64 2.87 -9.15
CA LEU A 64 38.78 3.77 -8.96
C LEU A 64 40.05 3.22 -9.57
N GLY A 65 40.22 1.90 -9.61
CA GLY A 65 41.43 1.33 -10.16
C GLY A 65 42.42 0.80 -9.13
N ASP A 66 41.91 0.09 -8.13
CA ASP A 66 42.78 -0.53 -7.14
C ASP A 66 43.75 -1.49 -7.84
N PRO A 67 45.02 -1.56 -7.38
CA PRO A 67 46.02 -2.37 -8.10
C PRO A 67 45.74 -3.86 -8.09
N HIS A 68 44.93 -4.36 -7.15
CA HIS A 68 44.53 -5.76 -7.16
C HIS A 68 43.17 -5.97 -7.80
N CYS A 69 42.64 -4.95 -8.49
CA CYS A 69 41.41 -5.04 -9.25
C CYS A 69 41.63 -4.57 -10.68
N ASP A 70 42.87 -4.69 -11.19
CA ASP A 70 43.18 -4.25 -12.54
C ASP A 70 42.66 -5.21 -13.60
N VAL A 71 42.19 -6.40 -13.20
CA VAL A 71 41.50 -7.27 -14.13
C VAL A 71 40.08 -6.78 -14.40
N PHE A 72 39.57 -5.83 -13.62
CA PHE A 72 38.18 -5.37 -13.86
C PHE A 72 38.13 -4.09 -14.71
N GLN A 73 39.09 -3.86 -15.60
CA GLN A 73 38.98 -2.66 -16.48
C GLN A 73 38.01 -2.93 -17.65
N ASN A 74 37.07 -2.02 -17.90
CA ASN A 74 36.06 -2.19 -18.99
C ASN A 74 35.33 -3.51 -18.81
N GLU A 75 34.95 -3.84 -17.59
CA GLU A 75 34.08 -5.02 -17.38
C GLU A 75 32.66 -4.61 -17.72
N THR A 76 31.96 -5.41 -18.52
CA THR A 76 30.53 -5.14 -18.80
C THR A 76 29.74 -6.21 -18.08
N TRP A 77 28.83 -5.80 -17.19
CA TRP A 77 28.07 -6.80 -16.40
C TRP A 77 26.58 -6.65 -16.68
N ASP A 78 25.85 -7.72 -16.46
CA ASP A 78 24.40 -7.65 -16.28
C ASP A 78 23.98 -7.79 -14.82
N LEU A 79 24.75 -8.50 -13.99
CA LEU A 79 24.53 -8.50 -12.55
C LEU A 79 25.87 -8.65 -11.86
N PHE A 80 26.24 -7.66 -11.03
CA PHE A 80 27.47 -7.70 -10.26
C PHE A 80 27.24 -8.44 -8.95
N VAL A 81 28.11 -9.40 -8.65
CA VAL A 81 28.04 -10.19 -7.43
C VAL A 81 29.19 -9.77 -6.53
N GLU A 82 28.85 -9.28 -5.33
CA GLU A 82 29.83 -8.80 -4.38
C GLU A 82 30.01 -9.81 -3.25
N ARG A 83 31.25 -10.21 -3.01
CA ARG A 83 31.56 -11.15 -1.95
C ARG A 83 31.89 -10.41 -0.65
N SER A 84 31.83 -11.15 0.45
CA SER A 84 32.11 -10.59 1.77
C SER A 84 33.59 -10.59 2.12
N LYS A 85 34.39 -11.39 1.42
CA LYS A 85 35.84 -11.44 1.63
C LYS A 85 36.58 -10.29 0.94
N ALA A 86 35.87 -9.26 0.50
CA ALA A 86 36.51 -8.16 -0.23
C ALA A 86 37.20 -7.21 0.74
N PHE A 87 38.29 -6.62 0.27
CA PHE A 87 39.07 -5.68 1.07
C PHE A 87 39.75 -4.68 0.14
N SER A 88 40.30 -3.64 0.73
CA SER A 88 41.02 -2.60 -0.01
C SER A 88 42.49 -2.61 0.37
N ASN A 89 43.35 -2.37 -0.62
CA ASN A 89 44.80 -2.41 -0.42
C ASN A 89 45.45 -1.24 -1.14
N CYS A 90 44.89 -0.05 -0.97
CA CYS A 90 45.45 1.16 -1.58
C CYS A 90 45.32 2.30 -0.58
N TYR A 91 45.48 3.53 -1.07
CA TYR A 91 45.37 4.71 -0.22
C TYR A 91 44.00 4.74 0.47
N PRO A 92 43.96 4.93 1.79
CA PRO A 92 42.66 4.97 2.48
C PRO A 92 41.84 6.16 1.99
N TYR A 93 40.56 5.91 1.71
CA TYR A 93 39.71 6.91 1.10
C TYR A 93 38.35 6.91 1.79
N ASP A 94 37.46 7.76 1.30
CA ASP A 94 36.16 7.99 1.90
C ASP A 94 35.24 8.58 0.84
N VAL A 95 33.99 8.14 0.83
CA VAL A 95 33.01 8.63 -0.14
C VAL A 95 31.79 9.20 0.59
N PRO A 96 31.55 10.50 0.54
CA PRO A 96 30.25 11.03 0.98
C PRO A 96 29.14 10.61 0.02
N ASP A 97 28.04 10.13 0.57
CA ASP A 97 26.94 9.55 -0.20
C ASP A 97 27.42 8.32 -0.98
N TYR A 98 27.91 7.33 -0.23
CA TYR A 98 28.47 6.14 -0.85
C TYR A 98 27.39 5.32 -1.54
N ALA A 99 26.22 5.17 -0.91
CA ALA A 99 25.17 4.34 -1.49
C ALA A 99 24.67 4.92 -2.81
N SER A 100 24.62 6.26 -2.91
CA SER A 100 24.16 6.89 -4.14
C SER A 100 25.08 6.56 -5.30
N LEU A 101 26.39 6.68 -5.09
CA LEU A 101 27.34 6.37 -6.16
C LEU A 101 27.34 4.88 -6.48
N ARG A 102 27.24 4.04 -5.45
CA ARG A 102 27.21 2.59 -5.67
C ARG A 102 26.00 2.19 -6.50
N SER A 103 24.84 2.78 -6.22
CA SER A 103 23.63 2.44 -6.97
C SER A 103 23.64 3.10 -8.35
N LEU A 104 24.34 4.23 -8.50
CA LEU A 104 24.44 4.87 -9.80
C LEU A 104 25.32 4.07 -10.74
N VAL A 105 26.42 3.52 -10.22
CA VAL A 105 27.34 2.76 -11.07
C VAL A 105 26.86 1.32 -11.25
N ALA A 106 26.17 0.76 -10.24
CA ALA A 106 25.67 -0.60 -10.36
C ALA A 106 24.62 -0.71 -11.44
N SER A 107 23.72 0.26 -11.53
CA SER A 107 22.64 0.23 -12.51
C SER A 107 23.07 0.72 -13.89
N SER A 108 24.31 1.17 -14.05
CA SER A 108 24.77 1.61 -15.36
C SER A 108 25.25 0.43 -16.20
N GLY A 109 25.99 -0.49 -15.61
CA GLY A 109 26.33 -1.74 -16.27
C GLY A 109 27.64 -1.74 -17.02
N THR A 110 28.43 -0.69 -16.92
CA THR A 110 29.69 -0.60 -17.65
C THR A 110 30.76 0.06 -16.78
N LEU A 111 32.01 -0.34 -17.00
CA LEU A 111 33.17 0.36 -16.46
C LEU A 111 34.03 0.91 -17.58
N GLU A 112 33.41 1.25 -18.71
CA GLU A 112 34.15 1.74 -19.86
C GLU A 112 34.67 3.14 -19.60
N PHE A 113 35.99 3.32 -19.71
CA PHE A 113 36.67 4.55 -19.32
C PHE A 113 37.39 5.12 -20.52
N ILE A 114 36.97 6.31 -20.95
CA ILE A 114 37.62 7.02 -22.04
C ILE A 114 38.57 8.03 -21.42
N THR A 115 39.85 7.93 -21.76
CA THR A 115 40.85 8.85 -21.23
C THR A 115 40.84 10.15 -22.02
N GLU A 116 41.03 11.27 -21.33
CA GLU A 116 41.02 12.58 -21.94
C GLU A 116 42.31 13.31 -21.61
N GLY A 117 42.68 14.24 -22.49
CA GLY A 117 43.90 15.00 -22.30
C GLY A 117 43.68 16.31 -21.58
N PHE A 118 43.89 16.30 -20.27
CA PHE A 118 43.90 17.51 -19.48
C PHE A 118 45.30 18.11 -19.48
N THR A 119 45.36 19.45 -19.37
CA THR A 119 46.62 20.17 -19.35
C THR A 119 46.78 20.84 -17.99
N TRP A 120 47.64 20.28 -17.16
CA TRP A 120 47.98 20.85 -15.85
C TRP A 120 49.39 21.41 -15.93
N THR A 121 49.49 22.73 -16.07
CA THR A 121 50.77 23.41 -16.21
C THR A 121 51.14 24.07 -14.88
N GLY A 122 52.38 23.83 -14.43
CA GLY A 122 52.86 24.37 -13.18
C GLY A 122 52.88 23.41 -12.01
N VAL A 123 52.51 22.15 -12.23
CA VAL A 123 52.45 21.14 -11.16
C VAL A 123 53.14 19.87 -11.64
N THR A 124 53.37 18.97 -10.70
CA THR A 124 53.96 17.66 -10.98
C THR A 124 52.86 16.61 -10.95
N GLN A 125 52.83 15.77 -11.98
CA GLN A 125 51.78 14.77 -12.16
C GLN A 125 52.26 13.39 -11.69
N ASN A 126 51.30 12.47 -11.64
CA ASN A 126 51.56 11.05 -11.35
C ASN A 126 52.19 10.87 -9.98
N GLY A 127 51.50 11.39 -8.96
CA GLY A 127 51.93 11.16 -7.60
C GLY A 127 51.70 9.73 -7.16
N GLY A 128 52.55 9.26 -6.25
CA GLY A 128 52.53 7.89 -5.81
C GLY A 128 52.44 7.79 -4.30
N SER A 129 52.32 6.54 -3.83
CA SER A 129 52.20 6.26 -2.40
C SER A 129 52.78 4.89 -2.14
N ASN A 130 53.30 4.70 -0.92
CA ASN A 130 53.86 3.41 -0.54
C ASN A 130 52.81 2.49 0.07
N ALA A 131 51.56 2.92 0.17
CA ALA A 131 50.49 2.06 0.62
C ALA A 131 49.73 1.45 -0.55
N CYS A 132 50.08 1.80 -1.78
CA CYS A 132 49.35 1.32 -2.95
C CYS A 132 50.31 0.80 -4.01
N LYS A 133 51.22 -0.08 -3.60
CA LYS A 133 52.24 -0.62 -4.50
C LYS A 133 51.61 -1.36 -5.66
N ARG A 134 51.90 -0.89 -6.88
CA ARG A 134 51.53 -1.56 -8.12
C ARG A 134 52.83 -2.12 -8.71
N GLY A 135 53.13 -3.36 -8.32
CA GLY A 135 54.36 -4.02 -8.68
C GLY A 135 55.40 -3.95 -7.58
N PRO A 136 56.66 -3.67 -7.93
CA PRO A 136 57.70 -3.51 -6.92
C PRO A 136 57.89 -2.10 -6.40
N GLY A 137 57.28 -1.09 -7.02
CA GLY A 137 57.44 0.28 -6.62
C GLY A 137 56.14 0.89 -6.13
N SER A 138 56.23 2.16 -5.75
CA SER A 138 55.05 2.87 -5.27
C SER A 138 54.05 3.09 -6.40
N GLY A 139 52.80 3.34 -6.01
CA GLY A 139 51.76 3.52 -7.00
C GLY A 139 50.59 4.28 -6.43
N PHE A 140 49.49 4.26 -7.18
CA PHE A 140 48.27 4.98 -6.83
C PHE A 140 47.12 4.35 -7.63
N PHE A 141 45.93 4.93 -7.47
CA PHE A 141 44.81 4.55 -8.32
C PHE A 141 45.15 4.85 -9.78
N SER A 142 44.60 4.03 -10.68
CA SER A 142 44.92 4.12 -12.09
C SER A 142 44.00 5.08 -12.84
N ARG A 143 42.94 5.57 -12.21
CA ARG A 143 42.01 6.49 -12.85
C ARG A 143 42.09 7.90 -12.28
N LEU A 144 43.03 8.17 -11.37
CA LEU A 144 43.16 9.46 -10.72
C LEU A 144 44.59 9.95 -10.83
N ASN A 145 44.77 11.26 -10.65
CA ASN A 145 46.05 11.93 -10.85
C ASN A 145 46.32 12.80 -9.64
N TRP A 146 47.39 12.49 -8.90
CA TRP A 146 47.74 13.22 -7.69
C TRP A 146 48.76 14.29 -8.05
N LEU A 147 48.32 15.55 -8.04
CA LEU A 147 49.16 16.68 -8.40
C LEU A 147 49.72 17.35 -7.14
N THR A 148 51.01 17.67 -7.18
CA THR A 148 51.70 18.35 -6.10
C THR A 148 52.48 19.52 -6.68
N LYS A 149 53.16 20.26 -5.80
CA LYS A 149 53.86 21.46 -6.23
C LYS A 149 55.06 21.09 -7.10
N SER A 150 55.40 21.99 -8.02
CA SER A 150 56.48 21.78 -8.98
C SER A 150 57.64 22.71 -8.60
N GLY A 151 58.56 22.16 -7.81
CA GLY A 151 59.73 22.90 -7.36
C GLY A 151 59.49 23.76 -6.13
N SER A 152 58.87 24.93 -6.31
CA SER A 152 58.67 25.84 -5.19
C SER A 152 57.33 26.56 -5.20
N THR A 153 56.43 26.27 -6.14
CA THR A 153 55.18 27.00 -6.26
C THR A 153 54.08 26.04 -6.70
N TYR A 154 52.84 26.48 -6.48
CA TYR A 154 51.65 25.71 -6.88
C TYR A 154 50.64 26.72 -7.38
N PRO A 155 50.59 26.94 -8.69
CA PRO A 155 49.70 27.98 -9.24
C PRO A 155 48.23 27.59 -9.15
N VAL A 156 47.35 28.52 -9.51
CA VAL A 156 45.91 28.28 -9.46
C VAL A 156 45.50 27.54 -10.74
N LEU A 157 45.16 26.26 -10.58
CA LEU A 157 44.66 25.41 -11.70
C LEU A 157 43.31 25.95 -12.19
N ASN A 158 43.07 25.89 -13.50
CA ASN A 158 41.80 26.39 -14.09
C ASN A 158 41.57 25.69 -15.44
N VAL A 159 41.10 24.43 -15.40
CA VAL A 159 40.94 23.65 -16.67
C VAL A 159 39.48 23.68 -17.11
N THR A 160 39.26 23.48 -18.41
CA THR A 160 37.94 23.37 -19.00
C THR A 160 37.84 22.11 -19.87
N MET A 161 36.61 21.62 -20.02
CA MET A 161 36.33 20.45 -20.85
C MET A 161 34.91 20.48 -21.37
N PRO A 162 34.72 20.60 -22.68
CA PRO A 162 33.37 20.64 -23.24
C PRO A 162 32.88 19.25 -23.62
N ASN A 163 31.56 19.13 -23.69
CA ASN A 163 30.91 17.87 -24.04
C ASN A 163 30.19 18.07 -25.37
N ASN A 164 30.80 17.58 -26.46
CA ASN A 164 30.23 17.70 -27.79
C ASN A 164 29.58 16.41 -28.27
N ASP A 165 29.61 15.35 -27.47
CA ASP A 165 29.04 14.07 -27.88
C ASP A 165 27.54 14.09 -27.64
N ASN A 166 26.91 12.90 -27.71
CA ASN A 166 25.47 12.78 -27.52
C ASN A 166 25.13 11.81 -26.39
N PHE A 167 26.00 11.71 -25.39
CA PHE A 167 25.75 10.91 -24.21
C PHE A 167 26.26 11.64 -22.99
N ASP A 168 25.89 11.14 -21.82
CA ASP A 168 26.32 11.75 -20.56
C ASP A 168 27.71 11.25 -20.19
N LYS A 169 28.44 12.10 -19.48
CA LYS A 169 29.80 11.79 -19.05
C LYS A 169 29.87 11.85 -17.52
N LEU A 170 30.52 10.85 -16.93
CA LEU A 170 30.69 10.76 -15.49
C LEU A 170 32.15 10.99 -15.14
N TYR A 171 32.43 12.04 -14.38
CA TYR A 171 33.77 12.38 -13.94
C TYR A 171 33.90 12.08 -12.45
N ILE A 172 35.00 11.44 -12.08
CA ILE A 172 35.28 11.09 -10.69
C ILE A 172 36.54 11.83 -10.26
N TRP A 173 36.44 12.63 -9.21
CA TRP A 173 37.57 13.39 -8.70
C TRP A 173 37.60 13.25 -7.18
N GLY A 174 38.58 13.91 -6.55
CA GLY A 174 38.70 13.80 -5.11
C GLY A 174 39.47 14.95 -4.53
N ILE A 175 39.55 14.94 -3.20
CA ILE A 175 40.30 15.93 -2.43
C ILE A 175 41.10 15.22 -1.36
N HIS A 176 42.29 15.75 -1.07
CA HIS A 176 43.24 15.12 -0.16
C HIS A 176 43.22 15.83 1.18
N HIS A 177 42.92 15.09 2.25
CA HIS A 177 42.96 15.63 3.59
C HIS A 177 44.28 15.23 4.24
N PRO A 178 45.20 16.18 4.47
CA PRO A 178 46.50 15.82 5.06
C PRO A 178 46.42 15.52 6.55
N SER A 179 47.56 15.19 7.15
CA SER A 179 47.62 14.77 8.54
C SER A 179 48.08 15.88 9.48
N THR A 180 49.10 16.64 9.10
CA THR A 180 49.63 17.73 9.90
C THR A 180 49.62 19.01 9.09
N ASN A 181 49.99 20.12 9.73
CA ASN A 181 50.10 21.40 9.06
C ASN A 181 51.45 21.61 8.41
N GLN A 182 52.38 20.67 8.57
CA GLN A 182 53.68 20.75 7.91
C GLN A 182 53.68 20.05 6.56
N GLU A 183 52.97 18.94 6.42
CA GLU A 183 52.89 18.24 5.15
C GLU A 183 51.94 18.91 4.17
N GLN A 184 51.07 19.80 4.65
CA GLN A 184 50.25 20.59 3.75
C GLN A 184 51.10 21.56 2.94
N THR A 185 51.93 22.36 3.61
CA THR A 185 52.76 23.35 2.95
C THR A 185 53.97 22.75 2.26
N SER A 186 54.27 21.47 2.47
CA SER A 186 55.37 20.83 1.77
C SER A 186 54.93 20.17 0.47
N LEU A 187 53.62 20.04 0.25
CA LEU A 187 53.06 19.52 -0.99
C LEU A 187 52.32 20.58 -1.79
N TYR A 188 51.65 21.50 -1.10
CA TYR A 188 50.95 22.63 -1.72
C TYR A 188 51.31 23.87 -0.91
N VAL A 189 52.07 24.79 -1.52
CA VAL A 189 52.66 25.90 -0.78
C VAL A 189 51.63 26.75 -0.06
N GLN A 190 50.36 26.69 -0.46
CA GLN A 190 49.31 27.46 0.19
C GLN A 190 48.91 26.80 1.50
N ALA A 191 48.61 27.64 2.50
CA ALA A 191 48.25 27.15 3.82
C ALA A 191 46.80 26.67 3.90
N SER A 192 46.05 26.75 2.80
CA SER A 192 44.68 26.26 2.76
C SER A 192 44.29 25.98 1.32
N GLY A 193 43.64 24.84 1.10
CA GLY A 193 43.25 24.41 -0.23
C GLY A 193 41.74 24.57 -0.45
N ARG A 194 41.36 24.38 -1.71
CA ARG A 194 39.97 24.55 -2.15
C ARG A 194 39.84 24.00 -3.56
N VAL A 195 38.77 23.27 -3.81
CA VAL A 195 38.51 22.66 -5.12
C VAL A 195 37.09 23.00 -5.53
N THR A 196 36.94 23.59 -6.72
CA THR A 196 35.65 23.94 -7.28
C THR A 196 35.48 23.24 -8.61
N VAL A 197 34.38 22.52 -8.77
CA VAL A 197 34.04 21.85 -10.02
C VAL A 197 32.63 22.29 -10.41
N SER A 198 32.49 22.85 -11.60
CA SER A 198 31.25 23.53 -11.95
C SER A 198 30.83 23.19 -13.38
N THR A 199 29.52 22.99 -13.56
CA THR A 199 28.88 22.94 -14.85
C THR A 199 28.03 24.20 -15.04
N ARG A 200 27.28 24.25 -16.14
CA ARG A 200 26.44 25.41 -16.39
C ARG A 200 25.22 25.48 -15.47
N ARG A 201 24.99 24.45 -14.65
CA ARG A 201 23.79 24.41 -13.83
C ARG A 201 24.05 23.96 -12.39
N SER A 202 25.28 23.58 -12.04
CA SER A 202 25.58 23.15 -10.68
C SER A 202 27.03 23.51 -10.36
N GLN A 203 27.39 23.33 -9.10
CA GLN A 203 28.74 23.63 -8.63
C GLN A 203 28.98 22.91 -7.32
N GLN A 204 30.23 22.45 -7.13
CA GLN A 204 30.64 21.81 -5.90
C GLN A 204 31.99 22.38 -5.48
N THR A 205 32.05 22.89 -4.25
CA THR A 205 33.28 23.44 -3.68
C THR A 205 33.59 22.71 -2.39
N ILE A 206 34.81 22.18 -2.29
CA ILE A 206 35.25 21.40 -1.14
C ILE A 206 36.53 22.00 -0.59
N ILE A 207 36.68 21.99 0.74
CA ILE A 207 37.91 22.51 1.39
C ILE A 207 38.50 21.44 2.30
N PRO A 208 39.82 21.14 2.21
CA PRO A 208 40.44 20.09 3.03
C PRO A 208 40.39 20.38 4.53
N ASN A 209 40.33 19.30 5.33
CA ASN A 209 40.20 19.36 6.79
C ASN A 209 41.46 18.73 7.38
N ILE A 210 42.41 19.57 7.79
CA ILE A 210 43.65 19.08 8.38
C ILE A 210 43.38 18.51 9.76
N GLY A 211 43.94 17.34 10.04
CA GLY A 211 43.76 16.69 11.31
C GLY A 211 44.35 15.30 11.28
N SER A 212 44.33 14.66 12.44
CA SER A 212 44.86 13.30 12.56
C SER A 212 43.72 12.29 12.55
N ARG A 213 44.00 11.12 11.98
CA ARG A 213 43.05 10.02 11.86
C ARG A 213 43.71 8.75 12.36
N PRO A 214 42.92 7.69 12.58
CA PRO A 214 43.52 6.39 12.91
C PRO A 214 44.42 5.90 11.78
N TRP A 215 45.48 5.19 12.16
CA TRP A 215 46.42 4.64 11.19
C TRP A 215 45.74 3.50 10.42
N VAL A 216 45.72 3.63 9.09
CA VAL A 216 45.19 2.59 8.21
C VAL A 216 46.25 2.29 7.16
N ARG A 217 46.88 1.12 7.26
CA ARG A 217 47.92 0.66 6.34
C ARG A 217 49.16 1.55 6.37
N GLY A 218 49.35 2.32 7.44
CA GLY A 218 50.53 3.13 7.59
C GLY A 218 50.36 4.61 7.31
N LEU A 219 49.13 5.08 7.19
CA LEU A 219 48.85 6.47 6.85
C LEU A 219 47.76 7.02 7.75
N SER A 220 47.82 8.31 8.03
CA SER A 220 46.77 9.01 8.75
C SER A 220 46.14 10.13 7.93
N SER A 221 46.46 10.22 6.64
CA SER A 221 45.78 11.13 5.74
C SER A 221 44.59 10.43 5.11
N ARG A 222 43.76 11.19 4.40
CA ARG A 222 42.57 10.61 3.78
C ARG A 222 42.34 11.22 2.41
N ILE A 223 41.43 10.59 1.66
CA ILE A 223 40.97 11.10 0.37
C ILE A 223 39.45 11.03 0.36
N SER A 224 38.79 12.11 -0.06
CA SER A 224 37.35 12.13 -0.23
C SER A 224 37.03 12.15 -1.72
N ILE A 225 36.04 11.35 -2.11
CA ILE A 225 35.73 11.07 -3.51
C ILE A 225 34.40 11.72 -3.86
N TYR A 226 34.39 12.51 -4.93
CA TYR A 226 33.19 13.16 -5.45
C TYR A 226 33.06 12.86 -6.94
N TRP A 227 31.88 13.14 -7.48
CA TRP A 227 31.60 12.85 -8.88
C TRP A 227 30.72 13.95 -9.47
N THR A 228 30.78 14.06 -10.79
CA THR A 228 30.05 15.05 -11.55
C THR A 228 29.51 14.40 -12.81
N ILE A 229 28.36 14.86 -13.27
CA ILE A 229 27.72 14.35 -14.48
C ILE A 229 27.54 15.52 -15.45
N VAL A 230 28.08 15.37 -16.66
CA VAL A 230 28.01 16.38 -17.70
C VAL A 230 27.09 15.87 -18.80
N LYS A 231 26.04 16.63 -19.10
CA LYS A 231 25.05 16.28 -20.10
C LYS A 231 25.42 16.89 -21.45
N PRO A 232 24.89 16.35 -22.55
CA PRO A 232 25.30 16.84 -23.87
C PRO A 232 24.95 18.31 -24.03
N GLY A 233 25.92 19.09 -24.52
CA GLY A 233 25.77 20.51 -24.66
C GLY A 233 26.29 21.33 -23.49
N ASP A 234 26.69 20.68 -22.39
CA ASP A 234 27.14 21.36 -21.20
C ASP A 234 28.65 21.58 -21.29
N VAL A 235 29.27 21.98 -20.18
CA VAL A 235 30.70 22.24 -20.09
C VAL A 235 31.12 22.00 -18.65
N LEU A 236 32.38 21.62 -18.44
CA LEU A 236 32.92 21.37 -17.11
C LEU A 236 34.11 22.29 -16.90
N VAL A 237 34.17 22.93 -15.72
CA VAL A 237 35.30 23.79 -15.36
C VAL A 237 35.80 23.36 -13.99
N ILE A 238 37.12 23.20 -13.88
CA ILE A 238 37.77 22.81 -12.64
C ILE A 238 38.74 23.91 -12.22
N ASN A 239 38.53 24.44 -11.01
CA ASN A 239 39.36 25.49 -10.43
C ASN A 239 39.91 24.99 -9.10
N SER A 240 41.19 25.28 -8.84
CA SER A 240 41.79 24.77 -7.62
C SER A 240 43.08 25.52 -7.32
N ASN A 241 43.49 25.46 -6.06
CA ASN A 241 44.78 26.00 -5.63
C ASN A 241 45.43 25.10 -4.59
N GLY A 242 45.17 23.80 -4.66
CA GLY A 242 45.79 22.82 -3.78
C GLY A 242 44.79 21.75 -3.37
N ASN A 243 45.31 20.57 -3.05
CA ASN A 243 44.52 19.44 -2.55
C ASN A 243 43.50 18.99 -3.59
N LEU A 244 44.01 18.64 -4.77
CA LEU A 244 43.18 18.20 -5.88
C LEU A 244 43.65 16.83 -6.36
N ILE A 245 42.74 15.87 -6.39
CA ILE A 245 42.97 14.58 -7.03
C ILE A 245 42.25 14.61 -8.35
N ALA A 246 42.97 14.99 -9.41
CA ALA A 246 42.36 15.27 -10.69
C ALA A 246 41.91 13.98 -11.37
N PRO A 247 40.95 14.07 -12.29
CA PRO A 247 40.57 12.91 -13.09
C PRO A 247 41.47 12.75 -14.31
N ARG A 248 41.36 11.57 -14.94
CA ARG A 248 42.07 11.27 -16.17
C ARG A 248 41.16 11.12 -17.36
N GLY A 249 39.85 11.10 -17.15
CA GLY A 249 38.90 10.91 -18.24
C GLY A 249 37.50 10.80 -17.71
N TYR A 250 36.66 10.07 -18.45
CA TYR A 250 35.26 9.95 -18.06
C TYR A 250 34.77 8.52 -18.31
N PHE A 251 33.79 8.11 -17.51
CA PHE A 251 33.09 6.86 -17.75
C PHE A 251 31.86 7.13 -18.59
N LYS A 252 31.53 6.19 -19.47
CA LYS A 252 30.32 6.30 -20.27
C LYS A 252 29.12 5.81 -19.49
N MET A 253 28.04 6.59 -19.50
CA MET A 253 26.85 6.30 -18.72
C MET A 253 25.77 5.75 -19.63
N ARG A 254 25.20 4.61 -19.26
CA ARG A 254 24.17 3.94 -20.03
C ARG A 254 22.94 3.76 -19.15
N THR A 255 21.86 3.32 -19.78
CA THR A 255 20.62 3.00 -19.07
C THR A 255 20.11 1.66 -19.57
N GLY A 256 19.75 0.78 -18.64
CA GLY A 256 19.23 -0.52 -19.00
C GLY A 256 18.81 -1.35 -17.81
N LYS A 257 19.00 -2.66 -17.91
CA LYS A 257 18.73 -3.60 -16.83
C LYS A 257 20.04 -4.15 -16.27
N SER A 258 20.42 -3.65 -15.09
CA SER A 258 21.63 -4.07 -14.39
C SER A 258 21.46 -3.76 -12.92
N SER A 259 22.14 -4.52 -12.08
CA SER A 259 22.03 -4.35 -10.63
C SER A 259 23.22 -5.01 -9.96
N ILE A 260 23.17 -5.09 -8.62
CA ILE A 260 24.24 -5.64 -7.81
C ILE A 260 23.62 -6.43 -6.66
N MET A 261 24.34 -7.45 -6.19
CA MET A 261 23.79 -8.37 -5.20
C MET A 261 24.93 -8.96 -4.38
N ARG A 262 24.76 -8.94 -3.06
CA ARG A 262 25.72 -9.52 -2.13
C ARG A 262 25.35 -10.99 -1.89
N SER A 263 26.28 -11.89 -2.23
CA SER A 263 26.01 -13.31 -2.11
C SER A 263 27.34 -14.06 -2.08
N ASP A 264 27.36 -15.16 -1.33
CA ASP A 264 28.54 -16.02 -1.22
C ASP A 264 28.30 -17.40 -1.82
N ALA A 265 27.49 -17.47 -2.88
CA ALA A 265 27.18 -18.72 -3.54
C ALA A 265 28.03 -18.89 -4.79
N PRO A 266 28.50 -20.10 -5.09
CA PRO A 266 29.31 -20.31 -6.28
C PRO A 266 28.49 -20.16 -7.56
N ILE A 267 29.19 -20.19 -8.68
CA ILE A 267 28.60 -19.99 -10.00
C ILE A 267 28.82 -21.23 -10.86
N ASP A 268 27.74 -21.75 -11.44
CA ASP A 268 27.78 -22.93 -12.30
C ASP A 268 27.25 -22.54 -13.69
N THR A 269 27.08 -23.55 -14.53
CA THR A 269 26.74 -23.37 -15.94
C THR A 269 25.35 -23.95 -16.26
N CYS A 270 24.39 -23.73 -15.37
CA CYS A 270 23.02 -24.15 -15.60
C CYS A 270 22.27 -23.00 -16.30
N ILE A 271 20.94 -23.09 -16.35
CA ILE A 271 20.10 -22.09 -16.99
C ILE A 271 18.93 -21.78 -16.08
N SER A 272 18.80 -20.52 -15.70
CA SER A 272 17.67 -20.08 -14.86
C SER A 272 17.47 -18.59 -15.06
N GLU A 273 16.22 -18.16 -14.93
CA GLU A 273 15.83 -16.77 -15.17
C GLU A 273 15.69 -15.95 -13.89
N CYS A 274 15.76 -16.58 -12.72
CA CYS A 274 15.64 -15.89 -11.44
C CYS A 274 16.88 -16.16 -10.61
N ILE A 275 17.34 -15.15 -9.88
CA ILE A 275 18.54 -15.25 -9.05
C ILE A 275 18.26 -14.61 -7.69
N THR A 276 18.48 -15.37 -6.63
CA THR A 276 18.40 -14.91 -5.26
C THR A 276 19.75 -15.04 -4.59
N PRO A 277 20.01 -14.30 -3.50
CA PRO A 277 21.30 -14.44 -2.79
C PRO A 277 21.58 -15.85 -2.29
N ASN A 278 20.62 -16.77 -2.34
CA ASN A 278 20.86 -18.16 -2.00
C ASN A 278 21.26 -19.01 -3.19
N GLY A 279 21.11 -18.48 -4.41
CA GLY A 279 21.29 -19.23 -5.63
C GLY A 279 20.09 -19.03 -6.54
N SER A 280 20.07 -19.76 -7.64
CA SER A 280 18.99 -19.67 -8.60
C SER A 280 17.83 -20.53 -8.14
N ILE A 281 16.61 -20.03 -8.33
CA ILE A 281 15.41 -20.78 -7.99
C ILE A 281 14.52 -20.86 -9.21
N PRO A 282 13.84 -21.99 -9.44
CA PRO A 282 12.89 -22.06 -10.54
C PRO A 282 11.71 -21.11 -10.33
N ASN A 283 11.01 -20.83 -11.42
CA ASN A 283 9.94 -19.85 -11.46
C ASN A 283 8.71 -20.46 -12.13
N ASP A 284 8.34 -21.67 -11.71
CA ASP A 284 7.11 -22.26 -12.20
C ASP A 284 5.90 -21.92 -11.35
N LYS A 285 6.12 -21.54 -10.08
CA LYS A 285 5.12 -21.19 -9.08
C LYS A 285 5.02 -19.67 -8.93
N PRO A 286 3.85 -19.14 -8.55
CA PRO A 286 3.70 -17.67 -8.49
C PRO A 286 4.34 -17.05 -7.27
N PHE A 287 4.57 -17.82 -6.21
CA PHE A 287 5.05 -17.31 -4.94
C PHE A 287 6.31 -18.06 -4.52
N GLN A 288 7.05 -17.46 -3.60
CA GLN A 288 8.32 -18.02 -3.14
C GLN A 288 8.54 -17.58 -1.70
N ASN A 289 9.23 -18.41 -0.93
CA ASN A 289 9.54 -18.11 0.47
C ASN A 289 11.00 -18.40 0.76
N VAL A 290 11.89 -17.85 -0.06
CA VAL A 290 13.33 -18.07 0.06
C VAL A 290 14.05 -16.78 0.45
N ASN A 291 13.93 -15.74 -0.38
CA ASN A 291 14.55 -14.46 -0.09
C ASN A 291 13.71 -13.35 -0.71
N LYS A 292 13.72 -12.18 -0.06
CA LYS A 292 13.00 -11.02 -0.56
C LYS A 292 13.85 -10.17 -1.49
N ILE A 293 15.12 -10.54 -1.71
CA ILE A 293 15.99 -9.88 -2.68
C ILE A 293 16.09 -10.80 -3.89
N THR A 294 15.72 -10.29 -5.06
CA THR A 294 15.58 -11.13 -6.24
C THR A 294 15.97 -10.34 -7.48
N TYR A 295 16.44 -11.05 -8.50
CA TYR A 295 16.78 -10.46 -9.78
C TYR A 295 16.21 -11.34 -10.88
N GLY A 296 15.53 -10.73 -11.84
CA GLY A 296 14.98 -11.44 -12.97
C GLY A 296 13.47 -11.54 -12.88
N ALA A 297 12.94 -12.57 -13.55
CA ALA A 297 11.50 -12.86 -13.48
C ALA A 297 11.27 -13.78 -12.30
N CYS A 298 11.18 -13.17 -11.11
CA CYS A 298 11.10 -14.01 -9.92
C CYS A 298 9.69 -14.00 -9.32
N PRO A 299 9.27 -15.10 -8.71
CA PRO A 299 8.04 -15.11 -7.92
C PRO A 299 8.11 -14.15 -6.74
N LYS A 300 6.94 -13.86 -6.17
CA LYS A 300 6.84 -12.91 -5.06
C LYS A 300 7.09 -13.59 -3.73
N TYR A 301 7.72 -12.85 -2.83
CA TYR A 301 8.07 -13.33 -1.51
C TYR A 301 6.87 -13.21 -0.58
N VAL A 302 6.42 -14.33 -0.03
CA VAL A 302 5.32 -14.37 0.91
C VAL A 302 5.86 -14.87 2.26
N LYS A 303 5.04 -14.70 3.30
CA LYS A 303 5.45 -15.13 4.63
C LYS A 303 5.03 -16.57 4.94
N GLN A 304 4.09 -17.13 4.18
CA GLN A 304 3.66 -18.49 4.42
C GLN A 304 4.67 -19.48 3.86
N ASN A 305 4.79 -20.63 4.50
CA ASN A 305 5.43 -21.79 3.84
C ASN A 305 4.35 -22.66 3.19
N THR A 306 3.08 -22.42 3.53
CA THR A 306 1.96 -23.22 2.98
C THR A 306 0.77 -22.30 2.64
N LEU A 307 0.37 -22.29 1.37
CA LEU A 307 -0.96 -21.79 0.94
C LEU A 307 -1.50 -22.75 -0.13
N LYS A 308 -2.54 -23.54 0.21
CA LYS A 308 -2.97 -24.59 -0.70
C LYS A 308 -4.28 -24.20 -1.37
N LEU A 309 -4.35 -24.40 -2.68
CA LEU A 309 -5.53 -24.11 -3.48
C LEU A 309 -6.15 -25.42 -3.92
N ALA A 310 -7.46 -25.55 -3.72
CA ALA A 310 -8.16 -26.79 -4.05
C ALA A 310 -8.40 -26.89 -5.54
N THR A 311 -8.07 -28.05 -6.12
CA THR A 311 -8.34 -28.34 -7.53
C THR A 311 -9.20 -29.59 -7.67
N GLY A 312 -10.03 -29.88 -6.69
CA GLY A 312 -10.92 -31.02 -6.76
C GLY A 312 -12.13 -30.81 -5.86
N MET A 313 -12.98 -31.84 -5.83
CA MET A 313 -14.19 -31.78 -5.02
C MET A 313 -13.88 -32.20 -3.58
N ARG A 314 -14.92 -32.25 -2.75
CA ARG A 314 -14.75 -32.66 -1.37
C ARG A 314 -14.56 -34.18 -1.28
N ASN A 315 -13.86 -34.60 -0.23
CA ASN A 315 -13.46 -36.00 -0.05
C ASN A 315 -14.34 -36.61 1.03
N VAL A 316 -15.25 -37.50 0.62
CA VAL A 316 -16.09 -38.25 1.54
C VAL A 316 -15.82 -39.73 1.32
N PRO A 317 -14.94 -40.34 2.12
CA PRO A 317 -14.61 -41.75 1.93
C PRO A 317 -15.70 -42.65 2.49
N GLU A 318 -15.55 -43.94 2.22
CA GLU A 318 -16.46 -44.97 2.73
C GLU A 318 -16.55 -44.93 4.25
N GLY B 1 -21.35 -26.97 -1.15
CA GLY B 1 -22.21 -27.37 -0.05
C GLY B 1 -23.49 -26.57 0.03
N LEU B 2 -23.72 -25.71 -0.97
CA LEU B 2 -24.91 -24.88 -0.98
C LEU B 2 -26.12 -25.61 -1.56
N PHE B 3 -25.89 -26.61 -2.41
CA PHE B 3 -26.97 -27.36 -3.04
C PHE B 3 -27.33 -28.64 -2.31
N GLY B 4 -26.44 -29.13 -1.44
CA GLY B 4 -26.76 -30.31 -0.65
C GLY B 4 -26.68 -31.61 -1.40
N ALA B 5 -25.89 -31.69 -2.47
CA ALA B 5 -25.74 -32.92 -3.23
C ALA B 5 -24.55 -33.73 -2.73
N ILE B 6 -23.35 -33.15 -2.76
CA ILE B 6 -22.18 -33.80 -2.19
C ILE B 6 -22.19 -33.56 -0.68
N ALA B 7 -21.94 -34.62 0.08
CA ALA B 7 -22.06 -34.61 1.54
C ALA B 7 -23.46 -34.24 2.00
N GLY B 8 -24.45 -34.38 1.13
CA GLY B 8 -25.84 -34.08 1.47
C GLY B 8 -26.70 -35.33 1.42
N PHE B 9 -27.52 -35.46 0.38
CA PHE B 9 -28.34 -36.67 0.23
C PHE B 9 -27.60 -37.80 -0.45
N ILE B 10 -26.32 -37.62 -0.79
CA ILE B 10 -25.45 -38.70 -1.23
C ILE B 10 -24.48 -38.98 -0.10
N GLU B 11 -24.58 -40.18 0.47
CA GLU B 11 -23.95 -40.45 1.76
C GLU B 11 -22.43 -40.37 1.66
N ASN B 12 -21.82 -41.16 0.79
CA ASN B 12 -20.37 -41.21 0.67
C ASN B 12 -19.97 -41.22 -0.80
N GLY B 13 -18.65 -41.23 -1.03
CA GLY B 13 -18.11 -41.31 -2.36
C GLY B 13 -17.80 -42.74 -2.77
N TRP B 14 -17.39 -42.89 -4.03
CA TRP B 14 -17.06 -44.19 -4.61
C TRP B 14 -15.56 -44.24 -4.90
N GLU B 15 -14.82 -44.94 -4.05
CA GLU B 15 -13.37 -45.04 -4.20
C GLU B 15 -12.95 -45.98 -5.31
N GLY B 16 -13.87 -46.79 -5.83
CA GLY B 16 -13.61 -47.62 -6.99
C GLY B 16 -13.80 -46.94 -8.32
N MET B 17 -14.09 -45.63 -8.30
CA MET B 17 -14.30 -44.86 -9.52
C MET B 17 -12.96 -44.26 -9.94
N ILE B 18 -12.44 -44.73 -11.08
CA ILE B 18 -11.15 -44.27 -11.58
C ILE B 18 -11.22 -43.72 -12.99
N ASP B 19 -12.38 -43.80 -13.65
CA ASP B 19 -12.50 -43.28 -15.00
C ASP B 19 -12.71 -41.76 -15.00
N GLY B 20 -13.71 -41.29 -14.25
CA GLY B 20 -14.01 -39.87 -14.19
C GLY B 20 -14.35 -39.41 -12.79
N TRP B 21 -14.89 -38.19 -12.66
CA TRP B 21 -15.28 -37.67 -11.36
C TRP B 21 -16.72 -38.05 -10.99
N TYR B 22 -17.62 -38.00 -11.97
CA TYR B 22 -19.01 -38.37 -11.77
C TYR B 22 -19.35 -39.56 -12.65
N GLY B 23 -20.24 -40.42 -12.16
CA GLY B 23 -20.59 -41.61 -12.90
C GLY B 23 -21.85 -42.25 -12.37
N PHE B 24 -22.20 -43.38 -12.96
CA PHE B 24 -23.40 -44.12 -12.64
C PHE B 24 -23.03 -45.50 -12.08
N ARG B 25 -24.03 -46.17 -11.52
CA ARG B 25 -23.86 -47.54 -11.03
C ARG B 25 -25.26 -48.14 -10.91
N HIS B 26 -25.54 -49.12 -11.77
CA HIS B 26 -26.88 -49.67 -11.90
C HIS B 26 -26.93 -51.09 -11.36
N GLN B 27 -28.14 -51.50 -10.94
CA GLN B 27 -28.40 -52.85 -10.46
C GLN B 27 -29.58 -53.37 -11.26
N ASN B 28 -29.33 -54.34 -12.14
CA ASN B 28 -30.27 -54.71 -13.17
C ASN B 28 -30.82 -56.11 -12.91
N SER B 29 -31.61 -56.61 -13.85
CA SER B 29 -32.06 -58.00 -13.84
C SER B 29 -31.03 -58.96 -14.40
N GLU B 30 -29.91 -58.47 -14.93
CA GLU B 30 -28.87 -59.35 -15.46
C GLU B 30 -27.56 -59.27 -14.68
N GLY B 31 -27.49 -58.42 -13.66
CA GLY B 31 -26.30 -58.27 -12.85
C GLY B 31 -26.14 -56.83 -12.46
N THR B 32 -24.90 -56.46 -12.12
CA THR B 32 -24.55 -55.09 -11.77
C THR B 32 -23.57 -54.54 -12.78
N GLY B 33 -23.27 -53.25 -12.65
CA GLY B 33 -22.36 -52.59 -13.56
C GLY B 33 -21.93 -51.25 -13.02
N GLN B 34 -21.12 -50.55 -13.83
CA GLN B 34 -20.62 -49.24 -13.45
C GLN B 34 -20.08 -48.56 -14.70
N ALA B 35 -20.17 -47.22 -14.72
CA ALA B 35 -19.71 -46.43 -15.84
C ALA B 35 -19.47 -45.00 -15.35
N ALA B 36 -19.08 -44.12 -16.27
CA ALA B 36 -18.86 -42.72 -15.96
C ALA B 36 -19.58 -41.84 -16.97
N ASP B 37 -19.64 -40.56 -16.66
CA ASP B 37 -20.25 -39.54 -17.50
C ASP B 37 -19.19 -38.49 -17.81
N LEU B 38 -18.86 -38.33 -19.10
CA LEU B 38 -17.73 -37.48 -19.47
C LEU B 38 -18.06 -36.00 -19.40
N LYS B 39 -19.32 -35.60 -19.63
CA LYS B 39 -19.64 -34.19 -19.81
C LYS B 39 -19.51 -33.41 -18.51
N SER B 40 -20.07 -33.92 -17.42
CA SER B 40 -19.98 -33.21 -16.15
C SER B 40 -18.53 -33.11 -15.68
N THR B 41 -17.80 -34.23 -15.77
CA THR B 41 -16.38 -34.23 -15.41
C THR B 41 -15.62 -33.22 -16.25
N GLN B 42 -15.91 -33.16 -17.56
CA GLN B 42 -15.21 -32.24 -18.43
C GLN B 42 -15.52 -30.79 -18.08
N ALA B 43 -16.80 -30.50 -17.77
CA ALA B 43 -17.16 -29.14 -17.40
C ALA B 43 -16.43 -28.71 -16.13
N ALA B 44 -16.42 -29.58 -15.12
CA ALA B 44 -15.74 -29.26 -13.88
C ALA B 44 -14.24 -29.07 -14.10
N ILE B 45 -13.62 -29.97 -14.86
CA ILE B 45 -12.18 -29.88 -15.09
C ILE B 45 -11.84 -28.61 -15.85
N ASP B 46 -12.63 -28.27 -16.88
CA ASP B 46 -12.37 -27.05 -17.63
C ASP B 46 -12.51 -25.82 -16.76
N GLN B 47 -13.55 -25.77 -15.92
CA GLN B 47 -13.72 -24.60 -15.06
C GLN B 47 -12.57 -24.47 -14.06
N ILE B 48 -12.16 -25.58 -13.44
CA ILE B 48 -11.11 -25.51 -12.42
C ILE B 48 -9.78 -25.17 -13.08
N ASN B 49 -9.50 -25.72 -14.25
CA ASN B 49 -8.27 -25.38 -14.96
C ASN B 49 -8.25 -23.93 -15.39
N GLY B 50 -9.38 -23.43 -15.91
CA GLY B 50 -9.45 -22.01 -16.26
C GLY B 50 -9.16 -21.11 -15.08
N LYS B 51 -9.79 -21.40 -13.94
CA LYS B 51 -9.52 -20.63 -12.72
C LYS B 51 -8.04 -20.68 -12.34
N LEU B 52 -7.49 -21.90 -12.28
CA LEU B 52 -6.10 -22.08 -11.85
C LEU B 52 -5.16 -21.30 -12.76
N ASN B 53 -5.20 -21.57 -14.06
CA ASN B 53 -4.33 -20.87 -14.99
C ASN B 53 -4.68 -19.38 -15.13
N ARG B 54 -5.84 -18.97 -14.62
CA ARG B 54 -6.15 -17.54 -14.49
C ARG B 54 -5.32 -16.88 -13.41
N VAL B 55 -5.21 -17.53 -12.25
CA VAL B 55 -4.56 -16.84 -11.14
C VAL B 55 -3.03 -16.87 -11.23
N ILE B 56 -2.44 -17.92 -11.81
CA ILE B 56 -0.99 -18.14 -11.63
C ILE B 56 -0.13 -17.45 -12.67
N GLU B 57 -0.73 -16.82 -13.69
CA GLU B 57 0.10 -16.06 -14.61
C GLU B 57 0.65 -14.81 -13.95
N LYS B 58 1.87 -14.44 -14.35
CA LYS B 58 2.69 -13.48 -13.66
C LYS B 58 2.33 -12.06 -14.09
N THR B 59 2.63 -11.10 -13.22
CA THR B 59 2.33 -9.71 -13.51
C THR B 59 3.47 -8.74 -13.21
N ASN B 60 4.45 -9.12 -12.39
CA ASN B 60 5.44 -8.17 -11.91
C ASN B 60 6.81 -8.49 -12.52
N GLU B 61 7.61 -7.43 -12.66
CA GLU B 61 9.01 -7.55 -13.10
C GLU B 61 9.73 -6.29 -12.60
N LYS B 62 10.54 -6.46 -11.56
CA LYS B 62 11.20 -5.36 -10.88
C LYS B 62 12.71 -5.55 -11.02
N PHE B 63 13.41 -4.45 -11.31
CA PHE B 63 14.85 -4.48 -11.54
C PHE B 63 15.60 -3.67 -10.51
N HIS B 64 15.30 -2.38 -10.35
CA HIS B 64 15.92 -1.56 -9.34
C HIS B 64 14.87 -1.11 -8.32
N GLN B 65 15.24 -1.17 -7.05
CA GLN B 65 14.32 -0.87 -5.95
C GLN B 65 15.09 -0.10 -4.88
N ILE B 66 14.52 -0.04 -3.69
CA ILE B 66 15.13 0.66 -2.57
C ILE B 66 15.90 -0.35 -1.73
N GLU B 67 16.72 0.16 -0.81
CA GLU B 67 17.41 -0.70 0.14
C GLU B 67 16.47 -1.16 1.24
N LYS B 68 16.59 -2.44 1.61
CA LYS B 68 15.70 -3.04 2.59
C LYS B 68 16.44 -3.64 3.77
N GLU B 69 17.76 -3.63 3.77
CA GLU B 69 18.55 -4.09 4.90
C GLU B 69 19.68 -3.10 5.16
N PHE B 70 19.77 -2.64 6.41
CA PHE B 70 20.70 -1.58 6.79
C PHE B 70 21.64 -2.09 7.87
N SER B 71 22.82 -1.49 7.94
CA SER B 71 23.84 -1.89 8.91
C SER B 71 24.04 -0.85 10.01
N GLU B 72 23.45 0.33 9.87
CA GLU B 72 23.58 1.43 10.81
C GLU B 72 22.21 1.82 11.34
N VAL B 73 22.19 2.83 12.20
CA VAL B 73 20.98 3.55 12.56
C VAL B 73 21.18 5.01 12.15
N GLU B 74 20.26 5.52 11.33
CA GLU B 74 20.44 6.81 10.67
C GLU B 74 19.38 7.83 11.04
N GLY B 75 18.09 7.49 10.88
CA GLY B 75 17.06 8.45 11.20
C GLY B 75 15.80 8.38 10.36
N ARG B 76 15.40 9.51 9.79
CA ARG B 76 14.08 9.64 9.18
C ARG B 76 13.95 8.78 7.92
N ILE B 77 14.95 8.82 7.05
CA ILE B 77 14.84 8.14 5.76
C ILE B 77 14.73 6.63 5.97
N GLN B 78 15.55 6.08 6.88
CA GLN B 78 15.50 4.65 7.16
C GLN B 78 14.17 4.24 7.78
N ASP B 79 13.64 5.08 8.68
CA ASP B 79 12.32 4.82 9.25
C ASP B 79 11.25 4.79 8.18
N LEU B 80 11.29 5.75 7.25
CA LEU B 80 10.27 5.80 6.21
C LEU B 80 10.37 4.61 5.28
N GLU B 81 11.61 4.19 4.95
CA GLU B 81 11.78 3.02 4.10
C GLU B 81 11.24 1.76 4.78
N LYS B 82 11.55 1.57 6.06
CA LYS B 82 11.06 0.39 6.77
C LYS B 82 9.54 0.41 6.88
N TYR B 83 8.96 1.60 7.08
CA TYR B 83 7.50 1.70 7.14
C TYR B 83 6.87 1.33 5.81
N VAL B 84 7.46 1.82 4.70
CA VAL B 84 6.94 1.52 3.37
C VAL B 84 6.98 0.01 3.13
N GLU B 85 8.10 -0.62 3.47
CA GLU B 85 8.23 -2.06 3.24
C GLU B 85 7.25 -2.84 4.08
N ASP B 86 7.10 -2.45 5.35
CA ASP B 86 6.15 -3.17 6.21
C ASP B 86 4.72 -3.03 5.71
N THR B 87 4.35 -1.83 5.26
CA THR B 87 3.01 -1.61 4.73
C THR B 87 2.76 -2.44 3.47
N LYS B 88 3.74 -2.48 2.56
CA LYS B 88 3.58 -3.25 1.33
C LYS B 88 3.41 -4.74 1.63
N ILE B 89 4.25 -5.27 2.52
CA ILE B 89 4.17 -6.70 2.85
C ILE B 89 2.83 -7.03 3.50
N ASP B 90 2.42 -6.21 4.46
CA ASP B 90 1.16 -6.46 5.16
C ASP B 90 -0.04 -6.33 4.24
N LEU B 91 0.03 -5.44 3.24
CA LEU B 91 -1.08 -5.28 2.32
C LEU B 91 -1.12 -6.36 1.25
N TRP B 92 0.02 -6.99 0.92
CA TRP B 92 -0.02 -8.07 -0.05
C TRP B 92 -0.37 -9.41 0.58
N SER B 93 0.01 -9.64 1.85
CA SER B 93 -0.35 -10.90 2.49
C SER B 93 -1.86 -11.05 2.67
N TYR B 94 -2.56 -9.95 2.95
CA TYR B 94 -4.01 -10.01 3.08
C TYR B 94 -4.67 -10.42 1.77
N ASN B 95 -4.21 -9.86 0.65
CA ASN B 95 -4.73 -10.26 -0.65
C ASN B 95 -4.45 -11.73 -0.94
N ALA B 96 -3.22 -12.16 -0.65
CA ALA B 96 -2.87 -13.57 -0.84
C ALA B 96 -3.81 -14.48 -0.07
N GLU B 97 -4.16 -14.10 1.15
CA GLU B 97 -5.07 -14.93 1.95
C GLU B 97 -6.49 -14.92 1.39
N LEU B 98 -7.01 -13.72 1.10
CA LEU B 98 -8.41 -13.59 0.71
C LEU B 98 -8.69 -14.24 -0.65
N LEU B 99 -7.75 -14.14 -1.59
CA LEU B 99 -7.97 -14.76 -2.90
C LEU B 99 -8.18 -16.26 -2.76
N VAL B 100 -7.30 -16.92 -2.01
CA VAL B 100 -7.41 -18.37 -1.81
C VAL B 100 -8.69 -18.70 -1.06
N ALA B 101 -9.00 -17.94 -0.02
CA ALA B 101 -10.20 -18.23 0.77
C ALA B 101 -11.47 -18.14 -0.08
N LEU B 102 -11.53 -17.17 -1.00
CA LEU B 102 -12.72 -17.05 -1.84
C LEU B 102 -12.77 -18.15 -2.90
N GLU B 103 -11.63 -18.40 -3.55
CA GLU B 103 -11.63 -19.35 -4.66
C GLU B 103 -11.87 -20.78 -4.22
N ASN B 104 -11.40 -21.16 -3.02
CA ASN B 104 -11.67 -22.51 -2.54
C ASN B 104 -13.17 -22.72 -2.33
N GLN B 105 -13.84 -21.72 -1.74
CA GLN B 105 -15.28 -21.82 -1.55
C GLN B 105 -16.00 -21.92 -2.89
N HIS B 106 -15.60 -21.11 -3.87
CA HIS B 106 -16.27 -21.17 -5.16
C HIS B 106 -16.04 -22.50 -5.85
N THR B 107 -14.82 -23.05 -5.74
CA THR B 107 -14.54 -24.35 -6.34
C THR B 107 -15.39 -25.44 -5.71
N ILE B 108 -15.46 -25.47 -4.38
CA ILE B 108 -16.27 -26.47 -3.69
C ILE B 108 -17.73 -26.35 -4.11
N ASP B 109 -18.25 -25.13 -4.19
CA ASP B 109 -19.67 -24.96 -4.50
C ASP B 109 -19.96 -25.36 -5.95
N LEU B 110 -19.04 -25.09 -6.88
CA LEU B 110 -19.30 -25.45 -8.27
C LEU B 110 -19.20 -26.97 -8.47
N THR B 111 -18.23 -27.61 -7.82
CA THR B 111 -18.14 -29.06 -7.89
C THR B 111 -19.31 -29.73 -7.19
N ASP B 112 -19.95 -29.04 -6.23
CA ASP B 112 -21.20 -29.56 -5.67
C ASP B 112 -22.37 -29.33 -6.60
N SER B 113 -22.37 -28.22 -7.34
CA SER B 113 -23.48 -27.90 -8.23
C SER B 113 -23.54 -28.82 -9.43
N GLU B 114 -22.37 -29.26 -9.92
CA GLU B 114 -22.37 -30.14 -11.09
C GLU B 114 -23.11 -31.45 -10.80
N MET B 115 -22.93 -31.99 -9.59
CA MET B 115 -23.61 -33.23 -9.22
C MET B 115 -25.12 -33.03 -9.21
N ASN B 116 -25.59 -31.93 -8.60
CA ASN B 116 -27.02 -31.66 -8.58
C ASN B 116 -27.57 -31.47 -9.99
N LYS B 117 -26.80 -30.85 -10.87
CA LYS B 117 -27.25 -30.67 -12.24
C LYS B 117 -27.40 -32.02 -12.94
N LEU B 118 -26.43 -32.91 -12.76
CA LEU B 118 -26.52 -34.24 -13.36
C LEU B 118 -27.71 -35.00 -12.81
N PHE B 119 -27.93 -34.92 -11.49
CA PHE B 119 -29.07 -35.61 -10.88
C PHE B 119 -30.38 -35.09 -11.44
N GLU B 120 -30.50 -33.76 -11.56
CA GLU B 120 -31.76 -33.18 -12.01
C GLU B 120 -32.02 -33.52 -13.48
N LYS B 121 -30.96 -33.55 -14.30
CA LYS B 121 -31.11 -33.99 -15.68
C LYS B 121 -31.59 -35.44 -15.75
N THR B 122 -30.97 -36.32 -14.95
CA THR B 122 -31.39 -37.72 -14.97
C THR B 122 -32.82 -37.88 -14.48
N ARG B 123 -33.25 -37.04 -13.52
CA ARG B 123 -34.63 -37.09 -13.06
C ARG B 123 -35.58 -36.61 -14.16
N ARG B 124 -35.20 -35.56 -14.88
CA ARG B 124 -36.05 -35.03 -15.94
C ARG B 124 -36.15 -36.01 -17.11
N GLN B 125 -35.15 -36.88 -17.29
CA GLN B 125 -35.22 -37.83 -18.39
C GLN B 125 -36.28 -38.90 -18.13
N LEU B 126 -36.21 -39.54 -16.97
CA LEU B 126 -37.22 -40.52 -16.56
C LEU B 126 -38.46 -39.78 -16.08
N ARG B 127 -39.37 -39.50 -17.02
CA ARG B 127 -40.48 -38.59 -16.77
C ARG B 127 -41.38 -39.09 -15.65
N GLU B 128 -42.07 -40.21 -15.88
CA GLU B 128 -42.91 -40.80 -14.84
C GLU B 128 -42.74 -42.32 -14.74
N ASN B 129 -41.62 -42.86 -15.22
CA ASN B 129 -41.32 -44.28 -15.07
C ASN B 129 -40.40 -44.58 -13.90
N ALA B 130 -40.01 -43.56 -13.12
CA ALA B 130 -39.08 -43.76 -12.02
C ALA B 130 -39.53 -42.97 -10.81
N GLU B 131 -39.07 -43.41 -9.64
CA GLU B 131 -39.28 -42.72 -8.38
C GLU B 131 -37.95 -42.54 -7.67
N GLU B 132 -37.76 -41.37 -7.06
CA GLU B 132 -36.52 -41.09 -6.34
C GLU B 132 -36.59 -41.69 -4.95
N MET B 133 -35.62 -42.54 -4.61
CA MET B 133 -35.62 -43.27 -3.35
C MET B 133 -34.99 -42.49 -2.22
N GLY B 134 -34.52 -41.26 -2.46
CA GLY B 134 -34.10 -40.37 -1.40
C GLY B 134 -32.63 -40.44 -1.04
N ASN B 135 -31.88 -41.42 -1.54
CA ASN B 135 -30.47 -41.55 -1.19
C ASN B 135 -29.56 -41.47 -2.42
N GLY B 136 -30.08 -40.96 -3.55
CA GLY B 136 -29.29 -40.80 -4.75
C GLY B 136 -29.62 -41.75 -5.87
N CYS B 137 -30.49 -42.74 -5.62
CA CYS B 137 -30.83 -43.73 -6.63
C CYS B 137 -32.27 -43.55 -7.08
N PHE B 138 -32.54 -44.03 -8.30
CA PHE B 138 -33.88 -44.06 -8.86
C PHE B 138 -34.37 -45.50 -8.93
N LYS B 139 -35.60 -45.73 -8.52
CA LYS B 139 -36.27 -47.01 -8.72
C LYS B 139 -37.10 -46.90 -10.00
N ILE B 140 -36.72 -47.67 -11.01
CA ILE B 140 -37.36 -47.66 -12.31
C ILE B 140 -38.39 -48.79 -12.33
N TYR B 141 -39.65 -48.43 -12.60
CA TYR B 141 -40.76 -49.34 -12.34
C TYR B 141 -41.10 -50.21 -13.55
N HIS B 142 -40.31 -50.14 -14.62
CA HIS B 142 -40.38 -51.10 -15.70
C HIS B 142 -39.03 -51.83 -15.78
N LYS B 143 -38.99 -52.86 -16.62
CA LYS B 143 -37.86 -53.78 -16.68
C LYS B 143 -36.96 -53.42 -17.84
N CYS B 144 -35.73 -53.02 -17.53
CA CYS B 144 -34.70 -52.68 -18.51
C CYS B 144 -33.66 -53.78 -18.68
N ASP B 145 -32.96 -53.70 -19.80
CA ASP B 145 -31.79 -54.52 -20.09
C ASP B 145 -30.53 -53.69 -19.88
N ASN B 146 -29.37 -54.29 -20.15
CA ASN B 146 -28.12 -53.53 -20.18
C ASN B 146 -28.10 -52.51 -21.31
N ALA B 147 -29.03 -52.60 -22.26
CA ALA B 147 -29.17 -51.61 -23.32
C ALA B 147 -30.19 -50.53 -22.98
N CYS B 148 -31.02 -50.74 -21.97
CA CYS B 148 -31.94 -49.69 -21.52
C CYS B 148 -31.23 -48.68 -20.63
N ILE B 149 -30.33 -49.13 -19.74
CA ILE B 149 -29.58 -48.19 -18.92
C ILE B 149 -28.64 -47.35 -19.78
N GLU B 150 -28.08 -47.93 -20.85
CA GLU B 150 -27.17 -47.15 -21.69
C GLU B 150 -27.92 -46.12 -22.51
N SER B 151 -29.22 -46.32 -22.76
CA SER B 151 -29.97 -45.27 -23.44
C SER B 151 -30.23 -44.10 -22.50
N ILE B 152 -30.33 -44.40 -21.19
CA ILE B 152 -30.47 -43.35 -20.18
C ILE B 152 -29.14 -42.64 -19.98
N ARG B 153 -28.02 -43.31 -20.27
CA ARG B 153 -26.73 -42.70 -20.03
C ARG B 153 -26.29 -41.77 -21.16
N ASN B 154 -26.57 -42.12 -22.41
CA ASN B 154 -26.20 -41.28 -23.53
C ASN B 154 -27.35 -40.40 -24.04
N GLY B 155 -28.36 -40.19 -23.19
CA GLY B 155 -29.37 -39.17 -23.46
C GLY B 155 -30.31 -39.41 -24.61
N THR B 156 -30.81 -40.63 -24.76
CA THR B 156 -31.81 -40.93 -25.79
C THR B 156 -32.86 -41.90 -25.26
N TYR B 157 -33.18 -41.80 -23.97
CA TYR B 157 -34.24 -42.61 -23.39
C TYR B 157 -35.61 -42.17 -23.89
N ASP B 158 -36.41 -43.14 -24.35
CA ASP B 158 -37.76 -42.89 -24.85
C ASP B 158 -38.73 -43.34 -23.77
N HIS B 159 -39.33 -42.38 -23.07
CA HIS B 159 -40.15 -42.70 -21.91
C HIS B 159 -41.52 -43.24 -22.29
N ASP B 160 -42.04 -42.89 -23.47
CA ASP B 160 -43.41 -43.22 -23.81
C ASP B 160 -43.60 -44.68 -24.21
N VAL B 161 -42.52 -45.42 -24.43
CA VAL B 161 -42.65 -46.82 -24.78
C VAL B 161 -42.95 -47.67 -23.55
N TYR B 162 -42.44 -47.29 -22.39
CA TYR B 162 -42.62 -48.06 -21.16
C TYR B 162 -43.61 -47.40 -20.20
N ARG B 163 -44.38 -46.43 -20.71
CA ARG B 163 -45.22 -45.61 -19.82
C ARG B 163 -46.35 -46.44 -19.21
N ASP B 164 -47.07 -47.19 -20.05
CA ASP B 164 -48.24 -47.93 -19.57
C ASP B 164 -47.83 -49.00 -18.57
N GLU B 165 -46.75 -49.72 -18.85
CA GLU B 165 -46.26 -50.77 -17.96
C GLU B 165 -45.81 -50.18 -16.62
N ALA B 166 -45.06 -49.07 -16.66
CA ALA B 166 -44.60 -48.45 -15.42
C ALA B 166 -45.77 -47.90 -14.61
N LEU B 167 -46.73 -47.27 -15.28
CA LEU B 167 -47.88 -46.72 -14.56
C LEU B 167 -48.71 -47.82 -13.91
N ASN B 168 -48.90 -48.95 -14.59
CA ASN B 168 -49.61 -50.04 -13.97
C ASN B 168 -48.78 -50.70 -12.87
N ASN B 169 -47.46 -50.61 -12.93
CA ASN B 169 -46.61 -51.24 -11.92
C ASN B 169 -46.48 -50.41 -10.65
N ARG B 170 -46.48 -49.08 -10.76
CA ARG B 170 -46.13 -48.24 -9.61
C ARG B 170 -47.37 -47.79 -8.84
N PHE B 171 -48.49 -47.62 -9.53
CA PHE B 171 -49.70 -47.03 -9.00
C PHE B 171 -50.76 -48.08 -8.67
N GLN B 172 -50.55 -49.31 -9.13
CA GLN B 172 -51.40 -50.45 -8.82
C GLN B 172 -50.57 -51.70 -8.61
N GLY C 1 -30.75 -15.47 -0.69
CA GLY C 1 -31.83 -15.13 -1.60
C GLY C 1 -31.66 -15.74 -2.97
N LEU C 2 -30.66 -16.61 -3.12
CA LEU C 2 -30.40 -17.24 -4.41
C LEU C 2 -31.27 -18.47 -4.62
N PHE C 3 -31.71 -19.12 -3.54
CA PHE C 3 -32.53 -20.32 -3.65
C PHE C 3 -34.02 -20.05 -3.57
N GLY C 4 -34.43 -18.88 -3.08
CA GLY C 4 -35.83 -18.52 -3.06
C GLY C 4 -36.64 -19.20 -1.97
N ALA C 5 -36.00 -19.61 -0.87
CA ALA C 5 -36.71 -20.25 0.24
C ALA C 5 -37.13 -19.22 1.28
N ILE C 6 -36.17 -18.50 1.84
CA ILE C 6 -36.48 -17.40 2.76
C ILE C 6 -36.83 -16.17 1.94
N ALA C 7 -37.92 -15.51 2.31
CA ALA C 7 -38.50 -14.40 1.55
C ALA C 7 -38.89 -14.81 0.14
N GLY C 8 -39.06 -16.10 -0.09
CA GLY C 8 -39.46 -16.62 -1.39
C GLY C 8 -40.83 -17.27 -1.34
N PHE C 9 -40.87 -18.60 -1.38
CA PHE C 9 -42.15 -19.30 -1.28
C PHE C 9 -42.58 -19.52 0.16
N ILE C 10 -41.81 -19.03 1.13
CA ILE C 10 -42.24 -18.98 2.53
C ILE C 10 -42.52 -17.52 2.86
N GLU C 11 -43.79 -17.22 3.15
CA GLU C 11 -44.26 -15.84 3.16
C GLU C 11 -43.57 -15.01 4.24
N ASN C 12 -43.68 -15.44 5.49
CA ASN C 12 -43.14 -14.69 6.62
C ASN C 12 -42.44 -15.64 7.58
N GLY C 13 -41.87 -15.06 8.64
CA GLY C 13 -41.24 -15.83 9.69
C GLY C 13 -42.18 -16.11 10.85
N TRP C 14 -41.69 -16.89 11.80
CA TRP C 14 -42.45 -17.28 12.98
C TRP C 14 -41.81 -16.64 14.21
N GLU C 15 -42.43 -15.58 14.72
CA GLU C 15 -41.92 -14.86 15.87
C GLU C 15 -42.15 -15.61 17.19
N GLY C 16 -43.00 -16.63 17.19
CA GLY C 16 -43.17 -17.48 18.34
C GLY C 16 -42.17 -18.61 18.47
N MET C 17 -41.19 -18.66 17.57
CA MET C 17 -40.16 -19.69 17.58
C MET C 17 -39.00 -19.21 18.42
N ILE C 18 -38.77 -19.85 19.56
CA ILE C 18 -37.71 -19.46 20.48
C ILE C 18 -36.75 -20.59 20.79
N ASP C 19 -37.01 -21.81 20.30
CA ASP C 19 -36.12 -22.92 20.57
C ASP C 19 -34.92 -22.92 19.63
N GLY C 20 -35.17 -22.85 18.32
CA GLY C 20 -34.11 -22.85 17.33
C GLY C 20 -34.35 -21.87 16.21
N TRP C 21 -33.59 -21.98 15.12
CA TRP C 21 -33.76 -21.11 13.97
C TRP C 21 -34.75 -21.69 12.97
N TYR C 22 -34.71 -23.00 12.75
CA TYR C 22 -35.63 -23.69 11.85
C TYR C 22 -36.44 -24.71 12.64
N GLY C 23 -37.68 -24.90 12.22
CA GLY C 23 -38.56 -25.80 12.94
C GLY C 23 -39.78 -26.17 12.12
N PHE C 24 -40.66 -26.95 12.73
CA PHE C 24 -41.86 -27.46 12.11
C PHE C 24 -43.09 -26.91 12.83
N ARG C 25 -44.25 -27.11 12.21
CA ARG C 25 -45.52 -26.73 12.81
C ARG C 25 -46.61 -27.50 12.09
N HIS C 26 -47.23 -28.44 12.77
CA HIS C 26 -48.16 -29.39 12.18
C HIS C 26 -49.59 -29.10 12.63
N GLN C 27 -50.54 -29.50 11.79
CA GLN C 27 -51.96 -29.38 12.08
C GLN C 27 -52.56 -30.76 11.88
N ASN C 28 -52.96 -31.40 12.97
CA ASN C 28 -53.26 -32.83 12.95
C ASN C 28 -54.75 -33.06 13.18
N SER C 29 -55.13 -34.33 13.30
CA SER C 29 -56.48 -34.70 13.71
C SER C 29 -56.70 -34.63 15.21
N GLU C 30 -55.66 -34.37 16.00
CA GLU C 30 -55.82 -34.27 17.44
C GLU C 30 -55.53 -32.86 17.98
N GLY C 31 -55.18 -31.93 17.12
CA GLY C 31 -54.89 -30.57 17.51
C GLY C 31 -53.74 -30.02 16.69
N THR C 32 -53.08 -29.00 17.24
CA THR C 32 -51.93 -28.38 16.61
C THR C 32 -50.70 -28.59 17.50
N GLY C 33 -49.54 -28.20 16.97
CA GLY C 33 -48.31 -28.34 17.71
C GLY C 33 -47.20 -27.53 17.07
N GLN C 34 -46.01 -27.65 17.65
CA GLN C 34 -44.84 -26.94 17.15
C GLN C 34 -43.60 -27.57 17.76
N ALA C 35 -42.50 -27.53 17.00
CA ALA C 35 -41.23 -28.09 17.44
C ALA C 35 -40.11 -27.43 16.64
N ALA C 36 -38.88 -27.86 16.89
CA ALA C 36 -37.72 -27.36 16.17
C ALA C 36 -36.87 -28.52 15.67
N ASP C 37 -35.92 -28.18 14.80
CA ASP C 37 -34.98 -29.14 14.22
C ASP C 37 -33.57 -28.68 14.57
N LEU C 38 -32.84 -29.50 15.33
CA LEU C 38 -31.55 -29.07 15.86
C LEU C 38 -30.45 -29.08 14.81
N LYS C 39 -30.51 -29.97 13.82
CA LYS C 39 -29.37 -30.18 12.93
C LYS C 39 -29.13 -28.99 12.01
N SER C 40 -30.17 -28.47 11.37
CA SER C 40 -30.00 -27.33 10.48
C SER C 40 -29.55 -26.11 11.26
N THR C 41 -30.19 -25.84 12.40
CA THR C 41 -29.78 -24.73 13.25
C THR C 41 -28.32 -24.86 13.66
N GLN C 42 -27.90 -26.08 14.02
CA GLN C 42 -26.52 -26.30 14.45
C GLN C 42 -25.55 -26.07 13.30
N ALA C 43 -25.89 -26.54 12.10
CA ALA C 43 -25.02 -26.33 10.95
C ALA C 43 -24.84 -24.85 10.67
N ALA C 44 -25.95 -24.11 10.66
CA ALA C 44 -25.88 -22.67 10.41
C ALA C 44 -25.07 -21.96 11.49
N ILE C 45 -25.31 -22.29 12.75
CA ILE C 45 -24.60 -21.63 13.84
C ILE C 45 -23.11 -21.94 13.78
N ASP C 46 -22.75 -23.20 13.51
CA ASP C 46 -21.34 -23.54 13.41
C ASP C 46 -20.67 -22.81 12.26
N GLN C 47 -21.33 -22.74 11.09
CA GLN C 47 -20.72 -22.03 9.96
C GLN C 47 -20.54 -20.55 10.26
N ILE C 48 -21.55 -19.91 10.84
CA ILE C 48 -21.47 -18.47 11.10
C ILE C 48 -20.43 -18.18 12.17
N ASN C 49 -20.36 -19.02 13.21
CA ASN C 49 -19.35 -18.84 14.24
C ASN C 49 -17.95 -19.06 13.69
N GLY C 50 -17.76 -20.09 12.86
CA GLY C 50 -16.46 -20.29 12.24
C GLY C 50 -16.02 -19.09 11.42
N LYS C 51 -16.92 -18.56 10.60
CA LYS C 51 -16.60 -17.36 9.83
C LYS C 51 -16.24 -16.19 10.74
N LEU C 52 -17.07 -15.92 11.74
CA LEU C 52 -16.86 -14.78 12.63
C LEU C 52 -15.51 -14.88 13.32
N ASN C 53 -15.27 -15.99 14.03
CA ASN C 53 -14.00 -16.17 14.71
C ASN C 53 -12.84 -16.36 13.75
N ARG C 54 -13.10 -16.60 12.47
CA ARG C 54 -12.06 -16.54 11.46
C ARG C 54 -11.58 -15.13 11.20
N VAL C 55 -12.52 -14.18 11.08
CA VAL C 55 -12.09 -12.84 10.67
C VAL C 55 -11.51 -12.03 11.82
N ILE C 56 -11.95 -12.24 13.07
CA ILE C 56 -11.66 -11.28 14.13
C ILE C 56 -10.36 -11.56 14.87
N GLU C 57 -9.68 -12.67 14.59
CA GLU C 57 -8.38 -12.86 15.21
C GLU C 57 -7.34 -11.89 14.64
N LYS C 58 -6.44 -11.47 15.51
CA LYS C 58 -5.55 -10.35 15.28
C LYS C 58 -4.33 -10.78 14.47
N THR C 59 -3.71 -9.82 13.78
CA THR C 59 -2.54 -10.11 12.99
C THR C 59 -1.40 -9.11 13.16
N ASN C 60 -1.65 -7.92 13.68
CA ASN C 60 -0.64 -6.87 13.67
C ASN C 60 -0.17 -6.59 15.09
N GLU C 61 1.08 -6.13 15.19
CA GLU C 61 1.69 -5.69 16.45
C GLU C 61 2.83 -4.76 16.07
N LYS C 62 2.62 -3.45 16.26
CA LYS C 62 3.56 -2.42 15.85
C LYS C 62 4.02 -1.66 17.09
N PHE C 63 5.34 -1.41 17.16
CA PHE C 63 5.92 -0.74 18.31
C PHE C 63 6.53 0.60 17.96
N HIS C 64 7.44 0.65 16.98
CA HIS C 64 8.01 1.91 16.54
C HIS C 64 7.61 2.16 15.08
N GLN C 65 7.24 3.39 14.78
CA GLN C 65 6.73 3.76 13.47
C GLN C 65 7.29 5.15 13.13
N ILE C 66 6.68 5.79 12.13
CA ILE C 66 7.09 7.11 11.70
C ILE C 66 6.23 8.15 12.38
N GLU C 67 6.62 9.41 12.28
CA GLU C 67 5.81 10.51 12.79
C GLU C 67 4.66 10.81 11.84
N LYS C 68 3.48 11.05 12.41
CA LYS C 68 2.28 11.29 11.64
C LYS C 68 1.61 12.62 11.94
N GLU C 69 2.13 13.39 12.89
CA GLU C 69 1.61 14.72 13.18
C GLU C 69 2.80 15.66 13.34
N PHE C 70 2.77 16.77 12.59
CA PHE C 70 3.88 17.72 12.53
C PHE C 70 3.40 19.10 12.97
N SER C 71 4.34 19.90 13.49
CA SER C 71 4.03 21.24 13.96
C SER C 71 4.58 22.33 13.05
N GLU C 72 5.41 21.98 12.08
CA GLU C 72 6.05 22.92 11.17
C GLU C 72 5.67 22.56 9.73
N VAL C 73 6.19 23.35 8.80
CA VAL C 73 6.21 22.98 7.38
C VAL C 73 7.67 22.90 6.95
N GLU C 74 8.05 21.74 6.41
CA GLU C 74 9.46 21.43 6.18
C GLU C 74 9.78 21.19 4.70
N GLY C 75 9.06 20.29 4.04
CA GLY C 75 9.38 20.03 2.65
C GLY C 75 9.14 18.61 2.16
N ARG C 76 10.16 18.02 1.54
CA ARG C 76 9.99 16.77 0.82
C ARG C 76 9.67 15.60 1.75
N ILE C 77 10.41 15.49 2.86
CA ILE C 77 10.26 14.32 3.72
C ILE C 77 8.86 14.29 4.34
N GLN C 78 8.37 15.45 4.79
CA GLN C 78 7.04 15.52 5.37
C GLN C 78 5.96 15.21 4.34
N ASP C 79 6.14 15.70 3.11
CA ASP C 79 5.20 15.38 2.05
C ASP C 79 5.16 13.89 1.77
N LEU C 80 6.33 13.24 1.74
CA LEU C 80 6.37 11.81 1.46
C LEU C 80 5.74 11.01 2.60
N GLU C 81 5.98 11.43 3.84
CA GLU C 81 5.37 10.74 4.98
C GLU C 81 3.84 10.86 4.94
N LYS C 82 3.33 12.07 4.66
CA LYS C 82 1.88 12.24 4.59
C LYS C 82 1.28 11.44 3.45
N TYR C 83 1.99 11.37 2.31
CA TYR C 83 1.50 10.59 1.19
C TYR C 83 1.43 9.11 1.55
N VAL C 84 2.49 8.59 2.22
CA VAL C 84 2.51 7.19 2.63
C VAL C 84 1.34 6.88 3.55
N GLU C 85 1.11 7.76 4.53
CA GLU C 85 0.03 7.52 5.48
C GLU C 85 -1.32 7.56 4.79
N ASP C 86 -1.53 8.53 3.89
CA ASP C 86 -2.80 8.62 3.21
C ASP C 86 -3.04 7.38 2.33
N THR C 87 -2.01 6.91 1.64
CA THR C 87 -2.13 5.72 0.82
C THR C 87 -2.47 4.48 1.65
N LYS C 88 -1.79 4.31 2.79
CA LYS C 88 -2.06 3.17 3.65
C LYS C 88 -3.49 3.18 4.17
N ILE C 89 -3.96 4.34 4.64
CA ILE C 89 -5.32 4.43 5.17
C ILE C 89 -6.35 4.15 4.08
N ASP C 90 -6.16 4.76 2.91
CA ASP C 90 -7.11 4.56 1.82
C ASP C 90 -7.11 3.12 1.32
N LEU C 91 -5.97 2.45 1.37
CA LEU C 91 -5.91 1.07 0.92
C LEU C 91 -6.45 0.08 1.95
N TRP C 92 -6.43 0.44 3.23
CA TRP C 92 -7.01 -0.47 4.22
C TRP C 92 -8.52 -0.28 4.38
N SER C 93 -9.02 0.94 4.18
CA SER C 93 -10.46 1.14 4.29
C SER C 93 -11.24 0.38 3.21
N TYR C 94 -10.67 0.30 2.00
CA TYR C 94 -11.33 -0.45 0.93
C TYR C 94 -11.44 -1.93 1.28
N ASN C 95 -10.38 -2.51 1.83
CA ASN C 95 -10.44 -3.91 2.27
C ASN C 95 -11.47 -4.09 3.37
N ALA C 96 -11.48 -3.19 4.35
CA ALA C 96 -12.46 -3.26 5.42
C ALA C 96 -13.88 -3.28 4.86
N GLU C 97 -14.14 -2.46 3.85
CA GLU C 97 -15.49 -2.41 3.27
C GLU C 97 -15.80 -3.69 2.50
N LEU C 98 -14.89 -4.13 1.63
CA LEU C 98 -15.16 -5.25 0.74
C LEU C 98 -15.31 -6.56 1.50
N LEU C 99 -14.53 -6.77 2.57
CA LEU C 99 -14.66 -8.00 3.33
C LEU C 99 -16.07 -8.15 3.91
N VAL C 100 -16.57 -7.08 4.54
CA VAL C 100 -17.91 -7.11 5.12
C VAL C 100 -18.96 -7.29 4.04
N ALA C 101 -18.81 -6.56 2.92
CA ALA C 101 -19.80 -6.65 1.86
C ALA C 101 -19.90 -8.07 1.29
N LEU C 102 -18.76 -8.76 1.16
CA LEU C 102 -18.80 -10.13 0.63
C LEU C 102 -19.36 -11.11 1.66
N GLU C 103 -18.91 -10.99 2.92
CA GLU C 103 -19.29 -11.97 3.92
C GLU C 103 -20.77 -11.87 4.30
N ASN C 104 -21.35 -10.66 4.27
CA ASN C 104 -22.78 -10.56 4.56
C ASN C 104 -23.60 -11.28 3.50
N GLN C 105 -23.23 -11.11 2.24
CA GLN C 105 -23.92 -11.80 1.15
C GLN C 105 -23.79 -13.31 1.31
N HIS C 106 -22.59 -13.80 1.63
CA HIS C 106 -22.42 -15.24 1.78
C HIS C 106 -23.22 -15.78 2.96
N THR C 107 -23.26 -15.03 4.06
CA THR C 107 -24.03 -15.46 5.23
C THR C 107 -25.52 -15.55 4.90
N ILE C 108 -26.05 -14.51 4.24
CA ILE C 108 -27.46 -14.52 3.86
C ILE C 108 -27.76 -15.70 2.95
N ASP C 109 -26.89 -15.95 1.97
CA ASP C 109 -27.17 -17.03 1.02
C ASP C 109 -27.09 -18.40 1.68
N LEU C 110 -26.17 -18.59 2.63
CA LEU C 110 -26.07 -19.90 3.28
C LEU C 110 -27.24 -20.13 4.23
N THR C 111 -27.66 -19.09 4.97
CA THR C 111 -28.83 -19.23 5.82
C THR C 111 -30.11 -19.40 5.00
N ASP C 112 -30.11 -18.95 3.75
CA ASP C 112 -31.23 -19.26 2.87
C ASP C 112 -31.15 -20.68 2.33
N SER C 113 -29.92 -21.18 2.09
CA SER C 113 -29.74 -22.52 1.54
C SER C 113 -30.12 -23.60 2.54
N GLU C 114 -29.87 -23.36 3.83
CA GLU C 114 -30.17 -24.37 4.82
C GLU C 114 -31.68 -24.69 4.86
N MET C 115 -32.51 -23.66 4.71
CA MET C 115 -33.95 -23.86 4.69
C MET C 115 -34.37 -24.72 3.50
N ASN C 116 -33.83 -24.41 2.32
CA ASN C 116 -34.16 -25.19 1.13
C ASN C 116 -33.70 -26.64 1.29
N LYS C 117 -32.54 -26.84 1.92
CA LYS C 117 -32.06 -28.21 2.15
C LYS C 117 -33.00 -28.97 3.06
N LEU C 118 -33.45 -28.34 4.14
CA LEU C 118 -34.40 -28.99 5.04
C LEU C 118 -35.70 -29.31 4.33
N PHE C 119 -36.21 -28.37 3.53
CA PHE C 119 -37.44 -28.60 2.79
C PHE C 119 -37.29 -29.77 1.84
N GLU C 120 -36.18 -29.82 1.11
CA GLU C 120 -36.00 -30.88 0.11
C GLU C 120 -35.84 -32.24 0.78
N LYS C 121 -35.16 -32.28 1.94
CA LYS C 121 -35.07 -33.53 2.69
C LYS C 121 -36.46 -33.99 3.14
N THR C 122 -37.28 -33.06 3.68
CA THR C 122 -38.61 -33.44 4.11
C THR C 122 -39.47 -33.90 2.94
N ARG C 123 -39.28 -33.29 1.76
CA ARG C 123 -40.01 -33.74 0.58
C ARG C 123 -39.57 -35.14 0.16
N ARG C 124 -38.26 -35.41 0.21
CA ARG C 124 -37.75 -36.72 -0.18
C ARG C 124 -38.19 -37.80 0.79
N GLN C 125 -38.48 -37.44 2.05
CA GLN C 125 -38.90 -38.45 3.01
C GLN C 125 -40.31 -38.95 2.69
N LEU C 126 -41.26 -38.03 2.53
CA LEU C 126 -42.62 -38.37 2.13
C LEU C 126 -42.65 -38.65 0.64
N ARG C 127 -42.41 -39.91 0.27
CA ARG C 127 -42.15 -40.28 -1.12
C ARG C 127 -43.34 -39.94 -2.02
N GLU C 128 -44.46 -40.63 -1.81
CA GLU C 128 -45.67 -40.33 -2.59
C GLU C 128 -46.92 -40.29 -1.72
N ASN C 129 -46.78 -40.07 -0.42
CA ASN C 129 -47.92 -39.90 0.47
C ASN C 129 -48.25 -38.44 0.74
N ALA C 130 -47.54 -37.50 0.13
CA ALA C 130 -47.75 -36.09 0.40
C ALA C 130 -47.70 -35.29 -0.90
N GLU C 131 -48.33 -34.12 -0.88
CA GLU C 131 -48.28 -33.17 -1.98
C GLU C 131 -47.89 -31.81 -1.45
N GLU C 132 -47.05 -31.10 -2.19
CA GLU C 132 -46.60 -29.77 -1.78
C GLU C 132 -47.65 -28.74 -2.16
N MET C 133 -48.13 -27.98 -1.18
CA MET C 133 -49.21 -27.03 -1.39
C MET C 133 -48.73 -25.66 -1.87
N GLY C 134 -47.42 -25.49 -2.06
CA GLY C 134 -46.88 -24.31 -2.71
C GLY C 134 -46.52 -23.16 -1.79
N ASN C 135 -46.89 -23.21 -0.51
CA ASN C 135 -46.58 -22.13 0.42
C ASN C 135 -45.72 -22.58 1.59
N GLY C 136 -45.07 -23.73 1.47
CA GLY C 136 -44.19 -24.23 2.51
C GLY C 136 -44.71 -25.42 3.29
N CYS C 137 -45.96 -25.81 3.07
CA CYS C 137 -46.57 -26.92 3.80
C CYS C 137 -46.80 -28.11 2.89
N PHE C 138 -46.85 -29.28 3.50
CA PHE C 138 -47.19 -30.52 2.82
C PHE C 138 -48.57 -30.99 3.26
N LYS C 139 -49.39 -31.41 2.30
CA LYS C 139 -50.65 -32.07 2.57
C LYS C 139 -50.40 -33.57 2.52
N ILE C 140 -50.54 -34.23 3.67
CA ILE C 140 -50.30 -35.66 3.80
C ILE C 140 -51.63 -36.37 3.65
N TYR C 141 -51.72 -37.29 2.69
CA TYR C 141 -53.01 -37.81 2.25
C TYR C 141 -53.43 -39.06 3.02
N HIS C 142 -52.67 -39.46 4.04
CA HIS C 142 -53.12 -40.46 5.00
C HIS C 142 -53.19 -39.81 6.38
N LYS C 143 -53.74 -40.55 7.34
CA LYS C 143 -54.08 -40.02 8.64
C LYS C 143 -52.99 -40.39 9.65
N CYS C 144 -52.31 -39.38 10.18
CA CYS C 144 -51.26 -39.55 11.18
C CYS C 144 -51.74 -39.18 12.58
N ASP C 145 -50.99 -39.65 13.57
CA ASP C 145 -51.13 -39.28 14.97
C ASP C 145 -50.02 -38.30 15.33
N ASN C 146 -49.99 -37.90 16.61
CA ASN C 146 -48.86 -37.13 17.12
C ASN C 146 -47.57 -37.94 17.13
N ALA C 147 -47.65 -39.25 16.94
CA ALA C 147 -46.48 -40.10 16.81
C ALA C 147 -46.06 -40.33 15.36
N CYS C 148 -46.94 -40.02 14.41
CA CYS C 148 -46.57 -40.09 13.00
C CYS C 148 -45.76 -38.87 12.56
N ILE C 149 -46.13 -37.68 13.04
CA ILE C 149 -45.35 -36.49 12.71
C ILE C 149 -43.96 -36.56 13.34
N GLU C 150 -43.85 -37.15 14.54
CA GLU C 150 -42.54 -37.22 15.17
C GLU C 150 -41.64 -38.24 14.48
N SER C 151 -42.21 -39.22 13.77
CA SER C 151 -41.36 -40.11 12.99
C SER C 151 -40.82 -39.40 11.76
N ILE C 152 -41.58 -38.44 11.22
CA ILE C 152 -41.12 -37.61 10.13
C ILE C 152 -40.08 -36.61 10.61
N ARG C 153 -40.13 -36.25 11.90
CA ARG C 153 -39.20 -35.24 12.40
C ARG C 153 -37.83 -35.81 12.74
N ASN C 154 -37.77 -37.02 13.30
CA ASN C 154 -36.49 -37.64 13.65
C ASN C 154 -36.01 -38.64 12.60
N GLY C 155 -36.52 -38.53 11.37
CA GLY C 155 -35.95 -39.23 10.24
C GLY C 155 -36.09 -40.74 10.23
N THR C 156 -37.27 -41.26 10.57
CA THR C 156 -37.51 -42.70 10.50
C THR C 156 -38.93 -42.98 9.99
N TYR C 157 -39.45 -42.11 9.12
CA TYR C 157 -40.76 -42.33 8.51
C TYR C 157 -40.71 -43.50 7.54
N ASP C 158 -41.67 -44.42 7.68
CA ASP C 158 -41.79 -45.59 6.81
C ASP C 158 -42.93 -45.32 5.85
N HIS C 159 -42.60 -45.03 4.59
CA HIS C 159 -43.62 -44.60 3.64
C HIS C 159 -44.46 -45.75 3.11
N ASP C 160 -43.93 -46.97 3.11
CA ASP C 160 -44.60 -48.08 2.44
C ASP C 160 -45.77 -48.64 3.26
N VAL C 161 -45.89 -48.25 4.53
CA VAL C 161 -47.02 -48.74 5.33
C VAL C 161 -48.30 -48.00 5.00
N TYR C 162 -48.21 -46.71 4.61
CA TYR C 162 -49.38 -45.90 4.32
C TYR C 162 -49.55 -45.65 2.83
N ARG C 163 -48.84 -46.42 1.99
CA ARG C 163 -48.79 -46.13 0.57
C ARG C 163 -50.15 -46.37 -0.09
N ASP C 164 -50.75 -47.53 0.17
CA ASP C 164 -51.99 -47.88 -0.51
C ASP C 164 -53.12 -46.93 -0.12
N GLU C 165 -53.21 -46.60 1.17
CA GLU C 165 -54.24 -45.68 1.64
C GLU C 165 -54.07 -44.28 1.04
N ALA C 166 -52.83 -43.79 1.03
CA ALA C 166 -52.58 -42.46 0.45
C ALA C 166 -52.85 -42.44 -1.04
N LEU C 167 -52.45 -43.49 -1.76
CA LEU C 167 -52.68 -43.52 -3.20
C LEU C 167 -54.16 -43.59 -3.53
N ASN C 168 -54.94 -44.35 -2.75
CA ASN C 168 -56.38 -44.34 -2.97
C ASN C 168 -57.03 -43.04 -2.54
N ASN C 169 -56.41 -42.31 -1.61
CA ASN C 169 -57.00 -41.05 -1.14
C ASN C 169 -56.72 -39.87 -2.07
N ARG C 170 -55.55 -39.85 -2.71
CA ARG C 170 -55.13 -38.65 -3.44
C ARG C 170 -55.49 -38.70 -4.91
N PHE C 171 -55.53 -39.90 -5.48
CA PHE C 171 -55.69 -40.13 -6.91
C PHE C 171 -57.10 -40.57 -7.27
N GLN C 172 -57.89 -40.93 -6.27
CA GLN C 172 -59.30 -41.28 -6.43
C GLN C 172 -60.12 -40.75 -5.26
N GLY D 1 -24.75 -19.87 -13.99
CA GLY D 1 -24.53 -21.21 -14.53
C GLY D 1 -24.47 -22.28 -13.46
N LEU D 2 -24.76 -21.90 -12.22
CA LEU D 2 -24.72 -22.85 -11.12
C LEU D 2 -26.02 -23.65 -10.99
N PHE D 3 -27.14 -23.09 -11.47
CA PHE D 3 -28.43 -23.76 -11.38
C PHE D 3 -28.80 -24.54 -12.63
N GLY D 4 -28.14 -24.26 -13.75
CA GLY D 4 -28.39 -25.02 -14.96
C GLY D 4 -29.68 -24.67 -15.69
N ALA D 5 -30.18 -23.45 -15.51
CA ALA D 5 -31.40 -23.03 -16.19
C ALA D 5 -31.08 -22.33 -17.50
N ILE D 6 -30.32 -21.24 -17.45
CA ILE D 6 -29.85 -20.59 -18.66
C ILE D 6 -28.64 -21.34 -19.19
N ALA D 7 -28.63 -21.60 -20.50
CA ALA D 7 -27.62 -22.45 -21.15
C ALA D 7 -27.60 -23.86 -20.57
N GLY D 8 -28.68 -24.27 -19.90
CA GLY D 8 -28.78 -25.60 -19.34
C GLY D 8 -29.87 -26.41 -19.99
N PHE D 9 -31.00 -26.60 -19.32
CA PHE D 9 -32.12 -27.32 -19.92
C PHE D 9 -33.01 -26.42 -20.76
N ILE D 10 -32.66 -25.14 -20.91
CA ILE D 10 -33.29 -24.25 -21.88
C ILE D 10 -32.29 -24.01 -23.00
N GLU D 11 -32.64 -24.49 -24.20
CA GLU D 11 -31.64 -24.62 -25.26
C GLU D 11 -31.09 -23.27 -25.69
N ASN D 12 -31.96 -22.36 -26.11
CA ASN D 12 -31.53 -21.06 -26.62
C ASN D 12 -32.43 -19.96 -26.07
N GLY D 13 -32.12 -18.72 -26.43
CA GLY D 13 -32.92 -17.58 -26.06
C GLY D 13 -33.94 -17.22 -27.12
N TRP D 14 -34.78 -16.23 -26.78
CA TRP D 14 -35.83 -15.75 -27.67
C TRP D 14 -35.50 -14.33 -28.10
N GLU D 15 -35.03 -14.18 -29.34
CA GLU D 15 -34.66 -12.87 -29.86
C GLU D 15 -35.86 -12.02 -30.24
N GLY D 16 -37.05 -12.60 -30.31
CA GLY D 16 -38.27 -11.85 -30.51
C GLY D 16 -38.89 -11.27 -29.26
N MET D 17 -38.21 -11.43 -28.12
CA MET D 17 -38.71 -10.94 -26.84
C MET D 17 -38.16 -9.53 -26.63
N ILE D 18 -39.04 -8.53 -26.66
CA ILE D 18 -38.65 -7.14 -26.51
C ILE D 18 -39.36 -6.44 -25.36
N ASP D 19 -40.31 -7.11 -24.70
CA ASP D 19 -41.01 -6.47 -23.58
C ASP D 19 -40.19 -6.54 -22.30
N GLY D 20 -39.75 -7.74 -21.93
CA GLY D 20 -38.98 -7.93 -20.71
C GLY D 20 -37.81 -8.89 -20.89
N TRP D 21 -37.22 -9.33 -19.78
CA TRP D 21 -36.12 -10.29 -19.85
C TRP D 21 -36.62 -11.72 -19.81
N TYR D 22 -37.62 -12.01 -18.98
CA TYR D 22 -38.22 -13.33 -18.87
C TYR D 22 -39.69 -13.25 -19.29
N GLY D 23 -40.17 -14.33 -19.89
CA GLY D 23 -41.53 -14.34 -20.37
C GLY D 23 -42.00 -15.75 -20.68
N PHE D 24 -43.23 -15.83 -21.18
CA PHE D 24 -43.89 -17.08 -21.51
C PHE D 24 -44.16 -17.16 -23.01
N ARG D 25 -44.54 -18.35 -23.45
CA ARG D 25 -44.94 -18.56 -24.85
C ARG D 25 -45.73 -19.86 -24.89
N HIS D 26 -47.04 -19.74 -25.15
CA HIS D 26 -47.96 -20.86 -25.05
C HIS D 26 -48.43 -21.29 -26.44
N GLN D 27 -48.81 -22.57 -26.54
CA GLN D 27 -49.36 -23.13 -27.76
C GLN D 27 -50.69 -23.78 -27.37
N ASN D 28 -51.79 -23.19 -27.82
CA ASN D 28 -53.10 -23.50 -27.27
C ASN D 28 -53.96 -24.21 -28.33
N SER D 29 -55.22 -24.45 -27.99
CA SER D 29 -56.19 -24.94 -28.96
C SER D 29 -56.79 -23.84 -29.83
N GLU D 30 -56.45 -22.57 -29.58
CA GLU D 30 -56.96 -21.48 -30.40
C GLU D 30 -55.87 -20.76 -31.18
N GLY D 31 -54.62 -21.16 -31.03
CA GLY D 31 -53.51 -20.54 -31.71
C GLY D 31 -52.30 -20.48 -30.80
N THR D 32 -51.39 -19.57 -31.10
CA THR D 32 -50.19 -19.34 -30.31
C THR D 32 -50.22 -17.94 -29.72
N GLY D 33 -49.26 -17.66 -28.86
CA GLY D 33 -49.18 -16.37 -28.22
C GLY D 33 -47.83 -16.16 -27.56
N GLN D 34 -47.70 -15.01 -26.90
CA GLN D 34 -46.47 -14.68 -26.21
C GLN D 34 -46.75 -13.51 -25.26
N ALA D 35 -46.00 -13.49 -24.15
CA ALA D 35 -46.16 -12.45 -23.14
C ALA D 35 -44.88 -12.39 -22.31
N ALA D 36 -44.86 -11.52 -21.31
CA ALA D 36 -43.73 -11.38 -20.41
C ALA D 36 -44.21 -11.42 -18.97
N ASP D 37 -43.23 -11.53 -18.06
CA ASP D 37 -43.47 -11.54 -16.62
C ASP D 37 -42.66 -10.39 -16.01
N LEU D 38 -43.37 -9.44 -15.39
CA LEU D 38 -42.72 -8.23 -14.93
C LEU D 38 -41.90 -8.43 -13.66
N LYS D 39 -42.32 -9.36 -12.79
CA LYS D 39 -41.73 -9.43 -11.44
C LYS D 39 -40.28 -9.92 -11.48
N SER D 40 -40.01 -11.00 -12.22
CA SER D 40 -38.65 -11.51 -12.29
C SER D 40 -37.72 -10.51 -12.96
N THR D 41 -38.17 -9.92 -14.08
CA THR D 41 -37.39 -8.90 -14.75
C THR D 41 -37.10 -7.74 -13.82
N GLN D 42 -38.10 -7.32 -13.04
CA GLN D 42 -37.92 -6.19 -12.12
C GLN D 42 -36.94 -6.53 -11.02
N ALA D 43 -37.01 -7.76 -10.48
CA ALA D 43 -36.08 -8.15 -9.44
C ALA D 43 -34.65 -8.14 -9.97
N ALA D 44 -34.44 -8.72 -11.15
CA ALA D 44 -33.10 -8.74 -11.74
C ALA D 44 -32.59 -7.35 -12.01
N ILE D 45 -33.43 -6.49 -12.59
CA ILE D 45 -33.02 -5.12 -12.93
C ILE D 45 -32.67 -4.35 -11.66
N ASP D 46 -33.50 -4.47 -10.61
CA ASP D 46 -33.22 -3.78 -9.37
C ASP D 46 -31.92 -4.25 -8.74
N GLN D 47 -31.67 -5.56 -8.73
CA GLN D 47 -30.43 -6.06 -8.15
C GLN D 47 -29.22 -5.57 -8.94
N ILE D 48 -29.28 -5.63 -10.27
CA ILE D 48 -28.12 -5.24 -11.07
C ILE D 48 -27.88 -3.74 -10.97
N ASN D 49 -28.95 -2.94 -10.95
CA ASN D 49 -28.80 -1.50 -10.78
C ASN D 49 -28.24 -1.15 -9.41
N GLY D 50 -28.72 -1.81 -8.35
CA GLY D 50 -28.17 -1.59 -7.04
C GLY D 50 -26.68 -1.87 -6.98
N LYS D 51 -26.27 -3.02 -7.53
CA LYS D 51 -24.84 -3.34 -7.59
C LYS D 51 -24.05 -2.28 -8.34
N LEU D 52 -24.52 -1.93 -9.55
CA LEU D 52 -23.81 -0.98 -10.38
C LEU D 52 -23.64 0.35 -9.67
N ASN D 53 -24.74 0.95 -9.24
CA ASN D 53 -24.67 2.23 -8.55
C ASN D 53 -24.02 2.12 -7.17
N ARG D 54 -23.85 0.89 -6.66
CA ARG D 54 -23.02 0.68 -5.47
C ARG D 54 -21.56 0.88 -5.76
N VAL D 55 -21.06 0.34 -6.88
CA VAL D 55 -19.61 0.38 -7.08
C VAL D 55 -19.13 1.73 -7.61
N ILE D 56 -19.95 2.46 -8.39
CA ILE D 56 -19.41 3.58 -9.17
C ILE D 56 -19.43 4.90 -8.41
N GLU D 57 -19.99 4.96 -7.21
CA GLU D 57 -19.90 6.20 -6.46
C GLU D 57 -18.47 6.43 -5.96
N LYS D 58 -18.10 7.70 -5.92
CA LYS D 58 -16.72 8.13 -5.77
C LYS D 58 -16.32 8.15 -4.30
N THR D 59 -15.01 8.03 -4.05
CA THR D 59 -14.51 8.04 -2.69
C THR D 59 -13.30 8.93 -2.47
N ASN D 60 -12.58 9.32 -3.52
CA ASN D 60 -11.30 10.00 -3.33
C ASN D 60 -11.41 11.45 -3.78
N GLU D 61 -10.58 12.30 -3.16
CA GLU D 61 -10.45 13.71 -3.54
C GLU D 61 -9.08 14.17 -3.03
N LYS D 62 -8.12 14.31 -3.95
CA LYS D 62 -6.74 14.63 -3.63
C LYS D 62 -6.39 15.96 -4.26
N PHE D 63 -5.70 16.80 -3.49
CA PHE D 63 -5.34 18.15 -3.92
C PHE D 63 -3.83 18.33 -4.02
N HIS D 64 -3.08 18.08 -2.97
CA HIS D 64 -1.63 18.16 -3.01
C HIS D 64 -1.03 16.77 -2.77
N GLN D 65 -0.02 16.44 -3.55
CA GLN D 65 0.59 15.11 -3.51
C GLN D 65 2.09 15.29 -3.68
N ILE D 66 2.78 14.19 -4.00
CA ILE D 66 4.21 14.21 -4.19
C ILE D 66 4.51 14.34 -5.68
N GLU D 67 5.76 14.61 -6.01
CA GLU D 67 6.20 14.67 -7.40
C GLU D 67 6.36 13.25 -7.96
N LYS D 68 5.90 13.06 -9.20
CA LYS D 68 5.92 11.76 -9.84
C LYS D 68 6.69 11.74 -11.15
N GLU D 69 7.18 12.89 -11.61
CA GLU D 69 8.02 12.95 -12.81
C GLU D 69 9.20 13.85 -12.53
N PHE D 70 10.40 13.34 -12.79
CA PHE D 70 11.65 14.01 -12.47
C PHE D 70 12.47 14.22 -13.73
N SER D 71 13.31 15.26 -13.70
CA SER D 71 14.16 15.59 -14.84
C SER D 71 15.62 15.27 -14.61
N GLU D 72 16.00 14.93 -13.39
CA GLU D 72 17.38 14.66 -13.00
C GLU D 72 17.47 13.24 -12.45
N VAL D 73 18.68 12.85 -12.06
CA VAL D 73 18.91 11.69 -11.21
C VAL D 73 19.56 12.19 -9.92
N GLU D 74 18.93 11.86 -8.78
CA GLU D 74 19.29 12.45 -7.51
C GLU D 74 19.76 11.43 -6.48
N GLY D 75 18.97 10.39 -6.22
CA GLY D 75 19.38 9.41 -5.23
C GLY D 75 18.27 8.74 -4.43
N ARG D 76 18.39 8.78 -3.10
CA ARG D 76 17.54 7.98 -2.25
C ARG D 76 16.09 8.44 -2.28
N ILE D 77 15.86 9.76 -2.19
CA ILE D 77 14.48 10.26 -2.09
C ILE D 77 13.71 9.94 -3.36
N GLN D 78 14.33 10.14 -4.52
CA GLN D 78 13.66 9.84 -5.79
C GLN D 78 13.36 8.35 -5.93
N ASP D 79 14.31 7.51 -5.50
CA ASP D 79 14.07 6.07 -5.53
C ASP D 79 12.90 5.69 -4.64
N LEU D 80 12.81 6.27 -3.45
CA LEU D 80 11.72 5.94 -2.54
C LEU D 80 10.38 6.41 -3.09
N GLU D 81 10.37 7.60 -3.70
CA GLU D 81 9.13 8.10 -4.30
C GLU D 81 8.66 7.20 -5.44
N LYS D 82 9.59 6.79 -6.31
CA LYS D 82 9.21 5.92 -7.42
C LYS D 82 8.73 4.57 -6.92
N TYR D 83 9.36 4.05 -5.85
CA TYR D 83 8.92 2.78 -5.28
C TYR D 83 7.51 2.89 -4.71
N VAL D 84 7.23 3.99 -3.99
CA VAL D 84 5.90 4.21 -3.42
C VAL D 84 4.86 4.26 -4.52
N GLU D 85 5.14 4.99 -5.60
CA GLU D 85 4.18 5.11 -6.68
C GLU D 85 3.95 3.78 -7.37
N ASP D 86 5.03 3.03 -7.62
CA ASP D 86 4.86 1.73 -8.26
C ASP D 86 4.05 0.78 -7.39
N THR D 87 4.31 0.77 -6.08
CA THR D 87 3.55 -0.09 -5.17
C THR D 87 2.07 0.29 -5.15
N LYS D 88 1.77 1.58 -5.09
CA LYS D 88 0.37 2.01 -5.07
C LYS D 88 -0.36 1.60 -6.35
N ILE D 89 0.28 1.82 -7.50
CA ILE D 89 -0.37 1.48 -8.77
C ILE D 89 -0.59 -0.02 -8.87
N ASP D 90 0.43 -0.81 -8.52
CA ASP D 90 0.31 -2.27 -8.61
C ASP D 90 -0.73 -2.81 -7.64
N LEU D 91 -0.88 -2.16 -6.47
CA LEU D 91 -1.87 -2.63 -5.50
C LEU D 91 -3.29 -2.21 -5.85
N TRP D 92 -3.46 -1.11 -6.60
CA TRP D 92 -4.81 -0.73 -6.99
C TRP D 92 -5.29 -1.45 -8.24
N SER D 93 -4.37 -1.80 -9.16
CA SER D 93 -4.79 -2.53 -10.36
C SER D 93 -5.33 -3.92 -10.02
N TYR D 94 -4.73 -4.58 -9.02
CA TYR D 94 -5.21 -5.90 -8.61
C TYR D 94 -6.64 -5.82 -8.08
N ASN D 95 -6.94 -4.81 -7.25
CA ASN D 95 -8.29 -4.63 -6.76
C ASN D 95 -9.26 -4.35 -7.91
N ALA D 96 -8.86 -3.47 -8.84
CA ALA D 96 -9.70 -3.18 -9.99
C ALA D 96 -10.04 -4.45 -10.76
N GLU D 97 -9.08 -5.35 -10.91
CA GLU D 97 -9.32 -6.61 -11.64
C GLU D 97 -10.26 -7.53 -10.85
N LEU D 98 -9.94 -7.74 -9.56
CA LEU D 98 -10.68 -8.73 -8.77
C LEU D 98 -12.13 -8.32 -8.55
N LEU D 99 -12.40 -7.03 -8.34
CA LEU D 99 -13.77 -6.59 -8.14
C LEU D 99 -14.64 -6.96 -9.34
N VAL D 100 -14.17 -6.64 -10.55
CA VAL D 100 -14.92 -6.94 -11.76
C VAL D 100 -15.07 -8.45 -11.93
N ALA D 101 -13.99 -9.20 -11.70
CA ALA D 101 -14.05 -10.64 -11.88
C ALA D 101 -15.07 -11.29 -10.95
N LEU D 102 -15.17 -10.80 -9.71
CA LEU D 102 -16.15 -11.39 -8.78
C LEU D 102 -17.58 -10.96 -9.14
N GLU D 103 -17.77 -9.67 -9.44
CA GLU D 103 -19.13 -9.18 -9.66
C GLU D 103 -19.73 -9.73 -10.95
N ASN D 104 -18.93 -9.96 -11.99
CA ASN D 104 -19.50 -10.54 -13.21
C ASN D 104 -20.03 -11.94 -12.93
N GLN D 105 -19.27 -12.74 -12.19
CA GLN D 105 -19.72 -14.08 -11.83
C GLN D 105 -21.01 -14.03 -11.02
N HIS D 106 -21.07 -13.12 -10.04
CA HIS D 106 -22.28 -13.03 -9.22
C HIS D 106 -23.49 -12.58 -10.05
N THR D 107 -23.28 -11.64 -10.97
CA THR D 107 -24.37 -11.20 -11.84
C THR D 107 -24.89 -12.33 -12.70
N ILE D 108 -23.97 -13.07 -13.34
CA ILE D 108 -24.38 -14.20 -14.18
C ILE D 108 -25.15 -15.22 -13.36
N ASP D 109 -24.67 -15.54 -12.15
CA ASP D 109 -25.33 -16.57 -11.37
C ASP D 109 -26.70 -16.12 -10.88
N LEU D 110 -26.87 -14.83 -10.55
CA LEU D 110 -28.18 -14.37 -10.09
C LEU D 110 -29.18 -14.29 -11.24
N THR D 111 -28.73 -13.84 -12.42
CA THR D 111 -29.61 -13.84 -13.58
C THR D 111 -29.94 -15.26 -14.04
N ASP D 112 -29.10 -16.24 -13.71
CA ASP D 112 -29.45 -17.63 -13.96
C ASP D 112 -30.43 -18.16 -12.90
N SER D 113 -30.29 -17.68 -11.66
CA SER D 113 -31.14 -18.16 -10.57
C SER D 113 -32.57 -17.66 -10.72
N GLU D 114 -32.76 -16.45 -11.25
CA GLU D 114 -34.11 -15.91 -11.40
C GLU D 114 -34.96 -16.79 -12.32
N MET D 115 -34.35 -17.30 -13.39
CA MET D 115 -35.07 -18.17 -14.32
C MET D 115 -35.51 -19.45 -13.64
N ASN D 116 -34.60 -20.07 -12.88
CA ASN D 116 -34.95 -21.29 -12.16
C ASN D 116 -36.05 -21.04 -11.14
N LYS D 117 -36.02 -19.87 -10.49
CA LYS D 117 -37.07 -19.55 -9.53
C LYS D 117 -38.42 -19.42 -10.22
N LEU D 118 -38.46 -18.73 -11.37
CA LEU D 118 -39.71 -18.61 -12.12
C LEU D 118 -40.21 -19.98 -12.56
N PHE D 119 -39.30 -20.83 -13.06
CA PHE D 119 -39.69 -22.17 -13.49
C PHE D 119 -40.28 -22.97 -12.34
N GLU D 120 -39.63 -22.92 -11.18
CA GLU D 120 -40.08 -23.72 -10.05
C GLU D 120 -41.42 -23.21 -9.51
N LYS D 121 -41.62 -21.89 -9.53
CA LYS D 121 -42.93 -21.35 -9.16
C LYS D 121 -44.02 -21.84 -10.12
N THR D 122 -43.74 -21.78 -11.43
CA THR D 122 -44.73 -22.24 -12.40
C THR D 122 -45.02 -23.73 -12.25
N ARG D 123 -43.99 -24.51 -11.89
CA ARG D 123 -44.21 -25.94 -11.64
C ARG D 123 -45.07 -26.16 -10.40
N ARG D 124 -44.81 -25.38 -9.34
CA ARG D 124 -45.58 -25.52 -8.11
C ARG D 124 -47.02 -25.08 -8.29
N GLN D 125 -47.30 -24.20 -9.26
CA GLN D 125 -48.67 -23.77 -9.47
C GLN D 125 -49.51 -24.89 -10.08
N LEU D 126 -49.04 -25.49 -11.18
CA LEU D 126 -49.71 -26.62 -11.80
C LEU D 126 -49.39 -27.88 -10.99
N ARG D 127 -50.23 -28.16 -9.99
CA ARG D 127 -49.93 -29.16 -8.97
C ARG D 127 -49.76 -30.55 -9.60
N GLU D 128 -50.84 -31.10 -10.15
CA GLU D 128 -50.76 -32.40 -10.82
C GLU D 128 -51.53 -32.42 -12.13
N ASN D 129 -51.78 -31.27 -12.74
CA ASN D 129 -52.40 -31.19 -14.05
C ASN D 129 -51.40 -31.02 -15.18
N ALA D 130 -50.10 -31.01 -14.88
CA ALA D 130 -49.09 -30.79 -15.90
C ALA D 130 -47.92 -31.74 -15.69
N GLU D 131 -47.17 -31.97 -16.76
CA GLU D 131 -45.94 -32.74 -16.74
C GLU D 131 -44.83 -31.96 -17.40
N GLU D 132 -43.63 -32.02 -16.83
CA GLU D 132 -42.49 -31.30 -17.40
C GLU D 132 -41.87 -32.12 -18.52
N MET D 133 -41.77 -31.52 -19.71
CA MET D 133 -41.32 -32.22 -20.89
C MET D 133 -39.80 -32.20 -21.04
N GLY D 134 -39.07 -31.58 -20.11
CA GLY D 134 -37.64 -31.69 -20.05
C GLY D 134 -36.87 -30.62 -20.81
N ASN D 135 -37.52 -29.81 -21.62
CA ASN D 135 -36.83 -28.78 -22.40
C ASN D 135 -37.32 -27.37 -22.07
N GLY D 136 -38.01 -27.20 -20.94
CA GLY D 136 -38.47 -25.90 -20.50
C GLY D 136 -39.97 -25.68 -20.62
N CYS D 137 -40.71 -26.62 -21.21
CA CYS D 137 -42.14 -26.48 -21.41
C CYS D 137 -42.89 -27.47 -20.53
N PHE D 138 -44.14 -27.11 -20.23
CA PHE D 138 -45.06 -27.98 -19.51
C PHE D 138 -46.15 -28.47 -20.47
N LYS D 139 -46.46 -29.75 -20.39
CA LYS D 139 -47.60 -30.33 -21.09
C LYS D 139 -48.75 -30.37 -20.10
N ILE D 140 -49.79 -29.58 -20.37
CA ILE D 140 -50.96 -29.47 -19.50
C ILE D 140 -52.02 -30.44 -20.03
N TYR D 141 -52.47 -31.34 -19.17
CA TYR D 141 -53.24 -32.49 -19.62
C TYR D 141 -54.74 -32.23 -19.63
N HIS D 142 -55.18 -31.01 -19.32
CA HIS D 142 -56.54 -30.58 -19.56
C HIS D 142 -56.53 -29.46 -20.58
N LYS D 143 -57.72 -29.06 -21.02
CA LYS D 143 -57.89 -28.15 -22.14
C LYS D 143 -58.17 -26.74 -21.61
N CYS D 144 -57.26 -25.81 -21.89
CA CYS D 144 -57.36 -24.41 -21.51
C CYS D 144 -57.76 -23.53 -22.68
N ASP D 145 -58.24 -22.33 -22.34
CA ASP D 145 -58.51 -21.25 -23.27
C ASP D 145 -57.38 -20.22 -23.16
N ASN D 146 -57.50 -19.13 -23.93
CA ASN D 146 -56.61 -18.00 -23.74
C ASN D 146 -56.81 -17.30 -22.40
N ALA D 147 -57.87 -17.63 -21.68
CA ALA D 147 -58.10 -17.14 -20.33
C ALA D 147 -57.60 -18.09 -19.26
N CYS D 148 -57.32 -19.34 -19.62
CA CYS D 148 -56.71 -20.28 -18.67
C CYS D 148 -55.21 -20.04 -18.53
N ILE D 149 -54.51 -19.76 -19.64
CA ILE D 149 -53.09 -19.46 -19.55
C ILE D 149 -52.85 -18.16 -18.80
N GLU D 150 -53.75 -17.17 -18.95
CA GLU D 150 -53.55 -15.92 -18.25
C GLU D 150 -53.81 -16.06 -16.76
N SER D 151 -54.58 -17.05 -16.33
CA SER D 151 -54.73 -17.27 -14.90
C SER D 151 -53.47 -17.89 -14.33
N ILE D 152 -52.74 -18.67 -15.14
CA ILE D 152 -51.45 -19.21 -14.74
C ILE D 152 -50.39 -18.12 -14.73
N ARG D 153 -50.58 -17.08 -15.54
CA ARG D 153 -49.55 -16.04 -15.64
C ARG D 153 -49.65 -15.02 -14.50
N ASN D 154 -50.86 -14.64 -14.09
CA ASN D 154 -51.03 -13.69 -13.00
C ASN D 154 -51.29 -14.35 -11.65
N GLY D 155 -50.93 -15.63 -11.52
CA GLY D 155 -50.90 -16.27 -10.21
C GLY D 155 -52.22 -16.51 -9.52
N THR D 156 -53.24 -16.96 -10.25
CA THR D 156 -54.52 -17.31 -9.64
C THR D 156 -55.11 -18.57 -10.28
N TYR D 157 -54.25 -19.48 -10.72
CA TYR D 157 -54.71 -20.75 -11.27
C TYR D 157 -55.33 -21.63 -10.18
N ASP D 158 -56.52 -22.15 -10.45
CA ASP D 158 -57.23 -23.03 -9.54
C ASP D 158 -57.09 -24.45 -10.06
N HIS D 159 -56.25 -25.25 -9.41
CA HIS D 159 -55.91 -26.57 -9.93
C HIS D 159 -57.01 -27.60 -9.69
N ASP D 160 -57.84 -27.41 -8.67
CA ASP D 160 -58.79 -28.44 -8.27
C ASP D 160 -60.01 -28.50 -9.18
N VAL D 161 -60.21 -27.52 -10.05
CA VAL D 161 -61.34 -27.56 -10.98
C VAL D 161 -61.07 -28.51 -12.13
N TYR D 162 -59.82 -28.64 -12.57
CA TYR D 162 -59.47 -29.49 -13.70
C TYR D 162 -58.76 -30.76 -13.28
N ARG D 163 -58.84 -31.10 -11.98
CA ARG D 163 -58.04 -32.20 -11.46
C ARG D 163 -58.52 -33.54 -12.00
N ASP D 164 -59.83 -33.79 -11.95
CA ASP D 164 -60.35 -35.09 -12.35
C ASP D 164 -60.12 -35.34 -13.85
N GLU D 165 -60.36 -34.32 -14.66
CA GLU D 165 -60.14 -34.44 -16.11
C GLU D 165 -58.67 -34.69 -16.44
N ALA D 166 -57.77 -33.95 -15.81
CA ALA D 166 -56.34 -34.14 -16.06
C ALA D 166 -55.87 -35.51 -15.59
N LEU D 167 -56.34 -35.95 -14.42
CA LEU D 167 -55.92 -37.26 -13.91
C LEU D 167 -56.42 -38.38 -14.80
N ASN D 168 -57.65 -38.27 -15.31
CA ASN D 168 -58.11 -39.30 -16.25
C ASN D 168 -57.42 -39.20 -17.60
N ASN D 169 -56.92 -38.02 -17.96
CA ASN D 169 -56.25 -37.86 -19.26
C ASN D 169 -54.80 -38.33 -19.25
N ARG D 170 -54.09 -38.18 -18.13
CA ARG D 170 -52.64 -38.40 -18.13
C ARG D 170 -52.28 -39.82 -17.69
N PHE D 171 -53.10 -40.41 -16.82
CA PHE D 171 -52.82 -41.68 -16.17
C PHE D 171 -53.60 -42.83 -16.80
N GLN D 172 -54.58 -42.51 -17.64
CA GLN D 172 -55.35 -43.49 -18.39
C GLN D 172 -55.64 -42.98 -19.79
N ASN E 1 -57.40 -31.16 -30.53
CA ASN E 1 -56.47 -31.40 -29.43
C ASN E 1 -57.12 -31.05 -28.09
N SER E 2 -56.85 -31.88 -27.09
CA SER E 2 -57.41 -31.70 -25.75
C SER E 2 -56.33 -31.39 -24.72
N THR E 3 -55.19 -30.86 -25.15
CA THR E 3 -54.11 -30.47 -24.26
C THR E 3 -53.64 -29.06 -24.58
N ALA E 4 -52.55 -28.63 -23.94
CA ALA E 4 -51.96 -27.33 -24.22
C ALA E 4 -50.47 -27.39 -23.87
N THR E 5 -49.77 -26.29 -24.10
CA THR E 5 -48.35 -26.21 -23.80
C THR E 5 -48.03 -24.79 -23.32
N LEU E 6 -47.02 -24.69 -22.45
CA LEU E 6 -46.60 -23.41 -21.89
C LEU E 6 -45.09 -23.45 -21.72
N CYS E 7 -44.36 -22.74 -22.59
CA CYS E 7 -42.91 -22.71 -22.54
C CYS E 7 -42.40 -21.44 -21.88
N LEU E 8 -41.26 -21.55 -21.21
CA LEU E 8 -40.60 -20.43 -20.55
C LEU E 8 -39.23 -20.22 -21.17
N GLY E 9 -38.75 -18.98 -21.12
CA GLY E 9 -37.46 -18.66 -21.71
C GLY E 9 -37.06 -17.24 -21.40
N HIS E 10 -35.89 -16.86 -21.94
CA HIS E 10 -35.33 -15.54 -21.73
C HIS E 10 -34.94 -14.94 -23.08
N HIS E 11 -34.47 -13.70 -23.06
CA HIS E 11 -34.16 -12.97 -24.27
C HIS E 11 -32.67 -13.11 -24.62
N ALA E 12 -32.34 -12.79 -25.87
CA ALA E 12 -30.97 -12.80 -26.34
C ALA E 12 -30.80 -11.69 -27.36
N VAL E 13 -29.57 -11.29 -27.61
CA VAL E 13 -29.28 -10.26 -28.60
C VAL E 13 -28.35 -10.85 -29.64
N PRO E 14 -28.36 -10.31 -30.87
CA PRO E 14 -27.49 -10.88 -31.92
C PRO E 14 -26.00 -10.73 -31.68
N ASN E 15 -25.53 -9.50 -31.46
CA ASN E 15 -24.21 -9.22 -30.93
C ASN E 15 -24.24 -8.93 -29.44
N GLY E 16 -23.54 -9.73 -28.64
CA GLY E 16 -23.40 -9.44 -27.24
C GLY E 16 -22.02 -8.89 -26.94
N THR E 17 -21.54 -9.04 -25.71
CA THR E 17 -20.26 -8.47 -25.31
C THR E 17 -19.47 -9.50 -24.50
N LEU E 18 -18.16 -9.53 -24.70
CA LEU E 18 -17.32 -10.49 -24.00
C LEU E 18 -16.83 -9.86 -22.70
N VAL E 19 -17.01 -10.58 -21.59
CA VAL E 19 -16.55 -10.15 -20.28
C VAL E 19 -15.75 -11.29 -19.65
N LYS E 20 -15.02 -10.96 -18.58
CA LYS E 20 -14.24 -11.93 -17.84
C LYS E 20 -14.96 -12.30 -16.55
N THR E 21 -14.83 -13.57 -16.15
CA THR E 21 -15.45 -14.02 -14.92
C THR E 21 -14.43 -14.68 -14.00
N ILE E 22 -14.90 -15.27 -12.90
CA ILE E 22 -14.00 -15.98 -12.00
C ILE E 22 -13.52 -17.28 -12.67
N THR E 23 -14.39 -17.94 -13.42
CA THR E 23 -14.04 -19.19 -14.09
C THR E 23 -13.53 -18.93 -15.50
N ASP E 24 -14.35 -18.32 -16.34
CA ASP E 24 -14.01 -18.10 -17.73
C ASP E 24 -13.29 -16.76 -17.90
N ASP E 25 -12.55 -16.65 -19.01
CA ASP E 25 -11.88 -15.42 -19.35
C ASP E 25 -12.61 -14.65 -20.44
N GLN E 26 -13.44 -15.33 -21.24
CA GLN E 26 -14.22 -14.68 -22.30
C GLN E 26 -15.59 -15.36 -22.33
N ILE E 27 -16.58 -14.70 -21.75
CA ILE E 27 -17.96 -15.19 -21.73
C ILE E 27 -18.87 -14.10 -22.28
N GLU E 28 -19.82 -14.49 -23.12
CA GLU E 28 -20.61 -13.56 -23.91
C GLU E 28 -21.92 -13.28 -23.20
N VAL E 29 -22.14 -12.01 -22.85
CA VAL E 29 -23.34 -11.56 -22.18
C VAL E 29 -24.11 -10.64 -23.11
N THR E 30 -25.32 -10.25 -22.69
CA THR E 30 -26.16 -9.41 -23.54
C THR E 30 -25.78 -7.93 -23.48
N ASN E 31 -25.06 -7.49 -22.46
CA ASN E 31 -24.75 -6.08 -22.30
C ASN E 31 -23.62 -5.91 -21.30
N ALA E 32 -22.82 -4.86 -21.49
CA ALA E 32 -21.73 -4.55 -20.59
C ALA E 32 -21.44 -3.06 -20.65
N THR E 33 -20.84 -2.55 -19.57
CA THR E 33 -20.48 -1.14 -19.46
C THR E 33 -18.99 -1.01 -19.17
N GLU E 34 -18.41 0.15 -19.56
CA GLU E 34 -16.98 0.43 -19.30
C GLU E 34 -16.85 1.36 -18.09
N LEU E 35 -15.77 1.23 -17.32
CA LEU E 35 -15.57 2.06 -16.09
C LEU E 35 -14.36 2.98 -16.27
N VAL E 36 -13.54 2.75 -17.29
CA VAL E 36 -12.31 3.57 -17.50
C VAL E 36 -12.58 4.60 -18.60
N GLN E 37 -12.21 5.86 -18.36
CA GLN E 37 -12.35 6.94 -19.37
C GLN E 37 -10.96 7.37 -19.85
N SER E 38 -10.64 7.20 -21.13
CA SER E 38 -9.25 7.43 -21.60
C SER E 38 -9.20 8.46 -22.72
N SER E 39 -10.18 9.37 -22.77
CA SER E 39 -10.18 10.45 -23.79
C SER E 39 -10.06 11.81 -23.10
N SER E 40 -9.55 12.82 -23.80
CA SER E 40 -9.58 14.17 -23.27
C SER E 40 -10.04 15.13 -24.36
N THR E 41 -10.61 16.26 -23.94
CA THR E 41 -11.11 17.25 -24.90
C THR E 41 -9.99 18.05 -25.53
N GLY E 42 -8.92 18.34 -24.77
CA GLY E 42 -7.77 19.07 -25.26
C GLY E 42 -7.65 20.48 -24.72
N LYS E 43 -8.66 20.99 -24.04
CA LYS E 43 -8.65 22.33 -23.50
C LYS E 43 -8.92 22.29 -21.99
N ILE E 44 -8.51 23.35 -21.31
CA ILE E 44 -8.69 23.47 -19.86
C ILE E 44 -9.80 24.47 -19.61
N CYS E 45 -10.94 23.99 -19.11
CA CYS E 45 -12.07 24.86 -18.82
C CYS E 45 -11.77 25.69 -17.58
N ASN E 46 -12.22 26.95 -17.59
CA ASN E 46 -11.96 27.89 -16.50
C ASN E 46 -13.17 28.07 -15.59
N ASN E 47 -13.95 27.00 -15.38
CA ASN E 47 -15.09 27.03 -14.49
C ASN E 47 -15.29 25.62 -13.95
N PRO E 48 -15.62 25.46 -12.66
CA PRO E 48 -15.78 26.56 -11.70
C PRO E 48 -14.50 26.88 -10.93
N HIS E 49 -13.38 26.36 -11.39
CA HIS E 49 -12.09 26.67 -10.77
C HIS E 49 -11.54 27.98 -11.34
N ARG E 50 -10.65 28.61 -10.57
CA ARG E 50 -10.01 29.86 -10.96
C ARG E 50 -8.60 29.53 -11.45
N ILE E 51 -8.43 29.52 -12.77
CA ILE E 51 -7.17 29.14 -13.41
C ILE E 51 -6.39 30.40 -13.75
N LEU E 52 -5.08 30.37 -13.46
CA LEU E 52 -4.17 31.45 -13.80
C LEU E 52 -3.15 30.94 -14.80
N ASP E 53 -3.00 31.66 -15.91
CA ASP E 53 -2.14 31.24 -17.02
C ASP E 53 -0.79 31.94 -16.90
N GLY E 54 0.23 31.20 -16.47
CA GLY E 54 1.58 31.72 -16.38
C GLY E 54 2.28 31.67 -17.72
N ILE E 55 1.98 32.63 -18.59
CA ILE E 55 2.36 32.54 -20.00
C ILE E 55 3.87 32.37 -20.15
N ASP E 56 4.63 33.38 -19.73
CA ASP E 56 6.08 33.36 -19.88
C ASP E 56 6.81 33.47 -18.55
N CYS E 57 6.12 33.22 -17.43
CA CYS E 57 6.71 33.35 -16.11
C CYS E 57 6.49 32.10 -15.30
N THR E 58 7.48 31.74 -14.48
CA THR E 58 7.32 30.69 -13.49
C THR E 58 6.74 31.29 -12.21
N LEU E 59 6.56 30.44 -11.19
CA LEU E 59 6.02 30.91 -9.93
C LEU E 59 7.05 31.72 -9.14
N ILE E 60 8.31 31.28 -9.16
CA ILE E 60 9.33 31.94 -8.35
C ILE E 60 9.68 33.31 -8.92
N ASP E 61 9.70 33.44 -10.24
CA ASP E 61 9.97 34.73 -10.84
C ASP E 61 8.81 35.70 -10.63
N ALA E 62 7.58 35.19 -10.65
CA ALA E 62 6.43 36.03 -10.32
C ALA E 62 6.38 36.38 -8.84
N LEU E 63 7.03 35.56 -8.00
CA LEU E 63 7.14 35.87 -6.58
C LEU E 63 8.18 36.97 -6.34
N LEU E 64 9.36 36.82 -6.94
CA LEU E 64 10.45 37.77 -6.69
C LEU E 64 10.17 39.13 -7.32
N GLY E 65 9.45 39.17 -8.44
CA GLY E 65 9.18 40.44 -9.09
C GLY E 65 10.00 40.70 -10.34
N ASP E 66 10.12 39.70 -11.20
CA ASP E 66 10.81 39.88 -12.47
C ASP E 66 10.14 40.99 -13.28
N PRO E 67 10.91 41.82 -13.99
CA PRO E 67 10.31 42.96 -14.69
C PRO E 67 9.35 42.59 -15.81
N HIS E 68 9.43 41.37 -16.35
CA HIS E 68 8.47 40.92 -17.34
C HIS E 68 7.36 40.08 -16.74
N CYS E 69 7.25 40.07 -15.41
CA CYS E 69 6.18 39.41 -14.68
C CYS E 69 5.50 40.38 -13.72
N ASP E 70 5.53 41.68 -14.04
CA ASP E 70 4.93 42.68 -13.18
C ASP E 70 3.41 42.70 -13.28
N VAL E 71 2.84 42.00 -14.27
CA VAL E 71 1.39 41.81 -14.30
C VAL E 71 0.93 40.78 -13.28
N PHE E 72 1.86 40.03 -12.67
CA PHE E 72 1.42 39.01 -11.69
C PHE E 72 1.52 39.52 -10.24
N GLN E 73 1.37 40.82 -9.99
CA GLN E 73 1.38 41.29 -8.58
C GLN E 73 0.01 41.04 -7.92
N ASN E 74 -0.01 40.44 -6.73
CA ASN E 74 -1.28 40.14 -5.99
C ASN E 74 -2.19 39.31 -6.89
N GLU E 75 -1.64 38.32 -7.58
CA GLU E 75 -2.49 37.37 -8.34
C GLU E 75 -3.05 36.37 -7.33
N THR E 76 -4.35 36.12 -7.37
CA THR E 76 -4.94 35.08 -6.50
C THR E 76 -5.35 33.93 -7.42
N TRP E 77 -4.82 32.73 -7.16
CA TRP E 77 -5.10 31.58 -8.07
C TRP E 77 -5.78 30.48 -7.28
N ASP E 78 -6.53 29.65 -7.99
CA ASP E 78 -6.90 28.33 -7.50
C ASP E 78 -6.08 27.21 -8.12
N LEU E 79 -5.60 27.36 -9.35
CA LEU E 79 -4.64 26.44 -9.94
C LEU E 79 -3.71 27.21 -10.86
N PHE E 80 -2.42 27.19 -10.55
CA PHE E 80 -1.40 27.83 -11.38
C PHE E 80 -0.97 26.89 -12.51
N VAL E 81 -0.97 27.39 -13.73
CA VAL E 81 -0.57 26.64 -14.91
C VAL E 81 0.77 27.18 -15.39
N GLU E 82 1.79 26.32 -15.42
CA GLU E 82 3.14 26.70 -15.81
C GLU E 82 3.44 26.19 -17.20
N ARG E 83 3.85 27.09 -18.09
CA ARG E 83 4.20 26.71 -19.45
C ARG E 83 5.69 26.39 -19.56
N SER E 84 6.05 25.70 -20.64
CA SER E 84 7.43 25.31 -20.89
C SER E 84 8.24 26.39 -21.59
N LYS E 85 7.58 27.37 -22.20
CA LYS E 85 8.26 28.49 -22.84
C LYS E 85 8.70 29.57 -21.87
N ALA E 86 8.71 29.29 -20.57
CA ALA E 86 9.05 30.30 -19.58
C ALA E 86 10.56 30.47 -19.50
N PHE E 87 10.99 31.70 -19.20
CA PHE E 87 12.39 32.03 -19.07
C PHE E 87 12.54 33.17 -18.07
N SER E 88 13.80 33.43 -17.69
CA SER E 88 14.12 34.51 -16.77
C SER E 88 14.96 35.57 -17.48
N ASN E 89 14.72 36.83 -17.14
CA ASN E 89 15.38 37.96 -17.79
C ASN E 89 15.78 38.99 -16.74
N CYS E 90 16.37 38.52 -15.64
CA CYS E 90 16.83 39.41 -14.58
C CYS E 90 18.17 38.88 -14.06
N TYR E 91 18.58 39.38 -12.90
CA TYR E 91 19.82 38.95 -12.28
C TYR E 91 19.83 37.44 -12.08
N PRO E 92 20.87 36.74 -12.52
CA PRO E 92 20.90 35.28 -12.32
C PRO E 92 20.92 34.93 -10.84
N TYR E 93 20.08 33.96 -10.46
CA TYR E 93 19.89 33.63 -9.06
C TYR E 93 19.87 32.12 -8.88
N ASP E 94 19.66 31.69 -7.64
CA ASP E 94 19.73 30.29 -7.27
C ASP E 94 18.95 30.11 -5.97
N VAL E 95 18.22 29.00 -5.88
CA VAL E 95 17.43 28.72 -4.69
C VAL E 95 17.81 27.35 -4.13
N PRO E 96 18.42 27.29 -2.95
CA PRO E 96 18.56 25.99 -2.26
C PRO E 96 17.20 25.52 -1.76
N ASP E 97 16.90 24.24 -2.02
CA ASP E 97 15.58 23.66 -1.74
C ASP E 97 14.50 24.38 -2.55
N TYR E 98 14.67 24.31 -3.87
CA TYR E 98 13.74 25.00 -4.77
C TYR E 98 12.35 24.38 -4.72
N ALA E 99 12.28 23.05 -4.72
CA ALA E 99 10.99 22.38 -4.75
C ALA E 99 10.18 22.67 -3.50
N SER E 100 10.85 22.80 -2.35
CA SER E 100 10.14 23.10 -1.11
C SER E 100 9.46 24.46 -1.18
N LEU E 101 10.18 25.48 -1.64
CA LEU E 101 9.59 26.81 -1.75
C LEU E 101 8.50 26.85 -2.82
N ARG E 102 8.74 26.16 -3.94
CA ARG E 102 7.73 26.13 -5.00
C ARG E 102 6.44 25.48 -4.52
N SER E 103 6.54 24.40 -3.75
CA SER E 103 5.34 23.74 -3.24
C SER E 103 4.72 24.51 -2.09
N LEU E 104 5.53 25.28 -1.36
CA LEU E 104 4.98 26.08 -0.27
C LEU E 104 4.18 27.26 -0.81
N VAL E 105 4.66 27.89 -1.89
CA VAL E 105 3.96 29.03 -2.44
C VAL E 105 2.83 28.59 -3.36
N ALA E 106 2.98 27.43 -4.03
CA ALA E 106 1.91 26.95 -4.91
C ALA E 106 0.66 26.61 -4.13
N SER E 107 0.82 25.97 -2.97
CA SER E 107 -0.33 25.56 -2.16
C SER E 107 -0.88 26.68 -1.30
N SER E 108 -0.26 27.87 -1.30
CA SER E 108 -0.78 28.97 -0.51
C SER E 108 -1.89 29.71 -1.26
N GLY E 109 -1.69 29.96 -2.54
CA GLY E 109 -2.76 30.47 -3.38
C GLY E 109 -2.82 31.98 -3.51
N THR E 110 -1.83 32.70 -2.97
CA THR E 110 -1.83 34.16 -3.04
C THR E 110 -0.41 34.66 -3.27
N LEU E 111 -0.33 35.81 -3.95
CA LEU E 111 0.91 36.59 -4.05
C LEU E 111 0.74 37.95 -3.39
N GLU E 112 -0.12 38.03 -2.38
CA GLU E 112 -0.39 39.30 -1.71
C GLU E 112 0.80 39.72 -0.87
N PHE E 113 1.32 40.92 -1.16
CA PHE E 113 2.57 41.39 -0.58
C PHE E 113 2.31 42.68 0.18
N ILE E 114 2.51 42.65 1.50
CA ILE E 114 2.39 43.83 2.34
C ILE E 114 3.78 44.41 2.54
N THR E 115 3.96 45.67 2.14
CA THR E 115 5.26 46.32 2.28
C THR E 115 5.42 46.83 3.72
N GLU E 116 6.64 46.73 4.24
CA GLU E 116 6.95 47.16 5.60
C GLU E 116 8.10 48.15 5.57
N GLY E 117 8.14 48.99 6.59
CA GLY E 117 9.17 50.00 6.69
C GLY E 117 10.36 49.56 7.51
N PHE E 118 11.38 49.05 6.82
CA PHE E 118 12.66 48.75 7.45
C PHE E 118 13.55 50.00 7.44
N THR E 119 14.41 50.11 8.45
CA THR E 119 15.32 51.24 8.59
C THR E 119 16.74 50.73 8.46
N TRP E 120 17.36 50.98 7.30
CA TRP E 120 18.76 50.64 7.04
C TRP E 120 19.57 51.94 7.05
N THR E 121 20.25 52.21 8.15
CA THR E 121 21.03 53.43 8.29
C THR E 121 22.52 53.11 8.09
N GLY E 122 23.18 53.92 7.25
CA GLY E 122 24.58 53.72 6.95
C GLY E 122 24.88 53.05 5.63
N VAL E 123 23.86 52.75 4.82
CA VAL E 123 24.04 52.06 3.55
C VAL E 123 23.23 52.79 2.49
N THR E 124 23.48 52.41 1.23
CA THR E 124 22.74 52.94 0.09
C THR E 124 21.73 51.91 -0.39
N GLN E 125 20.49 52.33 -0.59
CA GLN E 125 19.39 51.45 -0.95
C GLN E 125 19.13 51.49 -2.45
N ASN E 126 18.26 50.57 -2.89
CA ASN E 126 17.76 50.52 -4.26
C ASN E 126 18.90 50.33 -5.27
N GLY E 127 19.66 49.27 -5.06
CA GLY E 127 20.69 48.91 -6.02
C GLY E 127 20.09 48.36 -7.30
N GLY E 128 20.81 48.58 -8.40
CA GLY E 128 20.33 48.21 -9.71
C GLY E 128 21.33 47.34 -10.46
N SER E 129 20.92 46.90 -11.64
CA SER E 129 21.74 46.03 -12.47
C SER E 129 21.37 46.27 -13.92
N ASN E 130 22.34 46.08 -14.81
CA ASN E 130 22.10 46.24 -16.24
C ASN E 130 21.60 44.96 -16.90
N ALA E 131 21.45 43.88 -16.13
CA ALA E 131 20.87 42.65 -16.66
C ALA E 131 19.38 42.54 -16.35
N CYS E 132 18.82 43.52 -15.63
CA CYS E 132 17.42 43.46 -15.23
C CYS E 132 16.72 44.79 -15.52
N LYS E 133 16.86 45.27 -16.75
CA LYS E 133 16.29 46.56 -17.15
C LYS E 133 14.78 46.55 -16.98
N ARG E 134 14.28 47.47 -16.16
CA ARG E 134 12.86 47.75 -16.00
C ARG E 134 12.60 49.11 -16.65
N GLY E 135 12.29 49.06 -17.95
CA GLY E 135 12.12 50.24 -18.77
C GLY E 135 13.35 50.55 -19.59
N PRO E 136 13.74 51.83 -19.65
CA PRO E 136 14.97 52.21 -20.36
C PRO E 136 16.23 52.22 -19.51
N GLY E 137 16.11 52.11 -18.19
CA GLY E 137 17.26 52.16 -17.31
C GLY E 137 17.46 50.84 -16.57
N SER E 138 18.50 50.83 -15.73
CA SER E 138 18.82 49.65 -14.96
C SER E 138 17.74 49.40 -13.90
N GLY E 139 17.68 48.16 -13.44
CA GLY E 139 16.68 47.80 -12.45
C GLY E 139 17.07 46.57 -11.67
N PHE E 140 16.09 46.03 -10.96
CA PHE E 140 16.30 44.87 -10.10
C PHE E 140 14.93 44.24 -9.83
N PHE E 141 14.91 43.20 -9.01
CA PHE E 141 13.66 42.65 -8.51
C PHE E 141 12.90 43.71 -7.73
N SER E 142 11.57 43.64 -7.79
CA SER E 142 10.72 44.65 -7.18
C SER E 142 10.38 44.35 -5.73
N ARG E 143 10.71 43.15 -5.24
CA ARG E 143 10.42 42.77 -3.87
C ARG E 143 11.67 42.67 -3.01
N LEU E 144 12.84 43.02 -3.54
CA LEU E 144 14.10 42.90 -2.83
C LEU E 144 14.86 44.22 -2.90
N ASN E 145 15.80 44.39 -1.97
CA ASN E 145 16.52 45.64 -1.80
C ASN E 145 18.01 45.32 -1.75
N TRP E 146 18.77 45.83 -2.71
CA TRP E 146 20.20 45.57 -2.80
C TRP E 146 20.95 46.72 -2.12
N LEU E 147 21.51 46.44 -0.95
CA LEU E 147 22.22 47.45 -0.17
C LEU E 147 23.72 47.32 -0.40
N THR E 148 24.37 48.47 -0.58
CA THR E 148 25.81 48.55 -0.77
C THR E 148 26.36 49.63 0.17
N LYS E 149 27.68 49.81 0.13
CA LYS E 149 28.32 50.74 1.05
C LYS E 149 27.94 52.17 0.72
N SER E 150 27.92 53.02 1.75
CA SER E 150 27.52 54.42 1.63
C SER E 150 28.77 55.28 1.79
N GLY E 151 29.38 55.61 0.65
CA GLY E 151 30.57 56.44 0.64
C GLY E 151 31.87 55.69 0.86
N SER E 152 32.18 55.34 2.11
CA SER E 152 33.43 54.67 2.41
C SER E 152 33.33 53.59 3.49
N THR E 153 32.14 53.30 4.00
CA THR E 153 31.98 52.36 5.10
C THR E 153 30.70 51.56 4.92
N TYR E 154 30.63 50.42 5.61
CA TYR E 154 29.46 49.55 5.60
C TYR E 154 29.28 49.03 7.02
N PRO E 155 28.43 49.69 7.82
CA PRO E 155 28.31 49.30 9.23
C PRO E 155 27.58 47.97 9.40
N VAL E 156 27.51 47.49 10.63
CA VAL E 156 26.86 46.22 10.93
C VAL E 156 25.37 46.48 11.06
N LEU E 157 24.62 46.04 10.04
CA LEU E 157 23.14 46.21 10.00
C LEU E 157 22.48 45.25 10.99
N ASN E 158 21.57 45.76 11.82
CA ASN E 158 20.85 44.91 12.81
C ASN E 158 19.41 45.40 12.93
N VAL E 159 18.49 44.82 12.17
CA VAL E 159 17.07 45.28 12.18
C VAL E 159 16.20 44.28 12.95
N THR E 160 15.12 44.80 13.53
CA THR E 160 14.08 43.98 14.19
C THR E 160 12.80 44.05 13.34
N MET E 161 11.84 43.18 13.66
CA MET E 161 10.47 43.28 13.18
C MET E 161 9.56 42.33 13.96
N PRO E 162 8.61 42.87 14.73
CA PRO E 162 7.71 42.01 15.50
C PRO E 162 6.46 41.67 14.71
N ASN E 163 5.82 40.56 15.12
CA ASN E 163 4.60 40.08 14.49
C ASN E 163 3.48 40.18 15.52
N ASN E 164 2.66 41.21 15.40
CA ASN E 164 1.53 41.43 16.30
C ASN E 164 0.19 41.01 15.70
N ASP E 165 0.18 40.53 14.46
CA ASP E 165 -1.07 40.15 13.81
C ASP E 165 -1.46 38.75 14.25
N ASN E 166 -2.43 38.15 13.56
CA ASN E 166 -2.92 36.81 13.88
C ASN E 166 -2.79 35.86 12.70
N PHE E 167 -1.78 36.08 11.86
CA PHE E 167 -1.49 35.18 10.75
C PHE E 167 0.01 35.05 10.60
N ASP E 168 0.44 34.07 9.80
CA ASP E 168 1.86 33.85 9.57
C ASP E 168 2.38 34.79 8.50
N LYS E 169 3.66 35.13 8.60
CA LYS E 169 4.31 36.03 7.65
C LYS E 169 5.47 35.31 6.98
N LEU E 170 5.58 35.47 5.67
CA LEU E 170 6.64 34.86 4.88
C LEU E 170 7.59 35.95 4.38
N TYR E 171 8.85 35.87 4.79
CA TYR E 171 9.87 36.82 4.39
C TYR E 171 10.82 36.14 3.41
N ILE E 172 11.15 36.83 2.32
CA ILE E 172 12.05 36.32 1.30
C ILE E 172 13.26 37.24 1.25
N TRP E 173 14.46 36.68 1.47
CA TRP E 173 15.70 37.44 1.45
C TRP E 173 16.73 36.67 0.63
N GLY E 174 17.93 37.23 0.53
CA GLY E 174 18.95 36.57 -0.25
C GLY E 174 20.34 37.03 0.14
N ILE E 175 21.32 36.41 -0.51
CA ILE E 175 22.73 36.74 -0.32
C ILE E 175 23.40 36.81 -1.67
N HIS E 176 24.38 37.71 -1.80
CA HIS E 176 25.03 38.01 -3.07
C HIS E 176 26.41 37.36 -3.10
N HIS E 177 26.64 36.49 -4.08
CA HIS E 177 27.94 35.87 -4.27
C HIS E 177 28.69 36.63 -5.36
N PRO E 178 29.74 37.37 -5.03
CA PRO E 178 30.47 38.15 -6.05
C PRO E 178 31.33 37.28 -6.95
N SER E 179 32.02 37.91 -7.90
CA SER E 179 32.81 37.20 -8.89
C SER E 179 34.30 37.20 -8.58
N THR E 180 34.85 38.34 -8.16
CA THR E 180 36.26 38.48 -7.83
C THR E 180 36.40 38.99 -6.40
N ASN E 181 37.64 39.07 -5.94
CA ASN E 181 37.94 39.62 -4.62
C ASN E 181 38.10 41.13 -4.64
N GLN E 182 38.03 41.76 -5.81
CA GLN E 182 38.10 43.21 -5.91
C GLN E 182 36.72 43.85 -5.86
N GLU E 183 35.70 43.21 -6.45
CA GLU E 183 34.35 43.76 -6.42
C GLU E 183 33.66 43.52 -5.08
N GLN E 184 34.19 42.59 -4.27
CA GLN E 184 33.68 42.43 -2.91
C GLN E 184 33.97 43.65 -2.05
N THR E 185 35.24 44.08 -2.02
CA THR E 185 35.65 45.22 -1.20
C THR E 185 35.26 46.56 -1.81
N SER E 186 34.79 46.59 -3.05
CA SER E 186 34.33 47.83 -3.66
C SER E 186 32.85 48.07 -3.44
N LEU E 187 32.12 47.06 -2.98
CA LEU E 187 30.71 47.17 -2.63
C LEU E 187 30.45 47.05 -1.14
N TYR E 188 31.23 46.20 -0.46
CA TYR E 188 31.16 46.04 0.99
C TYR E 188 32.59 46.02 1.52
N VAL E 189 32.97 47.07 2.26
CA VAL E 189 34.37 47.28 2.61
C VAL E 189 34.98 46.09 3.35
N GLN E 190 34.17 45.23 3.93
CA GLN E 190 34.68 44.06 4.64
C GLN E 190 35.11 42.98 3.65
N ALA E 191 36.19 42.28 3.99
CA ALA E 191 36.72 41.24 3.11
C ALA E 191 35.96 39.93 3.21
N SER E 192 34.92 39.87 4.04
CA SER E 192 34.09 38.67 4.16
C SER E 192 32.74 39.07 4.72
N GLY E 193 31.67 38.53 4.13
CA GLY E 193 30.32 38.84 4.53
C GLY E 193 29.67 37.70 5.30
N ARG E 194 28.51 38.00 5.86
CA ARG E 194 27.76 37.06 6.69
C ARG E 194 26.37 37.63 6.94
N VAL E 195 25.35 36.79 6.83
CA VAL E 195 23.96 37.19 7.03
C VAL E 195 23.31 36.23 8.00
N THR E 196 22.75 36.75 9.08
CA THR E 196 22.04 35.98 10.09
C THR E 196 20.60 36.47 10.18
N VAL E 197 19.66 35.54 10.07
CA VAL E 197 18.24 35.84 10.22
C VAL E 197 17.68 34.88 11.25
N SER E 198 17.08 35.43 12.31
CA SER E 198 16.74 34.61 13.46
C SER E 198 15.35 34.95 13.98
N THR E 199 14.61 33.92 14.37
CA THR E 199 13.39 34.05 15.16
C THR E 199 13.67 33.52 16.57
N ARG E 200 12.61 33.46 17.39
CA ARG E 200 12.77 32.97 18.75
C ARG E 200 13.00 31.46 18.82
N ARG E 201 12.91 30.75 17.69
CA ARG E 201 13.04 29.30 17.71
C ARG E 201 13.93 28.74 16.60
N SER E 202 14.44 29.57 15.69
CA SER E 202 15.28 29.09 14.61
C SER E 202 16.26 30.19 14.23
N GLN E 203 17.22 29.83 13.38
CA GLN E 203 18.24 30.76 12.93
C GLN E 203 18.86 30.24 11.66
N GLN E 204 19.22 31.15 10.76
CA GLN E 204 19.90 30.82 9.51
C GLN E 204 21.05 31.79 9.31
N THR E 205 22.26 31.26 9.15
CA THR E 205 23.45 32.06 8.88
C THR E 205 24.09 31.59 7.59
N ILE E 206 24.32 32.53 6.68
CA ILE E 206 24.88 32.24 5.37
C ILE E 206 26.11 33.11 5.15
N ILE E 207 27.12 32.54 4.47
CA ILE E 207 28.37 33.30 4.16
C ILE E 207 28.63 33.24 2.65
N PRO E 208 28.90 34.38 1.98
CA PRO E 208 29.13 34.40 0.53
C PRO E 208 30.37 33.61 0.09
N ASN E 209 30.30 33.04 -1.12
CA ASN E 209 31.34 32.20 -1.69
C ASN E 209 31.89 32.92 -2.92
N ILE E 210 33.04 33.57 -2.78
CA ILE E 210 33.64 34.29 -3.88
C ILE E 210 34.22 33.29 -4.88
N GLY E 211 33.97 33.51 -6.16
CA GLY E 211 34.45 32.65 -7.21
C GLY E 211 33.85 33.05 -8.53
N SER E 212 34.31 32.39 -9.59
CA SER E 212 33.82 32.65 -10.93
C SER E 212 32.80 31.60 -11.35
N ARG E 213 31.83 32.03 -12.13
CA ARG E 213 30.74 31.20 -12.63
C ARG E 213 30.63 31.38 -14.13
N PRO E 214 29.88 30.51 -14.81
CA PRO E 214 29.60 30.74 -16.23
C PRO E 214 28.84 32.04 -16.45
N TRP E 215 29.11 32.68 -17.58
CA TRP E 215 28.46 33.94 -17.92
C TRP E 215 26.99 33.68 -18.24
N VAL E 216 26.09 34.35 -17.53
CA VAL E 216 24.66 34.26 -17.79
C VAL E 216 24.12 35.68 -17.93
N ARG E 217 23.76 36.06 -19.16
CA ARG E 217 23.23 37.39 -19.49
C ARG E 217 24.24 38.50 -19.21
N GLY E 218 25.52 38.18 -19.14
CA GLY E 218 26.56 39.18 -18.99
C GLY E 218 27.14 39.31 -17.59
N LEU E 219 26.85 38.35 -16.70
CA LEU E 219 27.29 38.41 -15.32
C LEU E 219 27.84 37.07 -14.90
N SER E 220 28.81 37.09 -13.99
CA SER E 220 29.33 35.88 -13.37
C SER E 220 29.14 35.86 -11.87
N SER E 221 28.38 36.81 -11.32
CA SER E 221 27.99 36.78 -9.92
C SER E 221 26.66 36.03 -9.78
N ARG E 222 26.28 35.75 -8.53
CA ARG E 222 25.04 35.01 -8.30
C ARG E 222 24.32 35.58 -7.09
N ILE E 223 23.07 35.14 -6.93
CA ILE E 223 22.25 35.44 -5.77
C ILE E 223 21.62 34.15 -5.27
N SER E 224 21.68 33.91 -3.98
CA SER E 224 21.02 32.77 -3.36
C SER E 224 19.83 33.26 -2.55
N ILE E 225 18.70 32.55 -2.66
CA ILE E 225 17.42 32.99 -2.13
C ILE E 225 17.03 32.10 -0.97
N TYR E 226 16.70 32.71 0.16
CA TYR E 226 16.24 32.01 1.35
C TYR E 226 14.94 32.64 1.84
N TRP E 227 14.26 31.94 2.73
CA TRP E 227 12.97 32.40 3.24
C TRP E 227 12.84 32.05 4.71
N THR E 228 11.96 32.80 5.38
CA THR E 228 11.71 32.65 6.80
C THR E 228 10.22 32.78 7.04
N ILE E 229 9.71 32.08 8.05
CA ILE E 229 8.30 32.13 8.42
C ILE E 229 8.19 32.57 9.86
N VAL E 230 7.44 33.64 10.10
CA VAL E 230 7.23 34.21 11.43
C VAL E 230 5.80 33.95 11.84
N LYS E 231 5.61 33.28 12.97
CA LYS E 231 4.31 32.92 13.50
C LYS E 231 3.83 33.98 14.48
N PRO E 232 2.52 34.05 14.73
CA PRO E 232 2.00 35.12 15.59
C PRO E 232 2.58 35.04 16.99
N GLY E 233 3.05 36.19 17.49
CA GLY E 233 3.72 36.25 18.77
C GLY E 233 5.23 36.16 18.70
N ASP E 234 5.79 35.88 17.53
CA ASP E 234 7.23 35.71 17.39
C ASP E 234 7.86 37.06 17.07
N VAL E 235 9.13 37.04 16.66
CA VAL E 235 9.89 38.25 16.32
C VAL E 235 10.97 37.83 15.32
N LEU E 236 11.37 38.76 14.46
CA LEU E 236 12.40 38.52 13.45
C LEU E 236 13.54 39.50 13.68
N VAL E 237 14.78 39.01 13.64
CA VAL E 237 15.96 39.84 13.77
C VAL E 237 16.90 39.54 12.62
N ILE E 238 17.40 40.59 11.96
CA ILE E 238 18.32 40.45 10.84
C ILE E 238 19.63 41.15 11.21
N ASN E 239 20.72 40.41 11.16
CA ASN E 239 22.05 40.90 11.45
C ASN E 239 22.95 40.64 10.25
N SER E 240 23.79 41.62 9.90
CA SER E 240 24.62 41.46 8.71
C SER E 240 25.74 42.47 8.73
N ASN E 241 26.80 42.15 7.96
CA ASN E 241 27.90 43.08 7.73
C ASN E 241 28.39 43.02 6.29
N GLY E 242 27.49 42.72 5.36
CA GLY E 242 27.81 42.71 3.93
C GLY E 242 27.11 41.55 3.25
N ASN E 243 26.86 41.74 1.94
CA ASN E 243 26.27 40.69 1.09
C ASN E 243 24.87 40.33 1.55
N LEU E 244 24.00 41.34 1.63
CA LEU E 244 22.63 41.18 2.07
C LEU E 244 21.68 41.71 1.00
N ILE E 245 20.75 40.86 0.56
CA ILE E 245 19.64 41.28 -0.29
C ILE E 245 18.42 41.35 0.61
N ALA E 246 18.15 42.55 1.15
CA ALA E 246 17.16 42.72 2.18
C ALA E 246 15.75 42.57 1.59
N PRO E 247 14.77 42.24 2.43
CA PRO E 247 13.38 42.22 1.98
C PRO E 247 12.74 43.60 2.09
N ARG E 248 11.57 43.74 1.46
CA ARG E 248 10.78 44.96 1.51
C ARG E 248 9.47 44.78 2.26
N GLY E 249 9.11 43.55 2.62
CA GLY E 249 7.86 43.29 3.31
C GLY E 249 7.64 41.81 3.47
N TYR E 250 6.37 41.41 3.53
CA TYR E 250 6.05 40.01 3.75
C TYR E 250 4.87 39.60 2.87
N PHE E 251 4.84 38.33 2.53
CA PHE E 251 3.67 37.74 1.87
C PHE E 251 2.75 37.14 2.92
N LYS E 252 1.44 37.24 2.67
CA LYS E 252 0.47 36.64 3.56
C LYS E 252 0.30 35.17 3.24
N MET E 253 0.33 34.32 4.26
CA MET E 253 0.27 32.88 4.09
C MET E 253 -1.12 32.38 4.46
N ARG E 254 -1.72 31.62 3.55
CA ARG E 254 -3.06 31.08 3.74
C ARG E 254 -3.00 29.56 3.63
N THR E 255 -4.11 28.91 3.96
CA THR E 255 -4.26 27.47 3.80
C THR E 255 -5.58 27.18 3.12
N GLY E 256 -5.55 26.31 2.12
CA GLY E 256 -6.75 25.94 1.41
C GLY E 256 -6.54 24.89 0.34
N LYS E 257 -7.28 25.00 -0.74
CA LYS E 257 -7.14 24.13 -1.90
C LYS E 257 -6.56 24.91 -3.09
N SER E 258 -5.27 24.67 -3.36
CA SER E 258 -4.55 25.30 -4.44
C SER E 258 -3.36 24.42 -4.80
N SER E 259 -2.93 24.50 -6.06
CA SER E 259 -1.82 23.68 -6.53
C SER E 259 -1.26 24.29 -7.81
N ILE E 260 -0.37 23.54 -8.46
CA ILE E 260 0.32 23.99 -9.67
C ILE E 260 0.46 22.80 -10.61
N MET E 261 0.50 23.08 -11.91
CA MET E 261 0.48 22.03 -12.91
C MET E 261 1.17 22.51 -14.18
N ARG E 262 2.08 21.68 -14.70
CA ARG E 262 2.78 21.98 -15.94
C ARG E 262 1.97 21.42 -17.12
N SER E 263 1.56 22.30 -18.03
CA SER E 263 0.73 21.89 -19.15
C SER E 263 0.83 22.94 -20.25
N ASP E 264 0.74 22.48 -21.50
CA ASP E 264 0.78 23.36 -22.66
C ASP E 264 -0.54 23.32 -23.43
N ALA E 265 -1.65 23.18 -22.71
CA ALA E 265 -2.97 23.15 -23.31
C ALA E 265 -3.65 24.51 -23.19
N PRO E 266 -4.37 24.97 -24.22
CA PRO E 266 -5.05 26.26 -24.13
C PRO E 266 -6.21 26.22 -23.13
N ILE E 267 -6.78 27.40 -22.89
CA ILE E 267 -7.83 27.60 -21.92
C ILE E 267 -9.08 28.12 -22.62
N ASP E 268 -10.22 27.46 -22.38
CA ASP E 268 -11.50 27.83 -22.96
C ASP E 268 -12.49 28.13 -21.83
N THR E 269 -13.75 28.35 -22.20
CA THR E 269 -14.80 28.79 -21.30
C THR E 269 -15.88 27.74 -21.11
N CYS E 270 -15.47 26.47 -21.01
CA CYS E 270 -16.41 25.39 -20.74
C CYS E 270 -16.54 25.20 -19.23
N ILE E 271 -17.15 24.09 -18.81
CA ILE E 271 -17.35 23.80 -17.39
C ILE E 271 -16.96 22.35 -17.13
N SER E 272 -16.01 22.14 -16.23
CA SER E 272 -15.58 20.80 -15.85
C SER E 272 -14.94 20.86 -14.48
N GLU E 273 -15.09 19.76 -13.73
CA GLU E 273 -14.60 19.67 -12.36
C GLU E 273 -13.27 18.97 -12.22
N CYS E 274 -12.76 18.36 -13.29
CA CYS E 274 -11.48 17.67 -13.27
C CYS E 274 -10.55 18.26 -14.32
N ILE E 275 -9.26 18.35 -13.98
CA ILE E 275 -8.27 18.95 -14.88
C ILE E 275 -7.03 18.07 -14.87
N THR E 276 -6.60 17.64 -16.06
CA THR E 276 -5.38 16.89 -16.28
C THR E 276 -4.45 17.70 -17.18
N PRO E 277 -3.14 17.41 -17.16
CA PRO E 277 -2.22 18.12 -18.06
C PRO E 277 -2.55 17.99 -19.55
N ASN E 278 -3.48 17.12 -19.92
CA ASN E 278 -3.94 17.03 -21.29
C ASN E 278 -5.14 17.91 -21.58
N GLY E 279 -5.77 18.46 -20.55
CA GLY E 279 -7.02 19.17 -20.66
C GLY E 279 -8.02 18.64 -19.65
N SER E 280 -9.25 19.14 -19.75
CA SER E 280 -10.30 18.72 -18.84
C SER E 280 -10.91 17.42 -19.34
N ILE E 281 -11.22 16.52 -18.41
CA ILE E 281 -11.86 15.25 -18.75
C ILE E 281 -13.14 15.12 -17.92
N PRO E 282 -14.21 14.57 -18.50
CA PRO E 282 -15.42 14.32 -17.71
C PRO E 282 -15.16 13.29 -16.62
N ASN E 283 -16.06 13.29 -15.64
CA ASN E 283 -15.93 12.46 -14.44
C ASN E 283 -17.23 11.72 -14.18
N ASP E 284 -17.76 11.08 -15.22
CA ASP E 284 -18.94 10.24 -15.04
C ASP E 284 -18.57 8.80 -14.72
N LYS E 285 -17.36 8.35 -15.07
CA LYS E 285 -16.82 7.02 -14.87
C LYS E 285 -15.88 6.99 -13.67
N PRO E 286 -15.74 5.84 -12.99
CA PRO E 286 -14.92 5.81 -11.78
C PRO E 286 -13.43 5.78 -12.06
N PHE E 287 -13.02 5.36 -13.26
CA PHE E 287 -11.62 5.16 -13.59
C PHE E 287 -11.27 5.94 -14.84
N GLN E 288 -9.96 6.16 -15.04
CA GLN E 288 -9.47 6.95 -16.16
C GLN E 288 -8.09 6.43 -16.53
N ASN E 289 -7.75 6.54 -17.81
CA ASN E 289 -6.45 6.11 -18.32
C ASN E 289 -5.84 7.18 -19.22
N VAL E 290 -5.79 8.42 -18.71
CA VAL E 290 -5.27 9.56 -19.46
C VAL E 290 -3.97 10.07 -18.84
N ASN E 291 -4.01 10.49 -17.58
CA ASN E 291 -2.84 10.99 -16.88
C ASN E 291 -2.97 10.69 -15.40
N LYS E 292 -1.83 10.45 -14.75
CA LYS E 292 -1.80 10.21 -13.31
C LYS E 292 -1.67 11.49 -12.50
N ILE E 293 -1.54 12.64 -13.16
CA ILE E 293 -1.54 13.94 -12.49
C ILE E 293 -2.90 14.57 -12.73
N THR E 294 -3.61 14.90 -11.64
CA THR E 294 -5.00 15.32 -11.74
C THR E 294 -5.29 16.37 -10.67
N TYR E 295 -6.26 17.22 -10.96
CA TYR E 295 -6.72 18.23 -10.01
C TYR E 295 -8.24 18.24 -10.03
N GLY E 296 -8.84 18.22 -8.85
CA GLY E 296 -10.27 18.26 -8.71
C GLY E 296 -10.85 16.92 -8.29
N ALA E 297 -12.11 16.73 -8.64
CA ALA E 297 -12.80 15.45 -8.38
C ALA E 297 -12.55 14.56 -9.59
N CYS E 298 -11.38 13.92 -9.60
CA CYS E 298 -11.03 13.16 -10.79
C CYS E 298 -11.12 11.66 -10.56
N PRO E 299 -11.47 10.89 -11.58
CA PRO E 299 -11.37 9.43 -11.51
C PRO E 299 -9.94 8.96 -11.29
N LYS E 300 -9.81 7.70 -10.89
CA LYS E 300 -8.51 7.12 -10.59
C LYS E 300 -7.82 6.59 -11.85
N TYR E 301 -6.50 6.73 -11.87
CA TYR E 301 -5.69 6.30 -13.00
C TYR E 301 -5.40 4.80 -12.89
N VAL E 302 -5.83 4.04 -13.90
CA VAL E 302 -5.59 2.61 -13.96
C VAL E 302 -4.70 2.33 -15.16
N LYS E 303 -4.15 1.11 -15.22
CA LYS E 303 -3.29 0.73 -16.32
C LYS E 303 -4.04 0.10 -17.48
N GLN E 304 -5.29 -0.32 -17.20
CA GLN E 304 -6.10 -1.17 -18.12
C GLN E 304 -7.39 -0.44 -18.49
N ASN E 305 -7.66 -0.28 -19.80
CA ASN E 305 -8.87 0.44 -20.27
C ASN E 305 -9.91 -0.56 -20.81
N THR E 306 -9.73 -1.87 -20.58
CA THR E 306 -10.64 -2.88 -21.16
C THR E 306 -11.66 -3.39 -20.12
N LEU E 307 -11.69 -2.75 -18.95
CA LEU E 307 -12.48 -3.27 -17.79
C LEU E 307 -13.98 -3.20 -18.11
N LYS E 308 -14.58 -4.35 -18.48
CA LYS E 308 -16.02 -4.38 -18.83
C LYS E 308 -16.81 -5.05 -17.69
N LEU E 309 -17.84 -4.38 -17.18
CA LEU E 309 -18.69 -4.93 -16.15
C LEU E 309 -20.01 -5.34 -16.76
N ALA E 310 -20.45 -6.57 -16.50
CA ALA E 310 -21.66 -7.09 -17.10
C ALA E 310 -22.89 -6.51 -16.40
N THR E 311 -23.86 -6.04 -17.19
CA THR E 311 -25.13 -5.56 -16.68
C THR E 311 -26.30 -6.31 -17.31
N GLY E 312 -26.07 -7.57 -17.69
CA GLY E 312 -27.13 -8.38 -18.25
C GLY E 312 -26.83 -9.85 -18.06
N MET E 313 -27.72 -10.68 -18.59
CA MET E 313 -27.59 -12.12 -18.47
C MET E 313 -26.68 -12.65 -19.58
N ARG E 314 -26.51 -13.97 -19.62
CA ARG E 314 -25.70 -14.59 -20.65
C ARG E 314 -26.43 -14.61 -21.99
N ASN E 315 -25.66 -14.60 -23.07
CA ASN E 315 -26.18 -14.48 -24.43
C ASN E 315 -26.10 -15.85 -25.09
N VAL E 316 -27.26 -16.48 -25.30
CA VAL E 316 -27.37 -17.73 -26.02
C VAL E 316 -28.28 -17.52 -27.22
N PRO E 317 -27.72 -17.25 -28.39
CA PRO E 317 -28.54 -16.99 -29.57
C PRO E 317 -29.10 -18.29 -30.15
N GLU E 318 -29.98 -18.12 -31.14
CA GLU E 318 -30.56 -19.25 -31.86
C GLU E 318 -29.47 -20.13 -32.50
N ASN F 1 -62.39 -35.45 9.57
CA ASN F 1 -61.39 -35.24 8.53
C ASN F 1 -60.49 -36.46 8.40
N SER F 2 -60.15 -36.83 7.16
CA SER F 2 -59.31 -37.97 6.87
C SER F 2 -57.98 -37.58 6.25
N THR F 3 -57.54 -36.34 6.48
CA THR F 3 -56.25 -35.86 5.98
C THR F 3 -55.47 -35.19 7.10
N ALA F 4 -54.36 -34.56 6.75
CA ALA F 4 -53.56 -33.82 7.72
C ALA F 4 -52.78 -32.74 6.98
N THR F 5 -52.02 -31.95 7.73
CA THR F 5 -51.21 -30.89 7.15
C THR F 5 -49.91 -30.76 7.94
N LEU F 6 -48.84 -30.35 7.26
CA LEU F 6 -47.53 -30.19 7.87
C LEU F 6 -46.85 -28.99 7.22
N CYS F 7 -46.76 -27.88 7.94
CA CYS F 7 -46.16 -26.66 7.43
C CYS F 7 -44.74 -26.48 7.96
N LEU F 8 -43.90 -25.86 7.14
CA LEU F 8 -42.52 -25.58 7.49
C LEU F 8 -42.29 -24.07 7.47
N GLY F 9 -41.35 -23.59 8.28
CA GLY F 9 -41.10 -22.17 8.35
C GLY F 9 -39.88 -21.89 9.21
N HIS F 10 -39.60 -20.60 9.35
CA HIS F 10 -38.45 -20.11 10.12
C HIS F 10 -38.91 -19.04 11.10
N HIS F 11 -37.98 -18.57 11.92
CA HIS F 11 -38.28 -17.62 12.97
C HIS F 11 -38.04 -16.19 12.49
N ALA F 12 -38.62 -15.23 13.22
CA ALA F 12 -38.43 -13.81 12.95
C ALA F 12 -38.44 -13.06 14.27
N VAL F 13 -37.90 -11.85 14.26
CA VAL F 13 -37.90 -11.03 15.46
C VAL F 13 -38.63 -9.73 15.14
N PRO F 14 -39.19 -9.07 16.16
CA PRO F 14 -39.94 -7.82 15.90
C PRO F 14 -39.10 -6.66 15.38
N ASN F 15 -38.04 -6.29 16.09
CA ASN F 15 -36.99 -5.42 15.59
C ASN F 15 -35.77 -6.21 15.14
N GLY F 16 -35.41 -6.08 13.86
CA GLY F 16 -34.18 -6.67 13.38
C GLY F 16 -33.11 -5.62 13.19
N THR F 17 -32.15 -5.85 12.32
CA THR F 17 -31.03 -4.94 12.13
C THR F 17 -30.75 -4.76 10.64
N LEU F 18 -30.41 -3.53 10.25
CA LEU F 18 -30.16 -3.26 8.83
C LEU F 18 -28.67 -3.46 8.55
N VAL F 19 -28.37 -4.25 7.51
CA VAL F 19 -27.01 -4.51 7.07
C VAL F 19 -26.92 -4.24 5.57
N LYS F 20 -25.70 -4.14 5.08
CA LYS F 20 -25.44 -3.93 3.66
C LYS F 20 -25.01 -5.24 3.01
N THR F 21 -25.42 -5.43 1.76
CA THR F 21 -25.06 -6.63 1.02
C THR F 21 -24.40 -6.29 -0.30
N ILE F 22 -24.14 -7.30 -1.13
CA ILE F 22 -23.58 -7.04 -2.45
C ILE F 22 -24.62 -6.39 -3.35
N THR F 23 -25.89 -6.80 -3.22
CA THR F 23 -26.97 -6.24 -4.04
C THR F 23 -27.62 -5.05 -3.34
N ASP F 24 -28.17 -5.26 -2.15
CA ASP F 24 -28.91 -4.23 -1.44
C ASP F 24 -27.96 -3.43 -0.55
N ASP F 25 -28.39 -2.23 -0.19
CA ASP F 25 -27.65 -1.38 0.73
C ASP F 25 -28.26 -1.39 2.13
N GLN F 26 -29.55 -1.72 2.25
CA GLN F 26 -30.21 -1.80 3.55
C GLN F 26 -31.17 -3.00 3.51
N ILE F 27 -30.75 -4.10 4.12
CA ILE F 27 -31.55 -5.31 4.21
C ILE F 27 -31.64 -5.72 5.67
N GLU F 28 -32.85 -6.11 6.09
CA GLU F 28 -33.16 -6.31 7.50
C GLU F 28 -33.00 -7.78 7.86
N VAL F 29 -32.09 -8.07 8.79
CA VAL F 29 -31.80 -9.41 9.25
C VAL F 29 -32.22 -9.51 10.72
N THR F 30 -32.15 -10.73 11.26
CA THR F 30 -32.59 -10.95 12.64
C THR F 30 -31.54 -10.54 13.67
N ASN F 31 -30.28 -10.43 13.28
CA ASN F 31 -29.21 -10.15 14.23
C ASN F 31 -27.96 -9.70 13.49
N ALA F 32 -27.19 -8.84 14.14
CA ALA F 32 -25.93 -8.37 13.57
C ALA F 32 -24.98 -7.98 14.71
N THR F 33 -23.69 -7.99 14.39
CA THR F 33 -22.64 -7.64 15.34
C THR F 33 -21.78 -6.51 14.78
N GLU F 34 -21.20 -5.73 15.69
CA GLU F 34 -20.41 -4.56 15.30
C GLU F 34 -18.95 -4.97 15.14
N LEU F 35 -18.26 -4.33 14.17
CA LEU F 35 -16.81 -4.58 13.96
C LEU F 35 -15.97 -3.51 14.67
N VAL F 36 -16.45 -2.26 14.70
CA VAL F 36 -15.64 -1.13 15.28
C VAL F 36 -15.80 -1.09 16.81
N GLN F 37 -14.83 -0.47 17.50
CA GLN F 37 -14.97 -0.09 18.93
C GLN F 37 -14.57 1.39 19.11
N SER F 38 -15.48 2.23 19.59
CA SER F 38 -15.18 3.68 19.70
C SER F 38 -15.69 4.25 21.03
N SER F 39 -15.18 3.72 22.14
CA SER F 39 -15.24 4.36 23.48
C SER F 39 -13.94 4.06 24.24
N SER F 40 -13.49 5.00 25.07
CA SER F 40 -12.34 4.79 25.93
C SER F 40 -12.73 5.04 27.38
N THR F 41 -11.97 4.44 28.30
CA THR F 41 -12.27 4.58 29.72
C THR F 41 -11.83 5.92 30.26
N GLY F 42 -10.72 6.46 29.76
CA GLY F 42 -10.21 7.76 30.16
C GLY F 42 -8.95 7.70 31.00
N LYS F 43 -8.54 6.52 31.45
CA LYS F 43 -7.35 6.36 32.28
C LYS F 43 -6.41 5.36 31.62
N ILE F 44 -5.13 5.44 32.01
CA ILE F 44 -4.10 4.56 31.50
C ILE F 44 -3.74 3.56 32.58
N CYS F 45 -4.09 2.29 32.36
CA CYS F 45 -3.81 1.25 33.33
C CYS F 45 -2.31 0.93 33.31
N ASN F 46 -1.74 0.65 34.49
CA ASN F 46 -0.32 0.40 34.64
C ASN F 46 -0.01 -1.09 34.78
N ASN F 47 -0.78 -1.95 34.12
CA ASN F 47 -0.54 -3.38 34.12
C ASN F 47 -1.08 -3.94 32.80
N PRO F 48 -0.36 -4.90 32.18
CA PRO F 48 0.91 -5.44 32.68
C PRO F 48 2.14 -4.72 32.11
N HIS F 49 1.92 -3.56 31.50
CA HIS F 49 3.02 -2.75 31.01
C HIS F 49 3.59 -1.88 32.13
N ARG F 50 4.85 -1.47 31.95
CA ARG F 50 5.55 -0.62 32.92
C ARG F 50 5.52 0.81 32.37
N ILE F 51 4.64 1.62 32.93
CA ILE F 51 4.43 3.00 32.47
C ILE F 51 5.22 3.95 33.36
N LEU F 52 5.89 4.91 32.73
CA LEU F 52 6.63 5.95 33.45
C LEU F 52 5.99 7.29 33.14
N ASP F 53 5.68 8.05 34.18
CA ASP F 53 4.97 9.31 34.06
C ASP F 53 5.96 10.46 34.09
N GLY F 54 6.21 11.06 32.92
CA GLY F 54 7.09 12.21 32.81
C GLY F 54 6.37 13.49 33.15
N ILE F 55 6.20 13.76 34.45
CA ILE F 55 5.27 14.79 34.90
C ILE F 55 5.64 16.14 34.30
N ASP F 56 6.81 16.67 34.64
CA ASP F 56 7.24 17.99 34.18
C ASP F 56 8.54 17.93 33.38
N CYS F 57 8.92 16.76 32.89
CA CYS F 57 10.18 16.58 32.17
C CYS F 57 9.94 15.89 30.85
N THR F 58 10.69 16.29 29.83
CA THR F 58 10.72 15.55 28.57
C THR F 58 11.78 14.45 28.65
N LEU F 59 11.93 13.71 27.56
CA LEU F 59 12.92 12.63 27.54
C LEU F 59 14.34 13.17 27.44
N ILE F 60 14.55 14.22 26.64
CA ILE F 60 15.90 14.73 26.42
C ILE F 60 16.42 15.43 27.68
N ASP F 61 15.55 16.14 28.39
CA ASP F 61 15.99 16.79 29.63
C ASP F 61 16.28 15.76 30.72
N ALA F 62 15.51 14.68 30.76
CA ALA F 62 15.80 13.59 31.70
C ALA F 62 17.04 12.82 31.28
N LEU F 63 17.41 12.87 30.01
CA LEU F 63 18.66 12.27 29.55
C LEU F 63 19.86 13.11 29.95
N LEU F 64 19.79 14.42 29.69
CA LEU F 64 20.93 15.31 29.95
C LEU F 64 21.18 15.51 31.44
N GLY F 65 20.13 15.46 32.27
CA GLY F 65 20.30 15.66 33.69
C GLY F 65 19.87 17.03 34.19
N ASP F 66 18.71 17.50 33.73
CA ASP F 66 18.16 18.75 34.23
C ASP F 66 17.97 18.67 35.76
N PRO F 67 18.24 19.77 36.48
CA PRO F 67 18.19 19.70 37.96
C PRO F 67 16.81 19.43 38.52
N HIS F 68 15.74 19.67 37.77
CA HIS F 68 14.40 19.33 38.22
C HIS F 68 13.92 18.00 37.64
N CYS F 69 14.83 17.24 37.05
CA CYS F 69 14.55 15.89 36.56
C CYS F 69 15.56 14.89 37.14
N ASP F 70 16.11 15.19 38.32
CA ASP F 70 17.08 14.31 38.94
C ASP F 70 16.45 13.06 39.55
N VAL F 71 15.12 13.02 39.66
CA VAL F 71 14.45 11.79 40.04
C VAL F 71 14.40 10.80 38.89
N PHE F 72 14.75 11.22 37.67
CA PHE F 72 14.68 10.25 36.54
C PHE F 72 16.05 9.64 36.23
N GLN F 73 16.95 9.49 37.21
CA GLN F 73 18.24 8.81 36.92
C GLN F 73 18.05 7.28 36.90
N ASN F 74 18.54 6.59 35.85
CA ASN F 74 18.41 5.11 35.73
C ASN F 74 16.94 4.73 35.81
N GLU F 75 16.07 5.48 35.14
CA GLU F 75 14.66 5.05 35.03
C GLU F 75 14.58 3.99 33.95
N THR F 76 13.91 2.86 34.24
CA THR F 76 13.71 1.84 33.20
C THR F 76 12.22 1.87 32.85
N TRP F 77 11.90 2.10 31.58
CA TRP F 77 10.48 2.22 31.18
C TRP F 77 10.13 1.15 30.16
N ASP F 78 8.86 0.81 30.09
CA ASP F 78 8.29 0.14 28.94
C ASP F 78 7.49 1.06 28.04
N LEU F 79 6.89 2.12 28.57
CA LEU F 79 6.29 3.17 27.75
C LEU F 79 6.44 4.50 28.47
N PHE F 80 7.11 5.45 27.85
CA PHE F 80 7.28 6.79 28.39
C PHE F 80 6.09 7.66 28.00
N VAL F 81 5.51 8.33 29.00
CA VAL F 81 4.36 9.22 28.80
C VAL F 81 4.85 10.65 28.98
N GLU F 82 4.70 11.46 27.94
CA GLU F 82 5.15 12.85 27.94
C GLU F 82 3.96 13.78 28.08
N ARG F 83 4.00 14.66 29.07
CA ARG F 83 2.94 15.63 29.29
C ARG F 83 3.23 16.93 28.55
N SER F 84 2.19 17.74 28.38
CA SER F 84 2.30 19.01 27.68
C SER F 84 2.73 20.15 28.60
N LYS F 85 2.62 19.98 29.91
CA LYS F 85 3.07 20.98 30.87
C LYS F 85 4.57 20.94 31.13
N ALA F 86 5.34 20.26 30.28
CA ALA F 86 6.77 20.12 30.50
C ALA F 86 7.50 21.39 30.06
N PHE F 87 8.60 21.69 30.76
CA PHE F 87 9.41 22.86 30.46
C PHE F 87 10.85 22.57 30.85
N SER F 88 11.75 23.47 30.44
CA SER F 88 13.16 23.36 30.76
C SER F 88 13.60 24.52 31.64
N ASN F 89 14.49 24.24 32.59
CA ASN F 89 14.93 25.23 33.56
C ASN F 89 16.44 25.12 33.75
N CYS F 90 17.17 25.02 32.65
CA CYS F 90 18.63 24.94 32.70
C CYS F 90 19.19 25.77 31.56
N TYR F 91 20.47 25.57 31.26
CA TYR F 91 21.13 26.28 30.17
C TYR F 91 20.39 26.06 28.86
N PRO F 92 20.05 27.12 28.12
CA PRO F 92 19.35 26.93 26.84
C PRO F 92 20.21 26.15 25.86
N TYR F 93 19.61 25.17 25.20
CA TYR F 93 20.34 24.26 24.35
C TYR F 93 19.58 24.03 23.06
N ASP F 94 20.14 23.19 22.20
CA ASP F 94 19.61 22.93 20.86
C ASP F 94 20.13 21.60 20.39
N VAL F 95 19.28 20.83 19.72
CA VAL F 95 19.67 19.52 19.21
C VAL F 95 19.42 19.45 17.70
N PRO F 96 20.46 19.37 16.88
CA PRO F 96 20.24 19.02 15.46
C PRO F 96 19.81 17.57 15.33
N ASP F 97 18.77 17.34 14.53
CA ASP F 97 18.14 16.03 14.40
C ASP F 97 17.56 15.58 15.74
N TYR F 98 16.64 16.39 16.27
CA TYR F 98 16.06 16.12 17.57
C TYR F 98 15.20 14.86 17.55
N ALA F 99 14.39 14.69 16.50
CA ALA F 99 13.49 13.54 16.43
C ALA F 99 14.26 12.23 16.36
N SER F 100 15.41 12.23 15.69
CA SER F 100 16.21 11.02 15.60
C SER F 100 16.70 10.57 16.96
N LEU F 101 17.23 11.50 17.76
CA LEU F 101 17.72 11.16 19.08
C LEU F 101 16.57 10.80 20.01
N ARG F 102 15.45 11.51 19.90
CA ARG F 102 14.29 11.19 20.74
C ARG F 102 13.77 9.79 20.46
N SER F 103 13.73 9.39 19.18
CA SER F 103 13.25 8.06 18.85
C SER F 103 14.30 6.99 19.14
N LEU F 104 15.58 7.36 19.13
CA LEU F 104 16.63 6.41 19.46
C LEU F 104 16.62 6.09 20.95
N VAL F 105 16.41 7.11 21.78
CA VAL F 105 16.41 6.89 23.22
C VAL F 105 15.06 6.35 23.71
N ALA F 106 13.97 6.73 23.04
CA ALA F 106 12.65 6.24 23.45
C ALA F 106 12.54 4.74 23.26
N SER F 107 13.06 4.22 22.13
CA SER F 107 12.97 2.80 21.83
C SER F 107 14.04 1.97 22.52
N SER F 108 14.96 2.60 23.25
CA SER F 108 15.98 1.82 23.96
C SER F 108 15.47 1.33 25.30
N GLY F 109 14.76 2.18 26.04
CA GLY F 109 14.07 1.74 27.24
C GLY F 109 14.83 1.88 28.53
N THR F 110 16.02 2.50 28.50
CA THR F 110 16.82 2.65 29.71
C THR F 110 17.49 4.02 29.72
N LEU F 111 17.71 4.53 30.93
CA LEU F 111 18.55 5.70 31.16
C LEU F 111 19.76 5.32 32.01
N GLU F 112 20.21 4.08 31.90
CA GLU F 112 21.32 3.61 32.71
C GLU F 112 22.63 4.25 32.23
N PHE F 113 23.31 4.92 33.13
CA PHE F 113 24.48 5.74 32.81
C PHE F 113 25.68 5.22 33.58
N ILE F 114 26.69 4.73 32.86
CA ILE F 114 27.94 4.27 33.46
C ILE F 114 28.94 5.41 33.33
N THR F 115 29.46 5.87 34.46
CA THR F 115 30.43 6.95 34.45
C THR F 115 31.83 6.40 34.14
N GLU F 116 32.60 7.17 33.37
CA GLU F 116 33.93 6.77 32.97
C GLU F 116 34.93 7.84 33.37
N GLY F 117 36.18 7.42 33.54
CA GLY F 117 37.23 8.33 33.94
C GLY F 117 38.00 8.89 32.77
N PHE F 118 37.60 10.08 32.32
CA PHE F 118 38.35 10.83 31.33
C PHE F 118 39.41 11.68 32.02
N THR F 119 40.51 11.92 31.31
CA THR F 119 41.62 12.72 31.84
C THR F 119 41.77 13.96 30.98
N TRP F 120 41.31 15.10 31.51
CA TRP F 120 41.46 16.40 30.86
C TRP F 120 42.52 17.19 31.61
N THR F 121 43.72 17.24 31.07
CA THR F 121 44.84 17.93 31.69
C THR F 121 45.07 19.27 31.01
N GLY F 122 45.19 20.33 31.81
CA GLY F 122 45.38 21.67 31.30
C GLY F 122 44.15 22.55 31.27
N VAL F 123 43.01 22.06 31.77
CA VAL F 123 41.76 22.81 31.76
C VAL F 123 41.12 22.73 33.13
N THR F 124 40.10 23.55 33.33
CA THR F 124 39.31 23.55 34.57
C THR F 124 37.98 22.86 34.32
N GLN F 125 37.63 21.94 35.20
CA GLN F 125 36.44 21.11 35.05
C GLN F 125 35.28 21.65 35.89
N ASN F 126 34.10 21.06 35.67
CA ASN F 126 32.90 21.33 36.45
C ASN F 126 32.50 22.81 36.37
N GLY F 127 32.31 23.28 35.14
CA GLY F 127 31.79 24.61 34.93
C GLY F 127 30.33 24.71 35.31
N GLY F 128 29.93 25.91 35.75
CA GLY F 128 28.59 26.15 36.24
C GLY F 128 27.94 27.31 35.53
N SER F 129 26.66 27.53 35.88
CA SER F 129 25.86 28.58 35.28
C SER F 129 24.83 29.03 36.29
N ASN F 130 24.44 30.30 36.21
CA ASN F 130 23.42 30.83 37.10
C ASN F 130 22.01 30.66 36.55
N ALA F 131 21.86 30.04 35.38
CA ALA F 131 20.55 29.72 34.85
C ALA F 131 20.16 28.28 35.15
N CYS F 132 21.02 27.51 35.80
CA CYS F 132 20.76 26.10 36.05
C CYS F 132 21.07 25.76 37.51
N LYS F 133 20.53 26.56 38.44
CA LYS F 133 20.78 26.36 39.86
C LYS F 133 20.32 24.99 40.33
N ARG F 134 21.28 24.21 40.85
CA ARG F 134 21.02 22.94 41.51
C ARG F 134 21.25 23.16 43.00
N GLY F 135 20.17 23.56 43.68
CA GLY F 135 20.21 23.92 45.09
C GLY F 135 20.27 25.43 45.28
N PRO F 136 21.12 25.88 46.21
CA PRO F 136 21.29 27.32 46.40
C PRO F 136 22.39 27.97 45.57
N GLY F 137 23.23 27.19 44.89
CA GLY F 137 24.32 27.72 44.11
C GLY F 137 24.15 27.41 42.62
N SER F 138 25.13 27.86 41.86
CA SER F 138 25.11 27.65 40.41
C SER F 138 25.32 26.17 40.11
N GLY F 139 24.90 25.78 38.91
CA GLY F 139 25.01 24.39 38.51
C GLY F 139 25.01 24.23 37.01
N PHE F 140 24.84 22.98 36.58
CA PHE F 140 24.84 22.62 35.18
C PHE F 140 24.16 21.27 35.03
N PHE F 141 24.13 20.75 33.81
CA PHE F 141 23.69 19.37 33.59
C PHE F 141 24.59 18.40 34.35
N SER F 142 24.00 17.31 34.79
CA SER F 142 24.72 16.34 35.63
C SER F 142 25.45 15.29 34.82
N ARG F 143 25.23 15.21 33.50
CA ARG F 143 25.87 14.24 32.65
C ARG F 143 26.91 14.86 31.72
N LEU F 144 27.16 16.16 31.83
CA LEU F 144 28.09 16.86 30.96
C LEU F 144 29.09 17.64 31.78
N ASN F 145 30.21 17.99 31.14
CA ASN F 145 31.34 18.62 31.80
C ASN F 145 31.75 19.84 30.99
N TRP F 146 31.64 21.03 31.58
CA TRP F 146 31.96 22.28 30.89
C TRP F 146 33.39 22.66 31.23
N LEU F 147 34.29 22.51 30.26
CA LEU F 147 35.71 22.80 30.44
C LEU F 147 36.04 24.19 29.91
N THR F 148 36.82 24.93 30.69
CA THR F 148 37.28 26.27 30.33
C THR F 148 38.79 26.34 30.56
N LYS F 149 39.36 27.51 30.25
CA LYS F 149 40.80 27.66 30.34
C LYS F 149 41.27 27.62 31.79
N SER F 150 42.49 27.14 31.99
CA SER F 150 43.08 26.97 33.31
C SER F 150 44.17 28.02 33.49
N GLY F 151 43.78 29.16 34.07
CA GLY F 151 44.70 30.25 34.32
C GLY F 151 44.90 31.18 33.14
N SER F 152 45.71 30.77 32.17
CA SER F 152 46.00 31.64 31.03
C SER F 152 46.11 30.91 29.70
N THR F 153 45.86 29.60 29.64
CA THR F 153 46.03 28.84 28.42
C THR F 153 44.95 27.77 28.32
N TYR F 154 44.76 27.26 27.11
CA TYR F 154 43.80 26.20 26.83
C TYR F 154 44.45 25.28 25.81
N PRO F 155 45.08 24.20 26.26
CA PRO F 155 45.82 23.32 25.33
C PRO F 155 44.89 22.52 24.43
N VAL F 156 45.47 21.79 23.49
CA VAL F 156 44.69 20.98 22.56
C VAL F 156 44.36 19.65 23.24
N LEU F 157 43.09 19.48 23.59
CA LEU F 157 42.58 18.21 24.18
C LEU F 157 42.69 17.08 23.15
N ASN F 158 43.01 15.86 23.62
CA ASN F 158 43.16 14.69 22.71
C ASN F 158 42.95 13.42 23.54
N VAL F 159 41.70 13.08 23.85
CA VAL F 159 41.42 11.89 24.72
C VAL F 159 41.05 10.69 23.86
N THR F 160 41.25 9.48 24.40
CA THR F 160 40.86 8.23 23.78
C THR F 160 40.08 7.37 24.76
N MET F 161 39.23 6.50 24.21
CA MET F 161 38.43 5.58 25.00
C MET F 161 38.09 4.33 24.20
N PRO F 162 38.59 3.16 24.60
CA PRO F 162 38.31 1.93 23.87
C PRO F 162 37.07 1.23 24.42
N ASN F 163 36.48 0.40 23.56
CA ASN F 163 35.29 -0.37 23.91
C ASN F 163 35.66 -1.84 23.91
N ASN F 164 35.87 -2.40 25.10
CA ASN F 164 36.22 -3.82 25.24
C ASN F 164 35.05 -4.67 25.66
N ASP F 165 33.87 -4.10 25.87
CA ASP F 165 32.71 -4.85 26.32
C ASP F 165 32.05 -5.54 25.12
N ASN F 166 30.84 -6.06 25.31
CA ASN F 166 30.11 -6.74 24.25
C ASN F 166 28.74 -6.10 24.00
N PHE F 167 28.64 -4.80 24.22
CA PHE F 167 27.44 -4.04 23.91
C PHE F 167 27.82 -2.70 23.32
N ASP F 168 26.83 -2.01 22.78
CA ASP F 168 27.07 -0.69 22.20
C ASP F 168 27.04 0.38 23.27
N LYS F 169 27.80 1.45 23.04
CA LYS F 169 27.89 2.56 23.97
C LYS F 169 27.43 3.85 23.29
N LEU F 170 26.62 4.62 24.01
CA LEU F 170 26.09 5.89 23.51
C LEU F 170 26.73 7.03 24.28
N TYR F 171 27.45 7.89 23.57
CA TYR F 171 28.10 9.06 24.16
C TYR F 171 27.36 10.31 23.74
N ILE F 172 27.10 11.21 24.68
CA ILE F 172 26.41 12.47 24.43
C ILE F 172 27.38 13.60 24.76
N TRP F 173 27.65 14.46 23.78
CA TRP F 173 28.55 15.59 23.95
C TRP F 173 27.89 16.83 23.35
N GLY F 174 28.60 17.95 23.42
CA GLY F 174 28.03 19.18 22.90
C GLY F 174 29.11 20.20 22.59
N ILE F 175 28.65 21.32 22.04
CA ILE F 175 29.51 22.45 21.71
C ILE F 175 28.83 23.74 22.17
N HIS F 176 29.63 24.70 22.60
CA HIS F 176 29.14 25.93 23.20
C HIS F 176 29.26 27.08 22.20
N HIS F 177 28.13 27.70 21.88
CA HIS F 177 28.12 28.87 21.01
C HIS F 177 28.06 30.12 21.86
N PRO F 178 29.13 30.91 21.93
CA PRO F 178 29.12 32.11 22.77
C PRO F 178 28.30 33.25 22.19
N SER F 179 28.24 34.37 22.90
CA SER F 179 27.42 35.51 22.52
C SER F 179 28.20 36.62 21.83
N THR F 180 29.37 36.96 22.36
CA THR F 180 30.21 38.01 21.80
C THR F 180 31.60 37.45 21.49
N ASN F 181 32.44 38.28 20.89
CA ASN F 181 33.82 37.89 20.61
C ASN F 181 34.76 38.16 21.77
N GLN F 182 34.26 38.75 22.86
CA GLN F 182 35.05 38.98 24.06
C GLN F 182 34.96 37.82 25.04
N GLU F 183 33.78 37.21 25.17
CA GLU F 183 33.62 36.08 26.07
C GLU F 183 34.17 34.79 25.49
N GLN F 184 34.41 34.74 24.18
CA GLN F 184 35.09 33.60 23.59
C GLN F 184 36.53 33.51 24.07
N THR F 185 37.29 34.61 23.94
CA THR F 185 38.69 34.63 24.33
C THR F 185 38.90 34.72 25.83
N SER F 186 37.85 34.96 26.61
CA SER F 186 37.98 34.97 28.07
C SER F 186 37.72 33.62 28.68
N LEU F 187 37.18 32.67 27.92
CA LEU F 187 36.97 31.30 28.35
C LEU F 187 37.87 30.31 27.63
N TYR F 188 38.15 30.55 26.35
CA TYR F 188 39.06 29.73 25.56
C TYR F 188 39.97 30.69 24.80
N VAL F 189 41.26 30.71 25.14
CA VAL F 189 42.16 31.75 24.65
C VAL F 189 42.22 31.81 23.12
N GLN F 190 41.83 30.74 22.44
CA GLN F 190 41.85 30.72 20.99
C GLN F 190 40.67 31.50 20.43
N ALA F 191 40.90 32.20 19.32
CA ALA F 191 39.86 33.03 18.71
C ALA F 191 38.87 32.22 17.88
N SER F 192 39.05 30.90 17.80
CA SER F 192 38.12 30.03 17.08
C SER F 192 38.25 28.62 17.62
N GLY F 193 37.10 27.96 17.85
CA GLY F 193 37.07 26.63 18.39
C GLY F 193 36.70 25.59 17.34
N ARG F 194 36.85 24.33 17.74
CA ARG F 194 36.61 23.19 16.87
C ARG F 194 36.60 21.92 17.70
N VAL F 195 35.64 21.04 17.43
CA VAL F 195 35.50 19.79 18.16
C VAL F 195 35.40 18.65 17.15
N THR F 196 36.27 17.65 17.28
CA THR F 196 36.27 16.47 16.43
C THR F 196 36.08 15.24 17.29
N VAL F 197 35.10 14.42 16.94
CA VAL F 197 34.85 13.14 17.63
C VAL F 197 34.82 12.06 16.57
N SER F 198 35.68 11.05 16.71
CA SER F 198 35.90 10.09 15.64
C SER F 198 35.94 8.67 16.16
N THR F 199 35.35 7.76 15.41
CA THR F 199 35.53 6.33 15.58
C THR F 199 36.32 5.79 14.39
N ARG F 200 36.48 4.47 14.33
CA ARG F 200 37.23 3.86 13.24
C ARG F 200 36.49 3.92 11.92
N ARG F 201 35.23 4.35 11.90
CA ARG F 201 34.44 4.33 10.69
C ARG F 201 33.64 5.62 10.44
N SER F 202 33.68 6.58 11.35
CA SER F 202 32.93 7.82 11.17
C SER F 202 33.68 8.95 11.89
N GLN F 203 33.22 10.17 11.66
CA GLN F 203 33.83 11.35 12.25
C GLN F 203 32.83 12.49 12.20
N GLN F 204 32.86 13.34 13.24
CA GLN F 204 32.02 14.53 13.31
C GLN F 204 32.88 15.69 13.77
N THR F 205 32.90 16.77 12.99
CA THR F 205 33.63 17.98 13.33
C THR F 205 32.67 19.16 13.34
N ILE F 206 32.65 19.89 14.45
CA ILE F 206 31.74 21.02 14.64
C ILE F 206 32.56 22.25 14.99
N ILE F 207 32.13 23.41 14.50
CA ILE F 207 32.82 24.70 14.80
C ILE F 207 31.79 25.70 15.36
N PRO F 208 32.09 26.36 16.51
CA PRO F 208 31.14 27.31 17.13
C PRO F 208 30.83 28.53 16.26
N ASN F 209 29.60 29.04 16.39
CA ASN F 209 29.09 30.16 15.61
C ASN F 209 28.83 31.31 16.57
N ILE F 210 29.75 32.27 16.62
CA ILE F 210 29.60 33.42 17.50
C ILE F 210 28.53 34.35 16.96
N GLY F 211 27.65 34.80 17.84
CA GLY F 211 26.56 35.67 17.47
C GLY F 211 25.63 35.88 18.64
N SER F 212 24.65 36.76 18.43
CA SER F 212 23.66 37.05 19.45
C SER F 212 22.36 36.31 19.16
N ARG F 213 21.68 35.90 20.22
CA ARG F 213 20.43 35.18 20.18
C ARG F 213 19.41 35.86 21.07
N PRO F 214 18.13 35.51 20.96
CA PRO F 214 17.15 36.01 21.92
C PRO F 214 17.47 35.58 23.34
N TRP F 215 17.14 36.44 24.29
CA TRP F 215 17.39 36.15 25.70
C TRP F 215 16.44 35.04 26.17
N VAL F 216 17.02 33.96 26.70
CA VAL F 216 16.25 32.86 27.26
C VAL F 216 16.77 32.59 28.66
N ARG F 217 15.98 32.94 29.67
CA ARG F 217 16.33 32.77 31.09
C ARG F 217 17.55 33.58 31.50
N GLY F 218 17.89 34.62 30.74
CA GLY F 218 18.99 35.49 31.11
C GLY F 218 20.27 35.28 30.35
N LEU F 219 20.25 34.51 29.27
CA LEU F 219 21.44 34.18 28.51
C LEU F 219 21.16 34.33 27.02
N SER F 220 22.19 34.70 26.27
CA SER F 220 22.11 34.73 24.81
C SER F 220 23.12 33.78 24.15
N SER F 221 23.78 32.93 24.93
CA SER F 221 24.62 31.88 24.38
C SER F 221 23.78 30.62 24.19
N ARG F 222 24.36 29.62 23.51
CA ARG F 222 23.64 28.38 23.25
C ARG F 222 24.56 27.19 23.40
N ILE F 223 23.95 26.01 23.42
CA ILE F 223 24.66 24.73 23.41
C ILE F 223 24.01 23.84 22.36
N SER F 224 24.84 23.21 21.52
CA SER F 224 24.36 22.23 20.56
C SER F 224 24.77 20.84 21.00
N ILE F 225 23.85 19.89 20.88
CA ILE F 225 24.01 18.55 21.44
C ILE F 225 24.18 17.54 20.32
N TYR F 226 25.22 16.73 20.40
CA TYR F 226 25.49 15.68 19.43
C TYR F 226 25.72 14.37 20.18
N TRP F 227 25.70 13.27 19.43
CA TRP F 227 25.85 11.94 20.03
C TRP F 227 26.65 11.05 19.10
N THR F 228 27.24 10.01 19.70
CA THR F 228 28.08 9.05 19.00
C THR F 228 27.76 7.67 19.54
N ILE F 229 27.89 6.66 18.67
CA ILE F 229 27.64 5.27 19.04
C ILE F 229 28.91 4.48 18.75
N VAL F 230 29.42 3.79 19.78
CA VAL F 230 30.63 2.99 19.68
C VAL F 230 30.23 1.52 19.79
N LYS F 231 30.58 0.74 18.78
CA LYS F 231 30.26 -0.68 18.71
C LYS F 231 31.41 -1.51 19.28
N PRO F 232 31.14 -2.75 19.68
CA PRO F 232 32.18 -3.55 20.33
C PRO F 232 33.36 -3.77 19.39
N GLY F 233 34.57 -3.53 19.92
CA GLY F 233 35.78 -3.62 19.12
C GLY F 233 36.24 -2.31 18.53
N ASP F 234 35.45 -1.24 18.66
CA ASP F 234 35.78 0.05 18.08
C ASP F 234 36.58 0.86 19.09
N VAL F 235 36.76 2.15 18.81
CA VAL F 235 37.50 3.08 19.67
C VAL F 235 36.95 4.47 19.42
N LEU F 236 37.03 5.34 20.44
CA LEU F 236 36.56 6.71 20.34
C LEU F 236 37.72 7.65 20.62
N VAL F 237 37.87 8.68 19.79
CA VAL F 237 38.90 9.69 19.98
C VAL F 237 38.24 11.06 19.95
N ILE F 238 38.58 11.91 20.92
CA ILE F 238 38.04 13.26 21.02
C ILE F 238 39.20 14.24 20.93
N ASN F 239 39.14 15.15 19.96
CA ASN F 239 40.14 16.18 19.75
C ASN F 239 39.46 17.54 19.79
N SER F 240 40.10 18.51 20.44
CA SER F 240 39.46 19.82 20.57
C SER F 240 40.49 20.86 20.97
N ASN F 241 40.15 22.12 20.71
CA ASN F 241 40.94 23.26 21.17
C ASN F 241 40.05 24.40 21.63
N GLY F 242 38.88 24.09 22.14
CA GLY F 242 37.96 25.09 22.68
C GLY F 242 36.53 24.76 22.34
N ASN F 243 35.61 25.23 23.19
CA ASN F 243 34.17 25.08 22.97
C ASN F 243 33.76 23.62 22.95
N LEU F 244 34.09 22.92 24.04
CA LEU F 244 33.79 21.50 24.19
C LEU F 244 32.97 21.28 25.46
N ILE F 245 31.82 20.65 25.32
CA ILE F 245 31.04 20.17 26.46
C ILE F 245 31.27 18.66 26.52
N ALA F 246 32.25 18.26 27.33
CA ALA F 246 32.71 16.89 27.35
C ALA F 246 31.67 15.98 28.00
N PRO F 247 31.71 14.69 27.69
CA PRO F 247 30.86 13.72 28.39
C PRO F 247 31.52 13.24 29.69
N ARG F 248 30.70 12.57 30.50
CA ARG F 248 31.15 11.96 31.75
C ARG F 248 31.11 10.44 31.72
N GLY F 249 30.50 9.85 30.69
CA GLY F 249 30.37 8.41 30.61
C GLY F 249 29.54 8.02 29.41
N TYR F 250 28.87 6.88 29.51
CA TYR F 250 28.08 6.37 28.41
C TYR F 250 26.78 5.78 28.91
N PHE F 251 25.77 5.83 28.05
CA PHE F 251 24.51 5.13 28.30
C PHE F 251 24.57 3.75 27.66
N LYS F 252 23.95 2.77 28.32
CA LYS F 252 23.88 1.43 27.77
C LYS F 252 22.71 1.34 26.80
N MET F 253 22.97 0.76 25.63
CA MET F 253 21.97 0.69 24.56
C MET F 253 21.42 -0.72 24.49
N ARG F 254 20.10 -0.84 24.51
CA ARG F 254 19.41 -2.12 24.47
C ARG F 254 18.47 -2.13 23.28
N THR F 255 17.90 -3.31 23.01
CA THR F 255 16.89 -3.47 21.97
C THR F 255 15.73 -4.27 22.52
N GLY F 256 14.51 -3.80 22.29
CA GLY F 256 13.34 -4.50 22.76
C GLY F 256 12.04 -3.85 22.34
N LYS F 257 11.04 -3.91 23.21
CA LYS F 257 9.74 -3.27 23.00
C LYS F 257 9.59 -2.10 23.97
N SER F 258 9.74 -0.89 23.44
CA SER F 258 9.59 0.34 24.21
C SER F 258 9.27 1.47 23.24
N SER F 259 8.59 2.49 23.74
CA SER F 259 8.17 3.61 22.90
C SER F 259 7.81 4.79 23.80
N ILE F 260 7.25 5.83 23.19
CA ILE F 260 6.91 7.07 23.87
C ILE F 260 5.58 7.58 23.31
N MET F 261 4.83 8.31 24.14
CA MET F 261 3.48 8.72 23.77
C MET F 261 3.12 10.00 24.51
N ARG F 262 2.60 10.98 23.77
CA ARG F 262 2.14 12.23 24.33
C ARG F 262 0.67 12.10 24.73
N SER F 263 0.38 12.29 26.01
CA SER F 263 -0.97 12.12 26.51
C SER F 263 -1.12 12.85 27.84
N ASP F 264 -2.31 13.37 28.09
CA ASP F 264 -2.62 14.08 29.33
C ASP F 264 -3.67 13.34 30.14
N ALA F 265 -3.67 12.01 30.08
CA ALA F 265 -4.61 11.20 30.82
C ALA F 265 -3.97 10.65 32.10
N PRO F 266 -4.72 10.60 33.20
CA PRO F 266 -4.16 10.08 34.45
C PRO F 266 -3.89 8.58 34.37
N ILE F 267 -3.24 8.06 35.40
CA ILE F 267 -2.83 6.67 35.48
C ILE F 267 -3.50 6.01 36.68
N ASP F 268 -4.14 4.87 36.44
CA ASP F 268 -4.81 4.09 37.47
C ASP F 268 -4.20 2.69 37.54
N THR F 269 -4.81 1.83 38.33
CA THR F 269 -4.29 0.50 38.64
C THR F 269 -5.19 -0.60 38.09
N CYS F 270 -5.70 -0.41 36.88
CA CYS F 270 -6.50 -1.44 36.21
C CYS F 270 -5.57 -2.34 35.40
N ILE F 271 -6.15 -3.16 34.52
CA ILE F 271 -5.38 -4.09 33.69
C ILE F 271 -5.90 -3.99 32.26
N SER F 272 -5.01 -3.67 31.33
CA SER F 272 -5.38 -3.60 29.92
C SER F 272 -4.11 -3.75 29.08
N GLU F 273 -4.27 -4.36 27.90
CA GLU F 273 -3.17 -4.66 27.01
C GLU F 273 -2.98 -3.63 25.89
N CYS F 274 -3.91 -2.70 25.73
CA CYS F 274 -3.82 -1.67 24.70
C CYS F 274 -3.87 -0.30 25.35
N ILE F 275 -3.10 0.65 24.81
CA ILE F 275 -3.01 2.00 25.35
C ILE F 275 -3.06 3.00 24.19
N THR F 276 -4.01 3.92 24.25
CA THR F 276 -4.13 5.02 23.31
C THR F 276 -3.97 6.35 24.06
N PRO F 277 -3.63 7.44 23.35
CA PRO F 277 -3.51 8.75 24.02
C PRO F 277 -4.77 9.21 24.73
N ASN F 278 -5.91 8.53 24.53
CA ASN F 278 -7.13 8.85 25.27
C ASN F 278 -7.27 8.02 26.56
N GLY F 279 -6.44 7.00 26.74
CA GLY F 279 -6.57 6.04 27.81
C GLY F 279 -6.52 4.64 27.27
N SER F 280 -6.76 3.68 28.15
CA SER F 280 -6.76 2.27 27.76
C SER F 280 -8.11 1.91 27.17
N ILE F 281 -8.08 1.09 26.11
CA ILE F 281 -9.30 0.62 25.47
C ILE F 281 -9.28 -0.91 25.44
N PRO F 282 -10.41 -1.57 25.66
CA PRO F 282 -10.45 -3.03 25.51
C PRO F 282 -10.17 -3.45 24.07
N ASN F 283 -9.81 -4.72 23.93
CA ASN F 283 -9.39 -5.30 22.66
C ASN F 283 -10.13 -6.60 22.40
N ASP F 284 -11.45 -6.57 22.57
CA ASP F 284 -12.26 -7.73 22.23
C ASP F 284 -12.73 -7.70 20.79
N LYS F 285 -12.78 -6.52 20.17
CA LYS F 285 -13.23 -6.26 18.81
C LYS F 285 -12.02 -6.08 17.87
N PRO F 286 -12.17 -6.40 16.58
CA PRO F 286 -11.00 -6.32 15.68
C PRO F 286 -10.66 -4.91 15.26
N PHE F 287 -11.61 -3.97 15.33
CA PHE F 287 -11.44 -2.62 14.82
C PHE F 287 -11.75 -1.61 15.92
N GLN F 288 -11.27 -0.39 15.73
CA GLN F 288 -11.43 0.67 16.71
C GLN F 288 -11.48 2.00 15.98
N ASN F 289 -12.20 2.96 16.55
CA ASN F 289 -12.34 4.30 15.97
C ASN F 289 -12.12 5.36 17.05
N VAL F 290 -11.02 5.25 17.78
CA VAL F 290 -10.69 6.17 18.86
C VAL F 290 -9.45 7.00 18.53
N ASN F 291 -8.32 6.35 18.28
CA ASN F 291 -7.09 7.04 17.93
C ASN F 291 -6.26 6.14 17.04
N LYS F 292 -5.50 6.76 16.14
CA LYS F 292 -4.59 6.03 15.26
C LYS F 292 -3.21 5.83 15.85
N ILE F 293 -2.96 6.37 17.04
CA ILE F 293 -1.72 6.13 17.78
C ILE F 293 -2.03 5.13 18.89
N THR F 294 -1.32 4.00 18.90
CA THR F 294 -1.66 2.90 19.77
C THR F 294 -0.39 2.18 20.21
N TYR F 295 -0.47 1.57 21.39
CA TYR F 295 0.64 0.77 21.92
C TYR F 295 0.06 -0.52 22.47
N GLY F 296 0.67 -1.64 22.11
CA GLY F 296 0.26 -2.93 22.61
C GLY F 296 -0.45 -3.74 21.53
N ALA F 297 -1.29 -4.67 21.99
CA ALA F 297 -2.10 -5.48 21.08
C ALA F 297 -3.41 -4.72 20.85
N CYS F 298 -3.34 -3.76 19.91
CA CYS F 298 -4.51 -2.92 19.75
C CYS F 298 -5.26 -3.23 18.45
N PRO F 299 -6.59 -3.07 18.45
CA PRO F 299 -7.35 -3.15 17.20
C PRO F 299 -6.94 -2.07 16.21
N LYS F 300 -7.34 -2.26 14.96
CA LYS F 300 -6.98 -1.34 13.88
C LYS F 300 -7.92 -0.16 13.80
N TYR F 301 -7.37 1.00 13.45
CA TYR F 301 -8.13 2.23 13.35
C TYR F 301 -8.82 2.30 11.99
N VAL F 302 -10.15 2.40 12.00
CA VAL F 302 -10.95 2.51 10.79
C VAL F 302 -11.63 3.88 10.81
N LYS F 303 -12.19 4.27 9.66
CA LYS F 303 -12.87 5.54 9.57
C LYS F 303 -14.36 5.44 9.87
N GLN F 304 -14.90 4.22 9.76
CA GLN F 304 -16.35 4.01 9.95
C GLN F 304 -16.61 3.69 11.42
N ASN F 305 -17.52 4.44 12.06
CA ASN F 305 -17.89 4.13 13.46
C ASN F 305 -18.90 2.98 13.44
N THR F 306 -19.65 2.85 12.34
CA THR F 306 -20.64 1.75 12.18
C THR F 306 -20.18 0.79 11.08
N LEU F 307 -20.25 -0.51 11.34
CA LEU F 307 -19.83 -1.54 10.34
C LEU F 307 -20.38 -2.89 10.80
N LYS F 308 -21.50 -3.34 10.24
CA LYS F 308 -22.24 -4.41 10.90
C LYS F 308 -22.18 -5.68 10.06
N LEU F 309 -21.91 -6.80 10.72
CA LEU F 309 -21.82 -8.10 10.09
C LEU F 309 -23.02 -8.93 10.52
N ALA F 310 -23.71 -9.54 9.56
CA ALA F 310 -24.92 -10.30 9.86
C ALA F 310 -24.56 -11.67 10.42
N THR F 311 -25.21 -12.04 11.53
CA THR F 311 -25.06 -13.35 12.13
C THR F 311 -26.39 -14.08 12.23
N GLY F 312 -27.32 -13.78 11.32
CA GLY F 312 -28.61 -14.44 11.32
C GLY F 312 -29.22 -14.39 9.94
N MET F 313 -30.42 -14.94 9.83
CA MET F 313 -31.13 -14.97 8.56
C MET F 313 -31.89 -13.66 8.34
N ARG F 314 -32.63 -13.59 7.24
CA ARG F 314 -33.41 -12.41 6.94
C ARG F 314 -34.65 -12.35 7.82
N ASN F 315 -35.12 -11.13 8.06
CA ASN F 315 -36.22 -10.86 8.99
C ASN F 315 -37.46 -10.55 8.17
N VAL F 316 -38.42 -11.46 8.18
CA VAL F 316 -39.72 -11.28 7.54
C VAL F 316 -40.80 -11.42 8.60
N PRO F 317 -41.26 -10.31 9.17
CA PRO F 317 -42.27 -10.37 10.24
C PRO F 317 -43.65 -10.63 9.67
N GLU F 318 -44.59 -10.86 10.58
CA GLU F 318 -46.00 -11.05 10.22
C GLU F 318 -46.55 -9.87 9.43
C1 NAG G . 39.26 30.04 -16.04
C2 NAG G . 39.52 31.38 -16.72
C3 NAG G . 38.20 32.11 -16.91
C4 NAG G . 37.26 31.21 -17.71
C5 NAG G . 37.10 29.88 -16.98
C6 NAG G . 36.16 28.94 -17.73
C7 NAG G . 40.61 33.47 -16.13
C8 NAG G . 39.93 34.38 -15.16
N2 NAG G . 40.44 32.17 -15.92
O3 NAG G . 38.42 33.33 -17.63
O4 NAG G . 35.99 31.85 -17.76
O5 NAG G . 38.37 29.25 -16.80
O6 NAG G . 36.68 28.71 -19.06
O7 NAG G . 41.29 33.89 -17.06
C1 NAG G . 35.78 32.44 -19.06
C2 NAG G . 34.36 32.15 -19.45
C3 NAG G . 34.01 32.75 -20.80
C4 NAG G . 34.27 34.25 -20.73
C5 NAG G . 35.70 34.47 -20.27
C6 NAG G . 35.99 35.95 -20.17
C7 NAG G . 32.98 30.20 -19.73
C8 NAG G . 32.95 28.76 -20.09
N2 NAG G . 34.18 30.73 -19.55
O3 NAG G . 32.63 32.51 -21.06
O4 NAG G . 34.18 34.81 -22.04
O5 NAG G . 35.98 33.85 -19.02
O6 NAG G . 35.76 36.55 -21.45
O7 NAG G . 31.97 30.89 -19.62
C1 BMA G . 32.85 35.22 -22.35
C2 BMA G . 32.94 36.51 -23.17
C3 BMA G . 31.57 36.95 -23.62
C4 BMA G . 30.94 35.82 -24.40
C5 BMA G . 30.90 34.56 -23.56
C6 BMA G . 30.33 33.40 -24.37
O2 BMA G . 33.75 36.26 -24.32
O3 BMA G . 31.69 38.10 -24.46
O4 BMA G . 29.61 36.17 -24.80
O5 BMA G . 32.21 34.21 -23.13
O6 BMA G . 30.85 33.46 -25.71
C1 NAG H . 18.33 -17.82 2.09
C2 NAG H . 17.76 -18.78 3.15
C3 NAG H . 17.30 -18.01 4.38
C4 NAG H . 18.40 -17.09 4.90
C5 NAG H . 18.90 -16.20 3.77
C6 NAG H . 20.06 -15.33 4.18
C7 NAG H . 16.86 -20.81 2.10
C8 NAG H . 15.62 -21.49 1.59
N2 NAG H . 16.68 -19.58 2.61
O3 NAG H . 16.90 -18.92 5.40
O4 NAG H . 17.92 -16.30 5.97
O5 NAG H . 19.35 -17.00 2.68
O6 NAG H . 21.25 -16.08 4.36
O7 NAG H . 17.96 -21.35 2.07
C1 NAG H . 18.33 -16.45 7.27
C2 NAG H . 17.97 -15.28 8.19
C3 NAG H . 18.56 -15.51 9.57
C4 NAG H . 18.13 -16.86 10.12
C5 NAG H . 18.48 -17.96 9.12
C6 NAG H . 17.96 -19.32 9.54
C7 NAG H . 17.59 -13.08 7.16
C8 NAG H . 16.13 -13.40 7.22
N2 NAG H . 18.42 -14.02 7.63
O3 NAG H . 18.11 -14.48 10.45
O4 NAG H . 18.80 -17.12 11.35
O5 NAG H . 17.88 -17.67 7.85
O6 NAG H . 16.54 -19.35 9.56
O7 NAG H . 18.01 -12.03 6.69
C1 NAG I . -27.06 -44.76 -26.98
C2 NAG I . -26.53 -45.06 -28.38
C3 NAG I . -27.40 -46.11 -29.06
C4 NAG I . -27.55 -47.34 -28.18
C5 NAG I . -28.07 -46.93 -26.81
C6 NAG I . -28.17 -48.09 -25.84
C7 NAG I . -25.37 -43.07 -29.22
C8 NAG I . -25.46 -41.86 -30.10
N2 NAG I . -26.45 -43.85 -29.18
O3 NAG I . -26.82 -46.48 -30.31
O4 NAG I . -28.46 -48.26 -28.77
O5 NAG I . -27.17 -45.97 -26.22
O6 NAG I . -29.42 -48.74 -25.93
O7 NAG I . -24.36 -43.32 -28.57
C1 NAG I . -28.71 -49.54 -29.20
C2 NAG I . -30.02 -50.27 -29.47
C3 NAG I . -29.76 -51.66 -30.01
C4 NAG I . -28.83 -51.60 -31.23
C5 NAG I . -27.57 -50.83 -30.87
C6 NAG I . -26.66 -50.62 -32.07
C7 NAG I . -31.73 -49.38 -27.95
C8 NAG I . -32.49 -49.61 -26.68
N2 NAG I . -30.85 -50.32 -28.28
O3 NAG I . -31.00 -52.27 -30.39
O4 NAG I . -28.48 -52.92 -31.64
O5 NAG I . -27.91 -49.52 -30.39
O6 NAG I . -27.38 -50.59 -33.28
O7 NAG I . -31.91 -48.39 -28.65
C1 NAG J . -38.52 -41.22 16.44
C2 NAG J . -38.06 -42.07 17.62
C3 NAG J . -39.02 -43.22 17.86
C4 NAG J . -40.45 -42.70 17.99
C5 NAG J . -40.81 -41.87 16.77
C6 NAG J . -42.18 -41.24 16.87
C7 NAG J . -35.62 -41.89 17.81
C8 NAG J . -34.30 -42.55 17.51
N2 NAG J . -36.71 -42.57 17.42
O3 NAG J . -38.65 -43.92 19.05
O4 NAG J . -41.35 -43.79 18.09
O5 NAG J . -39.86 -40.79 16.64
O6 NAG J . -43.18 -42.11 16.34
O7 NAG J . -35.68 -40.80 18.35
C1 NAG J . -42.38 -44.39 18.78
C2 NAG J . -43.40 -45.45 18.34
C3 NAG J . -44.28 -45.86 19.52
C4 NAG J . -43.43 -46.29 20.71
C5 NAG J . -42.41 -45.20 21.04
C6 NAG J . -41.46 -45.60 22.15
C7 NAG J . -43.86 -45.15 15.96
C8 NAG J . -44.80 -44.58 14.93
N2 NAG J . -44.20 -44.96 17.23
O3 NAG J . -45.13 -46.92 19.12
O4 NAG J . -44.26 -46.53 21.83
O5 NAG J . -41.62 -44.90 19.89
O6 NAG J . -41.26 -47.01 22.17
O7 NAG J . -42.82 -45.72 15.62
C1 NAG K . -55.86 -12.93 -13.83
C2 NAG K . -56.85 -11.78 -13.60
C3 NAG K . -58.28 -12.26 -13.79
C4 NAG K . -58.44 -12.93 -15.16
C5 NAG K . -57.41 -14.06 -15.30
C6 NAG K . -57.43 -14.71 -16.65
C7 NAG K . -55.83 -10.22 -12.02
C8 NAG K . -55.79 -9.74 -10.59
N2 NAG K . -56.68 -11.22 -12.27
O3 NAG K . -59.17 -11.15 -13.70
O4 NAG K . -59.75 -13.48 -15.29
O5 NAG K . -56.09 -13.52 -15.14
O6 NAG K . -58.36 -15.79 -16.68
O7 NAG K . -55.14 -9.70 -12.89
C1 NAG K . -60.90 -13.58 -16.02
C2 NAG K . -62.01 -14.61 -15.99
C3 NAG K . -63.13 -14.21 -16.96
C4 NAG K . -63.61 -12.80 -16.66
C5 NAG K . -62.43 -11.84 -16.66
C6 NAG K . -62.81 -10.43 -16.25
C7 NAG K . -61.04 -16.79 -15.41
C8 NAG K . -60.55 -18.11 -15.92
N2 NAG K . -61.50 -15.94 -16.32
O3 NAG K . -64.22 -15.13 -16.83
O4 NAG K . -64.55 -12.39 -17.65
O5 NAG K . -61.45 -12.28 -15.71
O6 NAG K . -63.94 -10.43 -15.38
O7 NAG K . -61.01 -16.51 -14.21
C1 NAG L . 19.70 43.74 17.25
C2 NAG L . 20.27 43.93 18.65
C3 NAG L . 19.63 42.93 19.60
C4 NAG L . 18.12 43.09 19.54
C5 NAG L . 17.63 42.92 18.11
C6 NAG L . 16.13 43.11 18.02
C7 NAG L . 22.52 44.78 18.80
C8 NAG L . 22.61 45.31 20.19
N2 NAG L . 21.70 43.76 18.63
O3 NAG L . 20.11 43.18 20.94
O4 NAG L . 17.50 42.11 20.38
O5 NAG L . 18.27 43.86 17.26
O6 NAG L . 15.74 44.29 18.73
O7 NAG L . 23.17 45.25 17.88
C1 NAG L . 16.96 42.80 21.53
C2 NAG L . 15.69 42.10 21.99
C3 NAG L . 15.09 42.84 23.18
C4 NAG L . 16.15 42.95 24.27
C5 NAG L . 17.40 43.61 23.72
C6 NAG L . 18.49 43.68 24.78
C7 NAG L . 14.43 40.91 20.30
C8 NAG L . 12.99 40.47 20.39
N2 NAG L . 14.72 42.05 20.91
O3 NAG L . 13.96 42.12 23.67
O4 NAG L . 15.64 43.74 25.35
O5 NAG L . 17.90 42.90 22.59
O6 NAG L . 18.28 44.83 25.61
O7 NAG L . 15.27 40.26 19.70
C1 BMA L . 15.49 42.88 26.50
C2 BMA L . 15.79 43.69 27.76
C3 BMA L . 15.64 42.80 28.98
C4 BMA L . 14.24 42.17 28.99
C5 BMA L . 14.01 41.43 27.67
C6 BMA L . 12.60 40.85 27.63
O2 BMA L . 14.88 44.78 27.85
O3 BMA L . 15.82 43.57 30.17
O4 BMA L . 14.12 41.27 30.08
O5 BMA L . 14.19 42.31 26.56
O6 BMA L . 11.64 41.88 27.87
C1 NAG M . -1.75 12.78 -21.97
C2 NAG M . -1.75 11.67 -23.04
C3 NAG M . -0.59 10.71 -22.80
C4 NAG M . 0.72 11.46 -22.69
C5 NAG M . 0.61 12.54 -21.62
C6 NAG M . 1.86 13.39 -21.52
C7 NAG M . -4.02 11.26 -23.89
C8 NAG M . -5.25 10.42 -23.76
N2 NAG M . -3.01 10.96 -23.05
O3 NAG M . -0.53 9.77 -23.87
O4 NAG M . 1.78 10.56 -22.35
O5 NAG M . -0.46 13.42 -21.94
O6 NAG M . 2.00 14.25 -22.64
O7 NAG M . -3.92 12.17 -24.71
C1 NAG M . 2.79 10.23 -23.22
C2 NAG M . 3.98 9.55 -22.55
C3 NAG M . 5.08 9.31 -23.58
C4 NAG M . 4.54 8.55 -24.79
C5 NAG M . 3.32 9.27 -25.35
C6 NAG M . 2.65 8.50 -26.47
C7 NAG M . 4.36 9.95 -20.16
C8 NAG M . 3.67 8.63 -19.93
N2 NAG M . 4.48 10.34 -21.44
O3 NAG M . 6.15 8.57 -22.98
O4 NAG M . 5.54 8.47 -25.80
O5 NAG M . 2.33 9.44 -24.32
O6 NAG M . 2.10 7.27 -26.00
O7 NAG M . 4.79 10.63 -19.24
C1 NAG N . 45.96 11.93 19.90
C2 NAG N . 47.42 11.80 19.50
C3 NAG N . 47.58 10.83 18.35
C4 NAG N . 46.94 9.51 18.70
C5 NAG N . 45.51 9.72 19.15
C6 NAG N . 44.87 8.42 19.62
C7 NAG N . 49.19 13.24 18.85
C8 NAG N . 49.54 13.41 17.41
N2 NAG N . 47.90 13.10 19.11
O3 NAG N . 48.98 10.61 18.13
O4 NAG N . 46.87 8.79 17.48
O5 NAG N . 45.41 10.67 20.21
O6 NAG N . 45.88 7.55 20.16
O7 NAG N . 50.03 13.21 19.74
C1 NAG N . 47.77 7.67 17.53
C2 NAG N . 47.11 6.49 16.85
C3 NAG N . 47.98 5.25 16.90
C4 NAG N . 49.32 5.58 16.27
C5 NAG N . 49.90 6.79 16.98
C6 NAG N . 51.23 7.16 16.37
C7 NAG N . 45.02 5.32 16.99
C8 NAG N . 43.91 4.90 17.90
N2 NAG N . 45.86 6.21 17.51
O3 NAG N . 47.33 4.22 16.15
O4 NAG N . 50.23 4.51 16.52
O5 NAG N . 49.02 7.92 16.93
O6 NAG N . 52.10 6.03 16.49
O7 NAG N . 45.16 4.88 15.86
C1 BMA N . 50.18 3.52 15.49
C2 BMA N . 51.61 3.02 15.27
C3 BMA N . 51.61 1.89 14.26
C4 BMA N . 50.69 0.79 14.76
C5 BMA N . 49.29 1.35 14.99
C6 BMA N . 48.39 0.28 15.56
O2 BMA N . 52.12 2.53 16.52
O3 BMA N . 52.94 1.37 14.13
O4 BMA N . 50.61 -0.27 13.80
O5 BMA N . 49.36 2.43 15.92
O6 BMA N . 49.12 -0.50 16.52
C1 NAG O . -9.28 10.72 21.39
C2 NAG O . -10.69 11.18 21.00
C3 NAG O . -10.66 11.97 19.69
C4 NAG O . -9.64 13.10 19.78
C5 NAG O . -8.28 12.54 20.18
C6 NAG O . -7.24 13.62 20.37
C7 NAG O . -12.39 9.64 21.88
C8 NAG O . -13.26 8.46 21.59
N2 NAG O . -11.59 10.04 20.89
O3 NAG O . -11.95 12.49 19.42
O4 NAG O . -9.53 13.75 18.52
O5 NAG O . -8.40 11.85 21.43
O6 NAG O . -7.49 14.38 21.55
O7 NAG O . -12.41 10.21 22.98
C1 NAG O . -9.96 15.03 18.30
C2 NAG O . -9.45 15.65 17.00
C3 NAG O . -9.90 17.11 16.90
C4 NAG O . -11.42 17.20 17.06
C5 NAG O . -11.87 16.49 18.34
C6 NAG O . -13.37 16.44 18.48
C7 NAG O . -7.35 14.79 16.07
C8 NAG O . -8.20 13.97 15.15
N2 NAG O . -8.00 15.57 16.94
O3 NAG O . -9.51 17.64 15.64
O4 NAG O . -11.82 18.56 17.11
O5 NAG O . -11.39 15.14 18.35
O6 NAG O . -13.96 15.63 17.47
O7 NAG O . -6.12 14.73 16.03
C1 NAG P . -3.91 -33.23 -8.47
C2 NAG P . -3.77 -34.54 -9.25
C3 NAG P . -2.42 -34.61 -9.94
C4 NAG P . -2.20 -33.36 -10.80
C5 NAG P . -2.41 -32.11 -9.97
C6 NAG P . -2.33 -30.84 -10.79
C7 NAG P . -4.56 -36.82 -8.75
C8 NAG P . -4.65 -37.89 -7.71
N2 NAG P . -3.95 -35.68 -8.37
O3 NAG P . -2.36 -35.78 -10.76
O4 NAG P . -0.88 -33.37 -11.33
O5 NAG P . -3.70 -32.12 -9.37
O6 NAG P . -3.12 -29.79 -10.22
O7 NAG P . -5.00 -36.95 -9.88
C1 NAG Q . 37.92 0.62 -22.65
C2 NAG Q . 39.37 0.45 -23.07
C3 NAG Q . 39.90 1.75 -23.67
C4 NAG Q . 39.00 2.17 -24.82
C5 NAG Q . 37.56 2.29 -24.34
C6 NAG Q . 36.65 2.65 -25.51
C7 NAG Q . 41.26 -0.68 -22.06
C8 NAG Q . 41.64 -1.47 -20.85
N2 NAG Q . 40.20 0.10 -21.93
O3 NAG Q . 41.23 1.52 -24.16
O4 NAG Q . 39.44 3.44 -25.32
O5 NAG Q . 37.13 1.06 -23.76
O6 NAG Q . 36.46 1.50 -26.35
O7 NAG Q . 41.90 -0.74 -23.10
C1 NAG R . -26.94 -1.73 -21.84
C2 NAG R . -28.21 -1.32 -22.58
C3 NAG R . -28.23 0.18 -22.82
C4 NAG R . -28.04 0.93 -21.50
C5 NAG R . -26.79 0.43 -20.79
C6 NAG R . -26.62 1.03 -19.41
C7 NAG R . -29.47 -2.45 -24.37
C8 NAG R . -29.39 -3.16 -25.68
N2 NAG R . -28.31 -2.04 -23.85
O3 NAG R . -29.46 0.56 -23.41
O4 NAG R . -27.91 2.33 -21.74
O5 NAG R . -26.86 -1.00 -20.60
O6 NAG R . -25.90 0.16 -18.55
O7 NAG R . -30.54 -2.25 -23.81
C1 NAG S . -1.61 43.84 -2.71
C2 NAG S . -1.46 45.29 -3.18
C3 NAG S . -0.96 46.16 -2.04
C4 NAG S . -1.88 46.03 -0.85
C5 NAG S . -2.01 44.56 -0.45
C6 NAG S . -3.00 44.41 0.70
C7 NAG S . -0.66 46.28 -5.24
C8 NAG S . -0.09 45.91 -6.58
N2 NAG S . -0.52 45.37 -4.28
O3 NAG S . -0.93 47.53 -2.48
O4 NAG S . -1.35 46.76 0.25
O5 NAG S . -2.47 43.78 -1.56
O6 NAG S . -4.35 44.59 0.22
O7 NAG S . -1.21 47.35 -5.04
C1 NAG T . -27.16 -11.95 18.30
C2 NAG T . -27.95 -12.61 19.43
C3 NAG T . -27.23 -12.40 20.76
C4 NAG T . -25.78 -12.87 20.68
C5 NAG T . -25.09 -12.21 19.48
C6 NAG T . -23.69 -12.74 19.25
C7 NAG T . -30.36 -12.84 19.82
C8 NAG T . -31.69 -12.14 19.84
N2 NAG T . -29.30 -12.09 19.49
O3 NAG T . -27.91 -13.11 21.79
O4 NAG T . -25.09 -12.53 21.87
O5 NAG T . -25.83 -12.47 18.28
O6 NAG T . -23.32 -12.64 17.89
O7 NAG T . -30.25 -14.03 20.10
C1 NAG U . 22.82 3.44 37.29
C2 NAG U . 23.39 3.93 38.61
C3 NAG U . 24.91 3.85 38.60
C4 NAG U . 25.34 2.44 38.26
C5 NAG U . 24.71 2.00 36.94
C6 NAG U . 25.08 0.55 36.63
C7 NAG U . 22.80 5.75 40.10
C8 NAG U . 21.84 6.90 40.22
N2 NAG U . 23.00 5.30 38.86
O3 NAG U . 25.41 4.20 39.90
O4 NAG U . 26.77 2.39 38.14
O5 NAG U . 23.29 2.12 37.00
O6 NAG U . 24.34 -0.34 37.48
O7 NAG U . 23.36 5.26 41.06
#